data_5ECO
#
_entry.id   5ECO
#
_cell.length_a   53.759
_cell.length_b   53.836
_cell.length_c   192.574
_cell.angle_alpha   90.070
_cell.angle_beta   89.960
_cell.angle_gamma   113.530
#
_symmetry.space_group_name_H-M   'P 1'
#
loop_
_entity.id
_entity.type
_entity.pdbx_description
1 polymer 'Jasmonic acid-amido synthetase JAR1'
2 polymer 'Glutathione S-transferase U20'
3 non-polymer '{(1R,2R)-3-oxo-2-[(2Z)-pent-2-en-1-yl]cyclopentyl}acetic acid'
4 non-polymer LEUCINE
5 non-polymer 'MAGNESIUM ION'
6 non-polymer GLUTATHIONE
7 water water
#
loop_
_entity_poly.entity_id
_entity_poly.type
_entity_poly.pdbx_seq_one_letter_code
_entity_poly.pdbx_strand_id
1 'polypeptide(L)'
;MLEKVETFDMNRVIDEFDEMTRNAHQVQKQTLKEILLKNQSAIYLQNCGLNGNATDPEEAFKSMVPLVTDVELEPYIKRM
VDGDTSPILTGHPVPAISLSSGTSQGRPKFIPFTDELMENTLQLFRTAFAFRNRDFPIDDNGKALQFIFSSKQYISTGGV
PVGTATTNVYRNPNFKAGMKSITSPSCSPDEVIFSPDVHQALYCHLLSGILFRDQVQYVFAVFAHGLVHAFRTFEQVWEE
IVTDIKDGVLSNRITVPSVRTAMSKLLTPNPELAETIRTKCMSLSNWYGLIPALFPNAKYVYGIMTGSMEPYVPKLRHYA
GDLPLVSHDYGSSEGWIAANVTPRLSPEEATFAVIPNLGYFEFLPVSETGEGEEKPVGLTQVKIGEEYEVVITNYAGLYR
YRLGDVVKVIGFYNNTPQLKFICRRNLILSINIDKNTERDLQLSVESAAKRLSEEKIEVIDFSSYIDVSTDPGHYAIFWE
ISGETNEDVLQDCCNCLDRAFIDAGYVSSRKCKTIGALELRVVAKGTFRKIQEHFLGLGSSAGQFKMPRCVKPSNAKVLQ
ILCENVVSSYFSTAF
;
A,D
2 'polypeptide(L)'
;HHHHHHMANLPILLDYWPSMFGMRARVALREKGVEFEYREEDFSNKSPLLLQSNPIHKKIPVLVHNGKPVCESLNVVQYV
DEAWPEKNPFFPSDPYGRAQARFWADFVDKKFTDAQFKVWGKKGEEQEAGKKEFIEAVKILESELGDKPYFGGDSFGYVD
ISLITFSSWFQAYEKFGNFSIESESPKLIAWAKRCMEKESVSKSLPDSEKIVAYAAEYRKNNL
;
B,C,E,F
#
loop_
_chem_comp.id
_chem_comp.type
_chem_comp.name
_chem_comp.formula
GSH non-polymer GLUTATHIONE 'C10 H17 N3 O6 S'
JAA non-polymer '{(1R,2R)-3-oxo-2-[(2Z)-pent-2-en-1-yl]cyclopentyl}acetic acid' 'C12 H18 O3'
MG non-polymer 'MAGNESIUM ION' 'Mg 2'
#
# COMPACT_ATOMS: atom_id res chain seq x y z
N THR A 7 -31.47 8.58 -38.75
CA THR A 7 -32.83 8.36 -39.21
C THR A 7 -33.46 9.68 -39.63
N PHE A 8 -34.11 9.69 -40.78
CA PHE A 8 -34.72 10.90 -41.31
C PHE A 8 -36.08 11.20 -40.70
N ASP A 9 -36.12 12.28 -39.92
CA ASP A 9 -37.33 12.77 -39.25
C ASP A 9 -37.53 14.24 -39.57
N MET A 10 -38.47 14.90 -38.90
CA MET A 10 -38.75 16.29 -39.22
C MET A 10 -38.19 17.34 -38.23
N ASN A 11 -38.73 17.38 -37.02
CA ASN A 11 -38.31 18.39 -36.03
C ASN A 11 -36.91 18.34 -35.42
N ARG A 12 -36.51 17.19 -34.92
CA ARG A 12 -35.24 17.05 -34.23
C ARG A 12 -34.03 17.42 -35.10
N VAL A 13 -34.07 16.99 -36.36
CA VAL A 13 -33.02 17.29 -37.32
C VAL A 13 -32.96 18.76 -37.74
N ILE A 14 -34.10 19.39 -37.99
CA ILE A 14 -34.11 20.80 -38.37
C ILE A 14 -33.65 21.65 -37.18
N ASP A 15 -33.92 21.15 -35.98
CA ASP A 15 -33.44 21.80 -34.76
C ASP A 15 -31.92 21.66 -34.70
N GLU A 16 -31.43 20.46 -35.03
CA GLU A 16 -30.00 20.21 -35.05
C GLU A 16 -29.30 21.03 -36.14
N PHE A 17 -29.95 21.21 -37.28
CA PHE A 17 -29.42 22.02 -38.36
C PHE A 17 -29.41 23.48 -37.95
N ASP A 18 -30.44 23.89 -37.22
CA ASP A 18 -30.53 25.26 -36.74
C ASP A 18 -29.35 25.51 -35.82
N GLU A 19 -29.14 24.57 -34.91
CA GLU A 19 -28.04 24.63 -33.97
C GLU A 19 -26.72 24.59 -34.73
N MET A 20 -26.70 23.80 -35.79
CA MET A 20 -25.54 23.61 -36.64
C MET A 20 -25.14 24.93 -37.30
N THR A 21 -26.15 25.68 -37.74
CA THR A 21 -25.93 26.96 -38.38
C THR A 21 -25.69 28.03 -37.33
N ARG A 22 -25.89 27.65 -36.06
CA ARG A 22 -25.62 28.56 -34.95
C ARG A 22 -24.23 28.23 -34.42
N ASN A 23 -23.89 26.94 -34.50
CA ASN A 23 -22.57 26.46 -34.11
C ASN A 23 -21.52 26.85 -35.13
N ALA A 24 -21.98 27.49 -36.21
CA ALA A 24 -21.20 27.77 -37.42
C ALA A 24 -19.70 27.93 -37.25
N HIS A 25 -19.26 28.83 -36.39
CA HIS A 25 -17.83 29.00 -36.17
C HIS A 25 -17.19 27.74 -35.60
N GLN A 26 -17.82 27.17 -34.56
CA GLN A 26 -17.30 25.97 -33.91
C GLN A 26 -17.24 24.76 -34.81
N VAL A 27 -18.35 24.48 -35.46
CA VAL A 27 -18.51 23.34 -36.35
C VAL A 27 -17.61 23.45 -37.58
N GLN A 28 -17.49 24.64 -38.15
CA GLN A 28 -16.62 24.84 -39.30
C GLN A 28 -15.19 24.56 -38.85
N LYS A 29 -14.89 25.05 -37.65
CA LYS A 29 -13.58 24.88 -37.04
C LYS A 29 -13.30 23.40 -36.82
N GLN A 30 -14.27 22.70 -36.24
CA GLN A 30 -14.19 21.27 -35.98
C GLN A 30 -14.08 20.51 -37.27
N THR A 31 -14.66 21.06 -38.33
CA THR A 31 -14.61 20.46 -39.65
C THR A 31 -13.18 20.49 -40.13
N LEU A 32 -12.52 21.63 -39.90
CA LEU A 32 -11.13 21.80 -40.28
C LEU A 32 -10.27 20.83 -39.50
N LYS A 33 -10.54 20.79 -38.19
CA LYS A 33 -9.81 19.91 -37.28
C LYS A 33 -10.04 18.46 -37.69
N GLU A 34 -11.25 18.14 -38.10
CA GLU A 34 -11.59 16.80 -38.53
C GLU A 34 -10.80 16.44 -39.78
N ILE A 35 -10.72 17.38 -40.71
CA ILE A 35 -9.99 17.16 -41.96
C ILE A 35 -8.49 16.96 -41.75
N LEU A 36 -7.87 17.82 -40.95
CA LEU A 36 -6.45 17.68 -40.65
C LEU A 36 -6.10 16.53 -39.71
N LEU A 37 -6.98 16.23 -38.76
CA LEU A 37 -6.77 15.09 -37.86
C LEU A 37 -6.91 13.83 -38.72
N LYS A 38 -7.89 13.82 -39.63
CA LYS A 38 -8.02 12.67 -40.52
C LYS A 38 -6.92 12.76 -41.57
N ASN A 39 -6.26 13.91 -41.67
CA ASN A 39 -5.20 14.08 -42.68
C ASN A 39 -3.98 14.90 -42.28
N GLN A 40 -3.18 14.40 -41.34
CA GLN A 40 -1.97 15.10 -40.98
C GLN A 40 -0.81 14.59 -41.84
N SER A 41 -1.12 13.60 -42.66
CA SER A 41 -0.10 12.95 -43.50
C SER A 41 0.12 13.46 -44.93
N ALA A 42 -0.70 14.38 -45.42
CA ALA A 42 -0.55 14.82 -46.81
C ALA A 42 0.83 15.41 -47.13
N ILE A 43 1.39 14.95 -48.25
CA ILE A 43 2.71 15.37 -48.71
C ILE A 43 2.77 16.88 -49.03
N TYR A 44 1.67 17.41 -49.55
CA TYR A 44 1.58 18.84 -49.85
C TYR A 44 1.62 19.64 -48.56
N LEU A 45 1.07 19.04 -47.52
CA LEU A 45 1.02 19.61 -46.18
C LEU A 45 2.41 19.62 -45.54
N GLN A 46 3.23 18.61 -45.87
CA GLN A 46 4.60 18.56 -45.37
C GLN A 46 5.37 19.75 -45.91
N ASN A 47 5.19 19.99 -47.21
CA ASN A 47 5.82 21.10 -47.88
C ASN A 47 5.17 22.41 -47.44
N CYS A 48 4.10 22.28 -46.66
CA CYS A 48 3.39 23.43 -46.09
C CYS A 48 3.79 23.61 -44.62
N GLY A 49 4.27 22.54 -43.98
CA GLY A 49 4.67 22.61 -42.58
C GLY A 49 3.61 22.33 -41.54
N LEU A 50 2.92 21.19 -41.68
CA LEU A 50 1.85 20.81 -40.76
C LEU A 50 2.20 19.62 -39.86
N ASN A 51 1.42 19.43 -38.80
CA ASN A 51 1.57 18.27 -37.90
C ASN A 51 0.34 18.02 -37.02
N GLY A 52 -0.68 18.85 -37.18
CA GLY A 52 -1.89 18.79 -36.38
C GLY A 52 -1.79 19.66 -35.13
N ASN A 53 -2.76 19.54 -34.23
CA ASN A 53 -2.73 20.26 -32.95
C ASN A 53 -2.37 21.74 -33.12
N ALA A 54 -1.34 22.16 -32.41
CA ALA A 54 -0.80 23.52 -32.43
C ALA A 54 -1.71 24.42 -31.63
N THR A 55 -1.19 25.56 -31.22
CA THR A 55 -2.01 26.52 -30.46
C THR A 55 -2.41 27.71 -31.29
N ASP A 56 -1.91 27.72 -32.52
CA ASP A 56 -2.26 28.72 -33.52
C ASP A 56 -2.56 27.92 -34.77
N PRO A 57 -3.48 26.94 -34.65
CA PRO A 57 -3.82 26.06 -35.78
C PRO A 57 -4.53 26.77 -36.92
N GLU A 58 -5.61 27.49 -36.65
CA GLU A 58 -6.30 28.23 -37.69
C GLU A 58 -5.40 29.30 -38.27
N GLU A 59 -4.64 29.97 -37.40
CA GLU A 59 -3.72 31.00 -37.84
C GLU A 59 -2.62 30.41 -38.70
N ALA A 60 -2.01 29.32 -38.25
CA ALA A 60 -0.95 28.66 -39.01
C ALA A 60 -1.45 28.09 -40.33
N PHE A 61 -2.67 27.58 -40.35
CA PHE A 61 -3.19 27.05 -41.61
C PHE A 61 -3.45 28.19 -42.58
N LYS A 62 -4.07 29.25 -42.10
CA LYS A 62 -4.37 30.38 -42.98
C LYS A 62 -3.14 31.20 -43.36
N SER A 63 -2.03 31.00 -42.67
CA SER A 63 -0.81 31.75 -42.97
C SER A 63 0.31 30.95 -43.64
N MET A 64 0.32 29.63 -43.47
CA MET A 64 1.39 28.80 -44.03
C MET A 64 1.07 27.95 -45.26
N VAL A 65 -0.16 27.44 -45.41
CA VAL A 65 -0.49 26.63 -46.60
C VAL A 65 -1.04 27.57 -47.68
N PRO A 66 -0.31 27.65 -48.82
CA PRO A 66 -0.63 28.54 -49.93
C PRO A 66 -1.85 28.15 -50.76
N LEU A 67 -2.26 29.08 -51.62
CA LEU A 67 -3.38 28.87 -52.54
C LEU A 67 -2.91 28.06 -53.74
N VAL A 68 -3.82 27.26 -54.30
CA VAL A 68 -3.47 26.40 -55.42
C VAL A 68 -4.54 26.45 -56.52
N THR A 69 -4.10 26.16 -57.74
CA THR A 69 -4.98 26.14 -58.89
C THR A 69 -5.21 24.72 -59.38
N ASP A 70 -6.03 24.59 -60.41
CA ASP A 70 -6.33 23.31 -61.01
C ASP A 70 -5.08 22.68 -61.60
N VAL A 71 -4.24 23.52 -62.21
CA VAL A 71 -3.00 23.07 -62.82
C VAL A 71 -2.07 22.39 -61.83
N GLU A 72 -1.92 23.02 -60.67
CA GLU A 72 -1.06 22.51 -59.59
C GLU A 72 -1.66 21.34 -58.79
N LEU A 73 -2.98 21.16 -58.83
CA LEU A 73 -3.59 20.04 -58.12
C LEU A 73 -3.70 18.86 -59.08
N GLU A 74 -3.45 19.11 -60.36
CA GLU A 74 -3.54 18.06 -61.36
C GLU A 74 -2.52 16.92 -61.15
N PRO A 75 -1.20 17.27 -61.02
CA PRO A 75 -0.19 16.21 -60.96
C PRO A 75 -0.33 15.20 -59.83
N TYR A 76 -0.66 15.67 -58.64
CA TYR A 76 -0.77 14.79 -57.47
C TYR A 76 -1.91 13.78 -57.52
N ILE A 77 -3.12 14.25 -57.77
CA ILE A 77 -4.25 13.35 -57.89
C ILE A 77 -4.01 12.45 -59.11
N LYS A 78 -3.30 12.99 -60.10
CA LYS A 78 -2.91 12.22 -61.27
C LYS A 78 -1.98 11.09 -60.84
N ARG A 79 -1.13 11.39 -59.86
CA ARG A 79 -0.23 10.41 -59.28
C ARG A 79 -1.06 9.38 -58.52
N MET A 80 -2.21 9.80 -58.01
CA MET A 80 -3.12 8.91 -57.28
C MET A 80 -3.83 7.88 -58.17
N VAL A 81 -4.38 8.37 -59.27
CA VAL A 81 -5.15 7.57 -60.22
C VAL A 81 -4.49 6.51 -61.13
N ASP A 82 -3.37 6.82 -61.76
CA ASP A 82 -2.76 5.92 -62.78
C ASP A 82 -1.68 4.90 -62.39
N GLY A 83 -2.06 3.64 -62.18
CA GLY A 83 -1.11 2.59 -61.91
C GLY A 83 -0.52 2.74 -60.53
N ASP A 84 -0.03 3.94 -60.27
CA ASP A 84 0.52 4.27 -58.99
C ASP A 84 -0.73 4.63 -58.22
N THR A 85 -1.33 3.65 -57.58
CA THR A 85 -2.56 3.90 -56.82
C THR A 85 -2.13 4.52 -55.50
N SER A 86 -1.29 5.53 -55.60
CA SER A 86 -0.70 6.21 -54.46
C SER A 86 -1.49 7.37 -53.86
N PRO A 87 -1.72 7.33 -52.55
CA PRO A 87 -2.44 8.39 -51.84
C PRO A 87 -1.57 9.64 -51.68
N ILE A 88 -2.12 10.83 -51.95
CA ILE A 88 -1.33 12.06 -51.86
C ILE A 88 -1.94 13.32 -51.22
N LEU A 89 -2.78 14.04 -51.97
CA LEU A 89 -3.37 15.30 -51.51
C LEU A 89 -4.34 15.14 -50.36
N THR A 90 -5.32 14.27 -50.53
CA THR A 90 -6.23 14.04 -49.42
C THR A 90 -5.52 13.04 -48.61
N GLY A 91 -5.72 11.80 -49.03
CA GLY A 91 -5.09 10.67 -48.41
C GLY A 91 -5.38 9.45 -49.22
N HIS A 92 -6.29 8.63 -48.71
CA HIS A 92 -6.61 7.35 -49.32
C HIS A 92 -6.87 7.49 -50.80
N PRO A 93 -6.33 6.55 -51.60
CA PRO A 93 -6.59 6.67 -53.02
C PRO A 93 -8.08 6.54 -53.11
N VAL A 94 -8.75 7.66 -53.33
CA VAL A 94 -10.19 7.68 -53.30
C VAL A 94 -10.84 6.67 -54.25
N PRO A 95 -11.98 6.10 -53.82
CA PRO A 95 -12.69 5.09 -54.60
C PRO A 95 -13.19 5.65 -55.93
N ALA A 96 -13.23 6.97 -56.05
CA ALA A 96 -13.64 7.62 -57.29
C ALA A 96 -13.04 9.02 -57.43
N ILE A 97 -12.80 9.44 -58.67
CA ILE A 97 -12.21 10.74 -58.96
C ILE A 97 -13.21 11.59 -59.77
N SER A 98 -13.19 12.90 -59.56
CA SER A 98 -14.12 13.84 -60.20
C SER A 98 -13.41 14.88 -61.08
N LEU A 99 -14.16 15.49 -62.00
CA LEU A 99 -13.62 16.47 -62.95
C LEU A 99 -14.17 17.88 -62.65
N SER A 100 -13.51 18.94 -63.15
CA SER A 100 -13.91 20.33 -62.86
C SER A 100 -14.25 21.17 -64.10
N SER A 101 -15.35 21.93 -64.01
CA SER A 101 -15.82 22.77 -65.12
C SER A 101 -14.87 23.93 -65.34
N GLY A 102 -14.99 24.59 -66.47
CA GLY A 102 -14.04 25.62 -66.81
C GLY A 102 -12.90 24.74 -67.28
N THR A 103 -11.66 25.15 -67.06
CA THR A 103 -10.51 24.36 -67.49
C THR A 103 -9.29 24.55 -66.61
N SER A 104 -8.28 23.71 -66.83
CA SER A 104 -7.00 23.83 -66.14
C SER A 104 -6.00 24.05 -67.25
N GLN A 105 -5.95 25.28 -67.75
CA GLN A 105 -5.12 25.66 -68.89
C GLN A 105 -5.63 24.85 -70.07
N GLY A 106 -6.95 24.72 -70.13
CA GLY A 106 -7.65 23.97 -71.17
C GLY A 106 -7.58 22.49 -70.86
N ARG A 107 -6.74 22.14 -69.90
CA ARG A 107 -6.55 20.77 -69.46
C ARG A 107 -7.47 20.36 -68.33
N PRO A 108 -7.65 19.04 -68.19
CA PRO A 108 -8.50 18.43 -67.18
C PRO A 108 -8.05 18.66 -65.74
N LYS A 109 -9.00 18.49 -64.82
CA LYS A 109 -8.69 18.61 -63.39
C LYS A 109 -9.26 17.41 -62.63
N PHE A 110 -8.42 16.80 -61.80
CA PHE A 110 -8.80 15.64 -61.01
C PHE A 110 -9.08 16.07 -59.57
N ILE A 111 -10.18 15.56 -59.02
CA ILE A 111 -10.56 15.86 -57.64
C ILE A 111 -11.06 14.61 -56.92
N PRO A 112 -10.42 14.26 -55.80
CA PRO A 112 -10.78 13.07 -55.04
C PRO A 112 -12.20 13.04 -54.46
N PHE A 113 -12.79 11.85 -54.46
CA PHE A 113 -14.14 11.62 -53.91
C PHE A 113 -14.06 10.67 -52.74
N THR A 114 -14.67 11.03 -51.63
CA THR A 114 -14.58 10.16 -50.47
C THR A 114 -15.93 9.67 -50.00
N ASP A 115 -15.92 8.64 -49.17
CA ASP A 115 -17.16 8.11 -48.61
C ASP A 115 -17.75 9.22 -47.73
N GLU A 116 -16.88 10.10 -47.24
CA GLU A 116 -17.32 11.25 -46.44
C GLU A 116 -18.22 12.12 -47.31
N LEU A 117 -17.97 12.10 -48.61
CA LEU A 117 -18.78 12.86 -49.58
C LEU A 117 -20.17 12.26 -49.70
N MET A 118 -20.26 10.93 -49.69
CA MET A 118 -21.55 10.25 -49.72
C MET A 118 -22.28 10.68 -48.46
N GLU A 119 -21.52 10.84 -47.39
CA GLU A 119 -22.09 11.27 -46.12
C GLU A 119 -22.64 12.68 -46.25
N ASN A 120 -21.88 13.55 -46.91
CA ASN A 120 -22.26 14.94 -47.12
C ASN A 120 -23.55 15.00 -47.91
N THR A 121 -23.66 14.11 -48.88
CA THR A 121 -24.86 14.00 -49.69
C THR A 121 -26.06 13.55 -48.88
N LEU A 122 -25.91 12.45 -48.14
CA LEU A 122 -27.03 11.92 -47.39
C LEU A 122 -27.55 12.95 -46.40
N GLN A 123 -26.64 13.55 -45.64
CA GLN A 123 -27.03 14.55 -44.66
C GLN A 123 -27.65 15.83 -45.24
N LEU A 124 -27.10 16.33 -46.36
CA LEU A 124 -27.66 17.53 -46.98
C LEU A 124 -29.04 17.27 -47.59
N PHE A 125 -29.18 16.14 -48.28
CA PHE A 125 -30.45 15.73 -48.86
C PHE A 125 -31.44 15.49 -47.72
N ARG A 126 -30.93 14.98 -46.61
CA ARG A 126 -31.73 14.66 -45.43
C ARG A 126 -32.37 15.91 -44.82
N THR A 127 -31.51 16.90 -44.60
CA THR A 127 -31.95 18.17 -44.03
C THR A 127 -32.85 18.95 -45.00
N ALA A 128 -32.38 19.12 -46.23
CA ALA A 128 -33.14 19.87 -47.22
C ALA A 128 -34.50 19.25 -47.49
N PHE A 129 -34.52 17.93 -47.66
CA PHE A 129 -35.79 17.23 -47.92
C PHE A 129 -36.71 17.41 -46.74
N ALA A 130 -36.14 17.46 -45.54
CA ALA A 130 -36.99 17.65 -44.37
C ALA A 130 -37.62 19.05 -44.43
N PHE A 131 -36.81 20.04 -44.78
CA PHE A 131 -37.26 21.43 -44.88
C PHE A 131 -38.27 21.69 -46.00
N ARG A 132 -38.05 21.10 -47.17
CA ARG A 132 -38.99 21.26 -48.26
C ARG A 132 -40.28 20.57 -47.86
N ASN A 133 -40.15 19.41 -47.23
CA ASN A 133 -41.32 18.68 -46.74
C ASN A 133 -42.01 19.53 -45.68
N ARG A 134 -41.25 20.45 -45.08
CA ARG A 134 -41.78 21.41 -44.13
C ARG A 134 -42.59 22.45 -44.90
N ASP A 135 -42.15 22.77 -46.12
CA ASP A 135 -42.85 23.75 -46.94
C ASP A 135 -43.75 23.06 -47.98
N PHE A 136 -43.26 21.98 -48.56
CA PHE A 136 -44.01 21.21 -49.55
C PHE A 136 -44.01 19.75 -49.08
N PRO A 137 -44.87 19.43 -48.10
CA PRO A 137 -44.97 18.07 -47.56
C PRO A 137 -45.47 17.06 -48.57
N ILE A 138 -44.94 15.84 -48.50
CA ILE A 138 -45.32 14.79 -49.43
C ILE A 138 -45.82 13.54 -48.71
N ASP A 139 -46.58 12.71 -49.43
CA ASP A 139 -47.12 11.48 -48.87
C ASP A 139 -46.09 10.34 -48.90
N ASP A 140 -45.97 9.64 -47.77
CA ASP A 140 -44.99 8.56 -47.61
C ASP A 140 -45.32 7.25 -48.34
N ASN A 141 -46.46 7.17 -49.02
CA ASN A 141 -46.78 5.95 -49.76
C ASN A 141 -46.78 6.22 -51.28
N GLY A 142 -46.46 7.46 -51.64
CA GLY A 142 -46.40 7.89 -53.03
C GLY A 142 -45.02 7.77 -53.66
N LYS A 143 -44.75 8.62 -54.64
CA LYS A 143 -43.47 8.59 -55.34
C LYS A 143 -43.15 9.94 -55.99
N ALA A 144 -42.03 9.97 -56.69
CA ALA A 144 -41.58 11.17 -57.39
C ALA A 144 -40.98 10.87 -58.75
N LEU A 145 -41.24 11.74 -59.70
CA LEU A 145 -40.67 11.56 -61.04
C LEU A 145 -39.27 12.14 -61.00
N GLN A 146 -38.30 11.23 -61.01
CA GLN A 146 -36.89 11.59 -60.95
C GLN A 146 -36.17 11.19 -62.21
N PHE A 147 -35.85 12.18 -63.03
CA PHE A 147 -35.13 11.85 -64.24
C PHE A 147 -33.63 11.82 -63.87
N ILE A 148 -33.31 11.17 -62.76
CA ILE A 148 -31.93 11.05 -62.29
C ILE A 148 -31.18 9.86 -62.87
N PHE A 149 -29.92 10.08 -63.20
CA PHE A 149 -29.08 9.11 -63.88
C PHE A 149 -27.70 8.84 -63.35
N SER A 150 -27.28 7.59 -63.42
CA SER A 150 -25.92 7.22 -63.06
C SER A 150 -25.57 5.86 -63.62
N SER A 151 -25.94 5.60 -64.87
CA SER A 151 -25.72 4.30 -65.49
C SER A 151 -24.27 3.95 -65.84
N LYS A 152 -23.41 4.96 -65.97
CA LYS A 152 -22.00 4.77 -66.37
C LYS A 152 -21.03 4.59 -65.20
N GLN A 153 -20.08 3.66 -65.36
CA GLN A 153 -19.04 3.37 -64.36
C GLN A 153 -17.72 3.00 -65.06
N TYR A 154 -16.69 3.82 -64.88
CA TYR A 154 -15.39 3.57 -65.51
C TYR A 154 -14.25 3.18 -64.57
N ILE A 155 -13.34 2.36 -65.10
CA ILE A 155 -12.19 1.90 -64.35
C ILE A 155 -10.97 2.55 -64.99
N SER A 156 -10.27 3.39 -64.22
CA SER A 156 -9.15 4.18 -64.74
C SER A 156 -7.94 3.35 -65.17
N THR A 157 -6.88 4.07 -65.52
CA THR A 157 -5.65 3.51 -66.06
C THR A 157 -4.86 2.62 -65.09
N GLY A 158 -5.28 2.57 -63.84
CA GLY A 158 -4.57 1.75 -62.87
C GLY A 158 -5.41 0.65 -62.26
N GLY A 159 -6.62 0.47 -62.78
CA GLY A 159 -7.55 -0.49 -62.23
C GLY A 159 -8.35 0.13 -61.10
N VAL A 160 -8.34 1.46 -61.06
CA VAL A 160 -9.03 2.24 -60.06
C VAL A 160 -10.20 3.01 -60.64
N PRO A 161 -11.38 2.94 -60.01
CA PRO A 161 -12.52 3.67 -60.54
C PRO A 161 -12.38 5.19 -60.39
N VAL A 162 -12.81 5.91 -61.42
CA VAL A 162 -12.83 7.37 -61.40
C VAL A 162 -14.30 7.73 -61.39
N GLY A 163 -14.69 8.74 -60.63
CA GLY A 163 -16.11 9.02 -60.59
C GLY A 163 -16.79 10.36 -60.41
N THR A 164 -17.92 10.45 -61.09
CA THR A 164 -18.84 11.57 -61.06
C THR A 164 -19.59 11.53 -59.74
N ALA A 165 -20.18 12.64 -59.34
CA ALA A 165 -20.96 12.67 -58.12
C ALA A 165 -22.17 11.74 -58.30
N THR A 166 -22.81 11.80 -59.48
CA THR A 166 -24.01 11.00 -59.70
C THR A 166 -23.84 9.49 -59.59
N THR A 167 -22.91 8.95 -60.35
CA THR A 167 -22.68 7.51 -60.31
C THR A 167 -22.13 7.06 -58.96
N ASN A 168 -21.21 7.84 -58.41
CA ASN A 168 -20.62 7.52 -57.12
C ASN A 168 -21.68 7.51 -56.05
N VAL A 169 -22.81 8.16 -56.32
CA VAL A 169 -23.88 8.21 -55.34
C VAL A 169 -24.93 7.12 -55.55
N TYR A 170 -25.48 7.02 -56.76
CA TYR A 170 -26.54 6.03 -57.02
C TYR A 170 -26.10 4.56 -56.94
N ARG A 171 -24.95 4.21 -57.51
CA ARG A 171 -24.49 2.80 -57.46
C ARG A 171 -23.69 2.55 -56.18
N ASN A 172 -23.68 3.54 -55.30
CA ASN A 172 -23.00 3.45 -54.02
C ASN A 172 -23.71 2.41 -53.16
N PRO A 173 -22.95 1.65 -52.34
CA PRO A 173 -23.54 0.59 -51.52
C PRO A 173 -24.63 1.05 -50.53
N ASN A 174 -24.47 2.22 -49.92
CA ASN A 174 -25.42 2.69 -48.91
C ASN A 174 -26.52 3.58 -49.48
N PHE A 175 -26.49 3.82 -50.78
CA PHE A 175 -27.45 4.71 -51.43
C PHE A 175 -28.89 4.24 -51.26
N LYS A 176 -29.13 2.97 -51.57
CA LYS A 176 -30.46 2.40 -51.43
C LYS A 176 -30.91 2.38 -49.97
N ALA A 177 -29.97 2.08 -49.07
CA ALA A 177 -30.19 2.10 -47.64
C ALA A 177 -30.30 3.52 -47.06
N GLY A 178 -29.46 4.41 -47.59
CA GLY A 178 -29.42 5.80 -47.19
C GLY A 178 -30.57 6.74 -47.53
N MET A 179 -31.16 6.58 -48.71
CA MET A 179 -32.22 7.46 -49.18
C MET A 179 -33.63 6.91 -49.05
N LYS A 180 -33.78 5.72 -48.48
CA LYS A 180 -35.09 5.09 -48.37
C LYS A 180 -36.07 5.94 -47.57
N SER A 181 -35.58 6.63 -46.55
CA SER A 181 -36.45 7.46 -45.72
C SER A 181 -36.56 8.92 -46.17
N ILE A 182 -35.65 9.37 -47.03
CA ILE A 182 -35.61 10.79 -47.40
C ILE A 182 -36.25 11.16 -48.74
N THR A 183 -36.73 10.18 -49.50
CA THR A 183 -37.36 10.48 -50.78
C THR A 183 -38.58 9.61 -51.02
N SER A 184 -39.27 9.92 -52.11
CA SER A 184 -40.43 9.16 -52.49
C SER A 184 -39.92 8.13 -53.50
N PRO A 185 -40.25 6.84 -53.28
CA PRO A 185 -39.69 5.69 -54.01
C PRO A 185 -39.59 5.89 -55.51
N SER A 186 -38.44 5.47 -56.06
CA SER A 186 -38.13 5.66 -57.49
C SER A 186 -39.08 4.93 -58.40
N CYS A 187 -39.49 5.62 -59.45
CA CYS A 187 -40.40 5.09 -60.45
C CYS A 187 -39.80 3.99 -61.35
N SER A 188 -38.57 4.23 -61.78
CA SER A 188 -37.87 3.29 -62.66
C SER A 188 -37.10 2.27 -61.87
N PRO A 189 -36.97 1.06 -62.41
CA PRO A 189 -36.16 0.04 -61.72
C PRO A 189 -34.74 0.56 -61.74
N ASP A 190 -33.92 0.20 -60.77
CA ASP A 190 -32.56 0.72 -60.74
C ASP A 190 -31.88 0.34 -62.04
N GLU A 191 -32.14 -0.86 -62.51
CA GLU A 191 -31.52 -1.34 -63.74
C GLU A 191 -31.90 -0.47 -64.94
N VAL A 192 -33.08 0.12 -64.92
CA VAL A 192 -33.47 1.04 -65.99
C VAL A 192 -32.68 2.35 -65.78
N ILE A 193 -32.53 2.78 -64.53
CA ILE A 193 -31.76 3.99 -64.22
C ILE A 193 -30.32 3.73 -64.62
N PHE A 194 -29.85 2.54 -64.26
CA PHE A 194 -28.48 2.13 -64.54
C PHE A 194 -28.37 1.42 -65.89
N SER A 195 -29.36 1.61 -66.76
CA SER A 195 -29.37 1.00 -68.08
C SER A 195 -28.25 1.54 -68.97
N PRO A 196 -27.64 0.66 -69.77
CA PRO A 196 -26.50 1.03 -70.63
C PRO A 196 -26.88 2.00 -71.75
N ASP A 197 -28.14 2.39 -71.82
CA ASP A 197 -28.61 3.28 -72.85
C ASP A 197 -29.48 4.32 -72.22
N VAL A 198 -28.91 5.41 -71.72
CA VAL A 198 -29.69 6.45 -71.03
C VAL A 198 -30.65 7.29 -71.92
N HIS A 199 -30.48 7.32 -73.25
CA HIS A 199 -31.46 8.08 -74.02
C HIS A 199 -32.84 7.37 -74.05
N GLN A 200 -32.77 6.09 -74.45
CA GLN A 200 -33.92 5.21 -74.45
C GLN A 200 -34.16 4.81 -73.04
N ALA A 201 -33.11 4.83 -72.22
CA ALA A 201 -33.36 4.40 -70.87
C ALA A 201 -34.26 5.36 -70.32
N LEU A 202 -34.18 6.61 -70.64
CA LEU A 202 -35.22 7.01 -69.80
C LEU A 202 -36.23 7.83 -70.66
N TYR A 203 -36.30 7.27 -71.88
CA TYR A 203 -37.53 7.22 -72.66
C TYR A 203 -38.32 6.56 -71.61
N CYS A 204 -37.74 5.52 -71.05
CA CYS A 204 -38.32 4.78 -70.01
C CYS A 204 -38.43 5.79 -68.74
N HIS A 205 -37.66 6.90 -68.54
CA HIS A 205 -37.87 7.82 -67.30
C HIS A 205 -39.14 8.58 -67.37
N LEU A 206 -39.42 9.12 -68.54
CA LEU A 206 -40.67 9.81 -68.69
C LEU A 206 -41.67 8.74 -68.43
N LEU A 207 -41.51 7.65 -69.15
CA LEU A 207 -42.48 6.57 -69.01
C LEU A 207 -42.69 5.99 -67.57
N SER A 208 -41.63 5.88 -66.76
CA SER A 208 -41.72 5.40 -65.37
C SER A 208 -42.31 6.38 -64.35
N GLY A 209 -41.85 7.63 -64.39
CA GLY A 209 -42.36 8.66 -63.49
C GLY A 209 -43.81 8.85 -63.83
N ILE A 210 -44.07 8.77 -65.13
CA ILE A 210 -45.39 8.83 -65.69
C ILE A 210 -46.13 7.56 -65.27
N LEU A 211 -45.41 6.48 -64.99
CA LEU A 211 -46.02 5.20 -64.60
C LEU A 211 -46.82 5.29 -63.32
N PHE A 212 -46.49 6.23 -62.44
CA PHE A 212 -47.21 6.36 -61.18
C PHE A 212 -47.58 7.81 -60.92
N ARG A 213 -48.25 8.46 -61.87
CA ARG A 213 -48.52 9.90 -61.77
C ARG A 213 -49.30 10.41 -60.55
N ASP A 214 -50.36 9.71 -60.17
CA ASP A 214 -51.27 10.15 -59.12
C ASP A 214 -50.58 10.31 -57.78
N GLN A 215 -49.55 9.52 -57.55
CA GLN A 215 -48.78 9.59 -56.32
C GLN A 215 -47.46 10.30 -56.53
N VAL A 216 -47.15 10.69 -57.77
CA VAL A 216 -45.87 11.36 -57.98
C VAL A 216 -46.07 12.66 -57.25
N GLN A 217 -45.38 12.80 -56.13
CA GLN A 217 -45.53 13.99 -55.35
C GLN A 217 -44.79 15.19 -55.91
N TYR A 218 -43.79 14.97 -56.77
CA TYR A 218 -43.04 16.07 -57.39
C TYR A 218 -42.27 15.64 -58.64
N VAL A 219 -41.85 16.60 -59.46
CA VAL A 219 -41.07 16.26 -60.64
C VAL A 219 -39.64 16.66 -60.34
N PHE A 220 -38.69 15.77 -60.61
CA PHE A 220 -37.32 16.09 -60.27
C PHE A 220 -36.20 15.92 -61.29
N ALA A 221 -35.43 16.99 -61.39
CA ALA A 221 -34.17 17.04 -62.11
C ALA A 221 -33.46 18.16 -61.35
N VAL A 222 -32.17 18.01 -61.09
CA VAL A 222 -31.47 19.00 -60.29
C VAL A 222 -31.34 20.38 -60.95
N PHE A 223 -31.61 20.48 -62.25
CA PHE A 223 -31.50 21.76 -62.97
C PHE A 223 -32.79 22.17 -63.64
N ALA A 224 -32.98 23.47 -63.86
CA ALA A 224 -34.18 23.92 -64.53
C ALA A 224 -34.11 23.38 -65.94
N HIS A 225 -32.93 23.51 -66.56
CA HIS A 225 -32.67 23.02 -67.91
C HIS A 225 -32.80 21.52 -67.92
N GLY A 226 -32.52 20.90 -66.77
CA GLY A 226 -32.61 19.46 -66.71
C GLY A 226 -34.06 19.12 -66.98
N LEU A 227 -34.96 19.78 -66.26
CA LEU A 227 -36.39 19.57 -66.49
C LEU A 227 -36.80 20.04 -67.89
N VAL A 228 -36.19 21.12 -68.38
CA VAL A 228 -36.52 21.67 -69.69
C VAL A 228 -36.25 20.72 -70.86
N HIS A 229 -35.04 20.16 -70.93
CA HIS A 229 -34.75 19.21 -72.01
C HIS A 229 -35.42 17.88 -71.67
N ALA A 230 -35.71 17.64 -70.39
CA ALA A 230 -36.41 16.41 -69.96
C ALA A 230 -37.88 16.48 -70.34
N PHE A 231 -38.38 17.69 -70.53
CA PHE A 231 -39.76 17.92 -70.92
C PHE A 231 -39.86 18.27 -72.39
N ARG A 232 -38.72 18.49 -73.03
CA ARG A 232 -38.65 18.67 -74.46
C ARG A 232 -38.44 17.25 -74.98
N THR A 233 -37.87 16.43 -74.11
CA THR A 233 -37.65 15.02 -74.41
C THR A 233 -38.83 14.26 -73.83
N PHE A 234 -39.47 14.81 -72.80
CA PHE A 234 -40.71 14.19 -72.35
C PHE A 234 -41.51 14.38 -73.58
N GLU A 235 -41.38 15.58 -74.11
CA GLU A 235 -42.09 16.02 -75.29
C GLU A 235 -41.49 15.33 -76.53
N GLN A 236 -40.54 14.41 -76.35
CA GLN A 236 -39.94 13.71 -77.51
C GLN A 236 -40.36 12.23 -77.75
N VAL A 237 -41.51 11.78 -77.21
CA VAL A 237 -41.97 10.37 -77.39
C VAL A 237 -43.46 9.87 -77.30
N TRP A 238 -44.47 10.74 -77.28
CA TRP A 238 -45.89 10.36 -77.03
C TRP A 238 -46.63 9.31 -77.86
N GLU A 239 -46.80 9.51 -79.18
CA GLU A 239 -47.56 8.51 -79.96
C GLU A 239 -46.83 7.19 -79.76
N GLU A 240 -45.51 7.27 -79.72
CA GLU A 240 -44.70 6.08 -79.48
C GLU A 240 -44.83 5.54 -78.06
N ILE A 241 -44.84 6.39 -77.03
CA ILE A 241 -44.95 5.82 -75.68
C ILE A 241 -46.29 5.12 -75.64
N VAL A 242 -47.33 5.80 -76.12
CA VAL A 242 -48.68 5.27 -76.12
C VAL A 242 -48.76 3.97 -76.88
N THR A 243 -48.13 3.89 -78.04
CA THR A 243 -48.13 2.67 -78.83
C THR A 243 -47.43 1.54 -78.08
N ASP A 244 -46.29 1.85 -77.47
CA ASP A 244 -45.48 0.88 -76.75
C ASP A 244 -46.18 0.28 -75.55
N ILE A 245 -46.76 1.14 -74.74
CA ILE A 245 -47.51 0.73 -73.55
C ILE A 245 -48.89 0.12 -73.94
N LYS A 246 -49.47 0.56 -75.06
CA LYS A 246 -50.81 0.11 -75.50
C LYS A 246 -50.94 -1.35 -75.92
N ASP A 247 -50.14 -1.73 -76.90
CA ASP A 247 -50.14 -3.10 -77.40
C ASP A 247 -49.36 -4.01 -76.48
N GLY A 248 -48.79 -3.43 -75.44
CA GLY A 248 -48.02 -4.19 -74.47
C GLY A 248 -46.65 -4.52 -75.02
N VAL A 249 -46.36 -3.98 -76.20
CA VAL A 249 -45.07 -4.20 -76.84
C VAL A 249 -44.29 -2.90 -77.02
N LEU A 250 -43.13 -2.81 -76.38
CA LEU A 250 -42.30 -1.61 -76.44
C LEU A 250 -41.79 -1.39 -77.87
N SER A 251 -41.44 -0.15 -78.21
CA SER A 251 -41.03 0.20 -79.56
C SER A 251 -39.74 -0.48 -80.03
N ASN A 252 -39.54 -0.46 -81.34
CA ASN A 252 -38.35 -1.02 -81.95
C ASN A 252 -37.16 -0.11 -81.67
N ARG A 253 -37.47 1.04 -81.08
CA ARG A 253 -36.49 2.03 -80.67
C ARG A 253 -35.57 1.46 -79.60
N ILE A 254 -36.10 0.57 -78.79
CA ILE A 254 -35.36 -0.01 -77.67
C ILE A 254 -34.58 -1.28 -78.09
N THR A 255 -33.29 -1.33 -77.75
CA THR A 255 -32.43 -2.46 -78.15
C THR A 255 -31.56 -3.14 -77.08
N VAL A 256 -31.45 -2.58 -75.87
CA VAL A 256 -30.64 -3.21 -74.81
C VAL A 256 -31.44 -4.30 -74.08
N PRO A 257 -30.85 -5.50 -73.93
CA PRO A 257 -31.47 -6.68 -73.32
C PRO A 257 -31.93 -6.55 -71.86
N SER A 258 -31.19 -5.84 -71.02
CA SER A 258 -31.61 -5.68 -69.62
C SER A 258 -32.83 -4.78 -69.45
N VAL A 259 -32.81 -3.60 -70.07
CA VAL A 259 -33.97 -2.71 -70.01
C VAL A 259 -35.13 -3.29 -70.81
N ARG A 260 -34.86 -3.95 -71.94
CA ARG A 260 -35.95 -4.54 -72.73
C ARG A 260 -36.60 -5.61 -71.87
N THR A 261 -35.76 -6.34 -71.13
CA THR A 261 -36.26 -7.36 -70.23
C THR A 261 -37.13 -6.70 -69.18
N ALA A 262 -36.68 -5.56 -68.67
CA ALA A 262 -37.44 -4.85 -67.64
C ALA A 262 -38.82 -4.35 -68.12
N MET A 263 -38.83 -3.62 -69.23
CA MET A 263 -40.08 -3.10 -69.77
C MET A 263 -41.03 -4.21 -70.19
N SER A 264 -40.50 -5.25 -70.83
CA SER A 264 -41.33 -6.37 -71.24
C SER A 264 -41.89 -7.04 -69.99
N LYS A 265 -41.09 -7.04 -68.94
CA LYS A 265 -41.47 -7.60 -67.65
C LYS A 265 -42.68 -6.83 -67.11
N LEU A 266 -42.66 -5.51 -67.30
CA LEU A 266 -43.77 -4.64 -66.88
C LEU A 266 -45.05 -4.68 -67.77
N LEU A 267 -44.88 -4.87 -69.08
CA LEU A 267 -45.94 -4.76 -70.09
C LEU A 267 -47.04 -5.82 -70.28
N THR A 268 -48.23 -5.29 -70.56
CA THR A 268 -49.44 -6.02 -70.93
C THR A 268 -50.31 -5.11 -71.82
N PRO A 269 -50.98 -5.65 -72.84
CA PRO A 269 -51.71 -4.76 -73.77
C PRO A 269 -53.01 -4.11 -73.28
N ASN A 270 -53.01 -2.79 -73.12
CA ASN A 270 -54.18 -2.00 -72.68
C ASN A 270 -54.52 -0.83 -73.63
N PRO A 271 -55.74 -0.82 -74.21
CA PRO A 271 -56.15 0.20 -75.21
C PRO A 271 -57.02 1.43 -74.86
N GLU A 272 -57.84 1.40 -73.81
CA GLU A 272 -58.72 2.55 -73.47
C GLU A 272 -57.97 3.79 -72.95
N LEU A 273 -56.90 3.48 -72.24
CA LEU A 273 -56.10 4.47 -71.59
C LEU A 273 -55.60 5.45 -72.66
N ALA A 274 -55.48 4.96 -73.89
CA ALA A 274 -55.05 5.75 -75.04
C ALA A 274 -56.00 6.90 -75.28
N GLU A 275 -57.29 6.53 -75.18
CA GLU A 275 -58.38 7.45 -75.37
C GLU A 275 -58.15 8.51 -74.34
N THR A 276 -57.78 8.09 -73.14
CA THR A 276 -57.55 9.09 -72.11
C THR A 276 -56.39 10.06 -72.41
N ILE A 277 -55.20 9.54 -72.67
CA ILE A 277 -54.03 10.43 -72.80
C ILE A 277 -54.27 11.52 -73.80
N ARG A 278 -54.77 11.14 -74.98
CA ARG A 278 -55.03 12.22 -75.91
C ARG A 278 -56.19 13.08 -75.44
N THR A 279 -57.23 12.50 -74.85
CA THR A 279 -58.36 13.34 -74.46
C THR A 279 -57.88 14.51 -73.62
N LYS A 280 -56.99 14.29 -72.66
CA LYS A 280 -56.48 15.46 -71.93
C LYS A 280 -55.51 16.37 -72.63
N CYS A 281 -54.42 15.72 -73.01
CA CYS A 281 -53.21 16.43 -73.34
C CYS A 281 -53.19 17.81 -74.06
N MET A 282 -53.60 17.94 -75.30
CA MET A 282 -53.49 19.23 -76.01
C MET A 282 -54.62 20.22 -75.77
N SER A 283 -55.44 19.96 -74.75
CA SER A 283 -56.59 20.83 -74.45
C SER A 283 -56.14 22.24 -74.10
N LEU A 284 -55.00 22.32 -73.45
CA LEU A 284 -54.42 23.59 -73.09
C LEU A 284 -53.90 24.29 -74.33
N SER A 285 -53.58 25.56 -74.23
CA SER A 285 -53.06 26.25 -75.39
C SER A 285 -51.58 25.92 -75.49
N ASN A 286 -51.32 24.67 -75.86
CA ASN A 286 -49.99 24.11 -76.07
C ASN A 286 -48.96 23.90 -74.95
N TRP A 287 -49.45 23.53 -73.75
CA TRP A 287 -48.66 23.11 -72.54
C TRP A 287 -48.42 23.99 -71.33
N TYR A 288 -49.19 25.07 -71.17
CA TYR A 288 -48.98 25.85 -69.96
C TYR A 288 -49.50 24.94 -68.86
N GLY A 289 -48.73 24.82 -67.79
CA GLY A 289 -49.11 23.93 -66.71
C GLY A 289 -48.99 22.48 -67.14
N LEU A 290 -47.92 22.16 -67.88
CA LEU A 290 -47.64 20.80 -68.34
C LEU A 290 -47.27 19.83 -67.23
N ILE A 291 -46.42 20.26 -66.30
CA ILE A 291 -46.04 19.38 -65.20
C ILE A 291 -47.27 19.02 -64.37
N PRO A 292 -48.11 20.02 -64.00
CA PRO A 292 -49.33 19.64 -63.28
C PRO A 292 -50.24 18.79 -64.17
N ALA A 293 -50.21 19.02 -65.47
CA ALA A 293 -51.07 18.27 -66.38
C ALA A 293 -50.70 16.78 -66.35
N LEU A 294 -49.41 16.47 -66.46
CA LEU A 294 -48.96 15.08 -66.41
C LEU A 294 -49.15 14.39 -65.03
N PHE A 295 -48.91 15.11 -63.93
CA PHE A 295 -49.26 14.63 -62.59
C PHE A 295 -49.84 15.85 -61.91
N PRO A 296 -51.16 15.83 -61.67
CA PRO A 296 -51.89 16.97 -61.11
C PRO A 296 -51.53 17.31 -59.69
N ASN A 297 -51.03 16.32 -58.98
CA ASN A 297 -50.76 16.45 -57.58
C ASN A 297 -49.32 16.51 -57.12
N ALA A 298 -48.41 16.82 -58.03
CA ALA A 298 -47.04 16.98 -57.62
C ALA A 298 -47.00 18.32 -56.94
N LYS A 299 -46.50 18.34 -55.71
CA LYS A 299 -46.41 19.57 -54.95
C LYS A 299 -45.53 20.59 -55.65
N TYR A 300 -44.50 20.13 -56.36
CA TYR A 300 -43.57 21.07 -56.95
C TYR A 300 -42.67 20.57 -58.08
N VAL A 301 -41.89 21.49 -58.62
CA VAL A 301 -40.88 21.19 -59.63
C VAL A 301 -39.62 21.65 -58.92
N TYR A 302 -38.74 20.70 -58.62
CA TYR A 302 -37.55 20.97 -57.81
C TYR A 302 -36.27 20.87 -58.64
N GLY A 303 -35.51 21.97 -58.68
CA GLY A 303 -34.28 21.98 -59.46
C GLY A 303 -33.42 23.23 -59.19
N ILE A 304 -32.25 23.31 -59.80
CA ILE A 304 -31.42 24.49 -59.63
C ILE A 304 -32.04 25.57 -60.55
N MET A 305 -32.49 26.65 -59.92
CA MET A 305 -33.16 27.71 -60.65
C MET A 305 -32.36 28.98 -60.88
N THR A 306 -31.23 29.13 -60.22
CA THR A 306 -30.42 30.35 -60.41
C THR A 306 -29.25 30.08 -61.36
N GLY A 307 -28.41 31.09 -61.51
CA GLY A 307 -27.24 30.99 -62.36
C GLY A 307 -27.51 30.71 -63.83
N SER A 308 -26.85 29.69 -64.35
CA SER A 308 -26.98 29.34 -65.76
C SER A 308 -28.37 28.82 -66.13
N MET A 309 -29.15 28.44 -65.13
CA MET A 309 -30.48 27.94 -65.42
C MET A 309 -31.46 29.09 -65.44
N GLU A 310 -30.94 30.31 -65.32
CA GLU A 310 -31.81 31.50 -65.30
C GLU A 310 -32.56 31.64 -66.63
N PRO A 311 -31.92 31.27 -67.78
CA PRO A 311 -32.68 31.37 -69.02
C PRO A 311 -33.52 30.13 -69.29
N TYR A 312 -33.41 29.12 -68.42
CA TYR A 312 -34.18 27.88 -68.60
C TYR A 312 -35.36 27.80 -67.64
N VAL A 313 -35.29 28.57 -66.56
CA VAL A 313 -36.38 28.62 -65.59
C VAL A 313 -37.68 29.07 -66.28
N PRO A 314 -37.61 30.08 -67.19
CA PRO A 314 -38.87 30.52 -67.79
C PRO A 314 -39.60 29.41 -68.56
N LYS A 315 -38.92 28.71 -69.47
CA LYS A 315 -39.57 27.64 -70.24
C LYS A 315 -40.08 26.58 -69.26
N LEU A 316 -39.26 26.24 -68.28
CA LEU A 316 -39.68 25.25 -67.30
C LEU A 316 -40.91 25.77 -66.55
N ARG A 317 -40.88 27.05 -66.19
CA ARG A 317 -42.00 27.65 -65.52
C ARG A 317 -43.19 27.60 -66.47
N HIS A 318 -42.83 27.87 -67.73
CA HIS A 318 -43.72 27.96 -68.90
C HIS A 318 -44.18 26.53 -69.17
N TYR A 319 -43.49 25.60 -68.53
CA TYR A 319 -43.80 24.19 -68.61
C TYR A 319 -44.55 23.76 -67.35
N ALA A 320 -44.08 24.27 -66.21
CA ALA A 320 -44.67 23.92 -64.92
C ALA A 320 -45.92 24.71 -64.59
N GLY A 321 -46.20 25.74 -65.38
CA GLY A 321 -47.38 26.55 -65.18
C GLY A 321 -47.48 27.18 -63.81
N ASP A 322 -48.67 27.09 -63.21
CA ASP A 322 -48.92 27.66 -61.89
C ASP A 322 -48.21 26.96 -60.74
N LEU A 323 -47.75 25.74 -60.97
CA LEU A 323 -47.06 25.00 -59.91
C LEU A 323 -45.81 25.78 -59.53
N PRO A 324 -45.57 25.94 -58.22
CA PRO A 324 -44.39 26.67 -57.74
C PRO A 324 -43.09 26.04 -58.21
N LEU A 325 -42.08 26.88 -58.42
CA LEU A 325 -40.77 26.41 -58.85
C LEU A 325 -39.84 26.51 -57.64
N VAL A 326 -39.27 25.39 -57.22
CA VAL A 326 -38.43 25.40 -56.01
C VAL A 326 -36.91 25.18 -56.27
N SER A 327 -36.10 26.07 -55.65
CA SER A 327 -34.64 26.12 -55.76
C SER A 327 -33.87 25.04 -55.01
N HIS A 328 -32.71 24.75 -55.58
CA HIS A 328 -31.83 23.69 -55.12
C HIS A 328 -30.57 24.07 -54.32
N ASP A 329 -30.13 23.19 -53.41
CA ASP A 329 -28.94 23.43 -52.56
C ASP A 329 -27.65 23.32 -53.39
N TYR A 330 -26.50 23.68 -52.81
CA TYR A 330 -25.23 23.66 -53.57
C TYR A 330 -24.03 22.95 -52.93
N GLY A 331 -23.42 22.06 -53.71
CA GLY A 331 -22.26 21.29 -53.29
C GLY A 331 -21.83 20.30 -54.36
N SER A 332 -20.71 19.63 -54.17
CA SER A 332 -20.26 18.67 -55.18
C SER A 332 -19.25 17.66 -54.69
N SER A 333 -18.65 16.98 -55.66
CA SER A 333 -17.61 16.00 -55.40
C SER A 333 -16.34 16.71 -54.97
N GLU A 334 -16.30 18.02 -55.20
CA GLU A 334 -15.14 18.84 -54.86
C GLU A 334 -15.32 19.62 -53.55
N GLY A 335 -16.54 20.06 -53.28
CA GLY A 335 -16.83 20.78 -52.06
C GLY A 335 -18.33 20.96 -51.80
N TRP A 336 -18.73 20.89 -50.53
CA TRP A 336 -20.12 21.10 -50.18
C TRP A 336 -20.32 22.42 -49.43
N ILE A 337 -21.27 23.24 -49.87
CA ILE A 337 -21.51 24.52 -49.20
C ILE A 337 -22.90 24.69 -48.58
N ALA A 338 -23.84 25.18 -49.40
CA ALA A 338 -25.16 25.56 -48.94
C ALA A 338 -26.38 24.72 -49.28
N ALA A 339 -27.31 24.72 -48.32
CA ALA A 339 -28.57 24.01 -48.44
C ALA A 339 -29.73 24.99 -48.32
N ASN A 340 -30.75 24.83 -49.15
CA ASN A 340 -31.92 25.71 -49.10
C ASN A 340 -32.93 25.12 -48.12
N VAL A 341 -33.23 25.86 -47.06
CA VAL A 341 -34.17 25.40 -46.06
C VAL A 341 -35.42 26.26 -46.06
N THR A 342 -35.50 27.14 -47.07
CA THR A 342 -36.68 27.97 -47.29
C THR A 342 -37.01 27.85 -48.77
N PRO A 343 -37.38 26.63 -49.21
CA PRO A 343 -37.69 26.35 -50.62
C PRO A 343 -38.86 27.14 -51.20
N ARG A 344 -39.74 27.64 -50.34
CA ARG A 344 -40.91 28.38 -50.80
C ARG A 344 -40.53 29.70 -51.47
N LEU A 345 -39.25 30.07 -51.39
CA LEU A 345 -38.76 31.28 -52.02
C LEU A 345 -38.63 31.04 -53.52
N SER A 346 -39.17 31.96 -54.31
CA SER A 346 -39.11 31.84 -55.76
C SER A 346 -37.65 31.89 -56.22
N PRO A 347 -37.38 31.37 -57.43
CA PRO A 347 -36.02 31.26 -57.96
C PRO A 347 -35.18 32.54 -58.07
N GLU A 348 -35.76 33.67 -58.45
CA GLU A 348 -34.95 34.88 -58.60
C GLU A 348 -34.35 35.39 -57.28
N GLU A 349 -35.15 35.41 -56.22
CA GLU A 349 -34.70 35.88 -54.91
C GLU A 349 -33.96 34.81 -54.12
N ALA A 350 -34.02 33.57 -54.59
CA ALA A 350 -33.52 32.41 -53.85
C ALA A 350 -32.11 32.51 -53.28
N THR A 351 -31.97 32.10 -52.02
CA THR A 351 -30.70 32.09 -51.32
C THR A 351 -30.56 30.76 -50.59
N PHE A 352 -29.32 30.34 -50.40
CA PHE A 352 -29.05 29.04 -49.77
C PHE A 352 -28.06 29.12 -48.61
N ALA A 353 -28.46 28.66 -47.43
CA ALA A 353 -27.59 28.67 -46.24
C ALA A 353 -26.59 27.52 -46.24
N VAL A 354 -25.38 27.78 -45.75
CA VAL A 354 -24.32 26.77 -45.75
C VAL A 354 -24.23 25.85 -44.53
N ILE A 355 -24.31 24.54 -44.80
CA ILE A 355 -24.17 23.55 -43.74
C ILE A 355 -22.68 23.54 -43.43
N PRO A 356 -22.31 23.79 -42.18
CA PRO A 356 -20.93 23.93 -41.71
C PRO A 356 -19.95 22.73 -41.71
N ASN A 357 -20.34 21.51 -41.38
CA ASN A 357 -19.34 20.43 -41.32
C ASN A 357 -19.01 19.79 -42.67
N LEU A 358 -19.64 20.28 -43.72
CA LEU A 358 -19.39 19.77 -45.05
C LEU A 358 -18.00 20.18 -45.55
N GLY A 359 -17.40 21.16 -44.87
CA GLY A 359 -16.09 21.65 -45.25
C GLY A 359 -15.60 22.85 -44.44
N TYR A 360 -14.52 23.47 -44.92
CA TYR A 360 -13.92 24.63 -44.29
C TYR A 360 -13.70 25.67 -45.39
N PHE A 361 -14.65 26.59 -45.50
CA PHE A 361 -14.64 27.61 -46.54
C PHE A 361 -14.20 29.03 -46.16
N GLU A 362 -13.52 29.69 -47.10
CA GLU A 362 -13.03 31.06 -46.91
C GLU A 362 -13.39 31.93 -48.12
N PHE A 363 -13.54 33.23 -47.93
CA PHE A 363 -13.96 34.09 -49.04
C PHE A 363 -13.10 35.33 -49.35
N LEU A 364 -12.59 35.38 -50.59
CA LEU A 364 -11.74 36.49 -51.06
C LEU A 364 -12.59 37.62 -51.65
N PRO A 365 -12.53 38.81 -51.03
CA PRO A 365 -13.34 39.95 -51.51
C PRO A 365 -12.99 40.46 -52.90
N VAL A 366 -14.02 40.85 -53.66
CA VAL A 366 -13.83 41.47 -54.96
C VAL A 366 -13.90 42.98 -54.74
N SER A 367 -13.97 43.36 -53.46
CA SER A 367 -14.13 44.75 -53.08
C SER A 367 -12.83 45.56 -53.09
N GLU A 368 -12.62 46.25 -54.21
CA GLU A 368 -11.50 47.15 -54.43
C GLU A 368 -11.75 47.76 -55.82
N THR A 369 -11.62 46.90 -56.81
CA THR A 369 -11.91 47.22 -58.21
C THR A 369 -12.14 45.90 -58.94
N GLY A 370 -11.06 45.28 -59.40
CA GLY A 370 -11.12 44.00 -60.07
C GLY A 370 -9.73 43.39 -60.12
N GLU A 371 -9.42 42.43 -59.25
CA GLU A 371 -10.32 41.91 -58.24
C GLU A 371 -10.13 42.61 -56.91
N GLY A 372 -8.88 42.90 -56.58
CA GLY A 372 -8.55 43.53 -55.32
C GLY A 372 -7.61 42.69 -54.49
N GLU A 373 -6.48 43.26 -54.13
CA GLU A 373 -5.47 42.54 -53.36
C GLU A 373 -5.84 42.50 -51.88
N GLU A 374 -6.80 41.64 -51.55
CA GLU A 374 -7.27 41.51 -50.18
C GLU A 374 -7.26 40.04 -49.73
N LYS A 375 -6.83 39.82 -48.49
CA LYS A 375 -6.73 38.48 -47.90
C LYS A 375 -8.09 37.88 -47.52
N PRO A 376 -8.18 36.53 -47.48
CA PRO A 376 -9.46 35.86 -47.17
C PRO A 376 -9.97 36.14 -45.76
N VAL A 377 -11.28 36.20 -45.61
CA VAL A 377 -11.92 36.45 -44.32
C VAL A 377 -12.88 35.30 -43.98
N GLY A 378 -13.22 35.21 -42.70
CA GLY A 378 -14.06 34.12 -42.21
C GLY A 378 -15.44 34.08 -42.84
N LEU A 379 -16.08 32.92 -42.69
CA LEU A 379 -17.39 32.66 -43.26
C LEU A 379 -18.41 33.65 -42.75
N THR A 380 -18.36 33.97 -41.46
CA THR A 380 -19.26 34.96 -40.86
C THR A 380 -18.57 36.33 -40.83
N GLN A 381 -17.33 36.35 -41.29
CA GLN A 381 -16.56 37.59 -41.38
C GLN A 381 -16.91 38.26 -42.70
N VAL A 382 -17.58 37.51 -43.57
CA VAL A 382 -18.01 38.05 -44.85
C VAL A 382 -19.07 39.09 -44.60
N LYS A 383 -19.07 40.14 -45.41
CA LYS A 383 -20.04 41.22 -45.24
C LYS A 383 -21.26 41.03 -46.11
N ILE A 384 -22.40 41.38 -45.53
CA ILE A 384 -23.69 41.27 -46.19
C ILE A 384 -23.76 42.15 -47.45
N GLY A 385 -24.26 41.58 -48.54
CA GLY A 385 -24.42 42.28 -49.80
C GLY A 385 -23.22 42.23 -50.72
N GLU A 386 -22.06 41.90 -50.17
CA GLU A 386 -20.84 41.79 -50.95
C GLU A 386 -20.64 40.46 -51.67
N GLU A 387 -19.95 40.51 -52.81
CA GLU A 387 -19.64 39.32 -53.59
C GLU A 387 -18.20 38.90 -53.36
N TYR A 388 -18.00 37.63 -53.02
CA TYR A 388 -16.69 37.09 -52.72
C TYR A 388 -16.38 35.84 -53.54
N GLU A 389 -15.10 35.47 -53.53
CA GLU A 389 -14.60 34.30 -54.22
C GLU A 389 -14.55 33.16 -53.20
N VAL A 390 -15.12 32.02 -53.57
CA VAL A 390 -15.16 30.86 -52.68
C VAL A 390 -13.80 30.14 -52.61
N VAL A 391 -13.45 29.71 -51.40
CA VAL A 391 -12.23 28.95 -51.12
C VAL A 391 -12.63 27.69 -50.36
N ILE A 392 -12.15 26.54 -50.84
CA ILE A 392 -12.51 25.24 -50.29
C ILE A 392 -11.44 24.44 -49.54
N THR A 393 -11.80 23.96 -48.35
CA THR A 393 -10.93 23.09 -47.57
C THR A 393 -11.83 21.93 -47.13
N ASN A 394 -11.93 20.90 -47.95
CA ASN A 394 -12.83 19.79 -47.65
C ASN A 394 -12.26 18.39 -47.81
N TYR A 395 -13.15 17.40 -47.69
CA TYR A 395 -12.81 15.99 -47.78
C TYR A 395 -12.39 15.56 -49.18
N ALA A 396 -12.50 16.49 -50.14
CA ALA A 396 -12.26 16.21 -51.56
C ALA A 396 -10.92 16.62 -52.16
N GLY A 397 -9.89 16.85 -51.36
CA GLY A 397 -8.61 17.23 -51.95
C GLY A 397 -8.37 18.69 -52.21
N LEU A 398 -9.29 19.51 -51.73
CA LEU A 398 -9.13 20.95 -51.87
C LEU A 398 -8.75 21.50 -50.52
N TYR A 399 -7.52 21.95 -50.38
CA TYR A 399 -7.08 22.59 -49.15
C TYR A 399 -6.72 24.01 -49.53
N ARG A 400 -7.52 24.97 -49.10
CA ARG A 400 -7.24 26.38 -49.38
C ARG A 400 -7.11 26.55 -50.89
N TYR A 401 -7.98 25.87 -51.63
CA TYR A 401 -7.97 25.90 -53.09
C TYR A 401 -8.93 26.91 -53.72
N ARG A 402 -8.47 27.59 -54.77
CA ARG A 402 -9.28 28.56 -55.49
C ARG A 402 -10.11 27.90 -56.60
N LEU A 403 -11.41 27.74 -56.39
CA LEU A 403 -12.27 27.18 -57.43
C LEU A 403 -12.44 28.17 -58.58
N GLY A 404 -12.59 29.45 -58.24
CA GLY A 404 -12.72 30.53 -59.22
C GLY A 404 -14.10 30.96 -59.68
N ASP A 405 -14.97 31.30 -58.72
CA ASP A 405 -16.34 31.75 -58.97
C ASP A 405 -16.77 32.89 -58.01
N VAL A 406 -17.79 33.66 -58.38
CA VAL A 406 -18.24 34.82 -57.59
C VAL A 406 -19.66 34.72 -56.99
N VAL A 407 -19.79 34.93 -55.67
CA VAL A 407 -21.08 34.82 -54.99
C VAL A 407 -21.38 35.97 -54.01
N LYS A 408 -22.65 36.37 -53.89
CA LYS A 408 -23.03 37.50 -53.03
C LYS A 408 -23.75 37.14 -51.72
N VAL A 409 -23.44 37.84 -50.62
CA VAL A 409 -24.10 37.56 -49.35
C VAL A 409 -25.38 38.37 -49.20
N ILE A 410 -26.52 37.74 -49.50
CA ILE A 410 -27.82 38.41 -49.38
C ILE A 410 -28.29 38.67 -47.96
N GLY A 411 -28.17 37.66 -47.10
CA GLY A 411 -28.63 37.78 -45.72
C GLY A 411 -28.01 36.69 -44.87
N PHE A 412 -28.54 36.52 -43.66
CA PHE A 412 -28.07 35.48 -42.76
C PHE A 412 -29.24 34.67 -42.22
N TYR A 413 -29.11 33.35 -42.23
CA TYR A 413 -30.12 32.52 -41.61
C TYR A 413 -29.56 32.32 -40.23
N ASN A 414 -29.99 33.17 -39.30
CA ASN A 414 -29.46 33.15 -37.93
C ASN A 414 -27.98 33.55 -37.96
N ASN A 415 -27.08 32.67 -37.54
CA ASN A 415 -25.66 32.99 -37.54
C ASN A 415 -24.88 32.52 -38.76
N THR A 416 -25.57 31.85 -39.68
CA THR A 416 -24.95 31.38 -40.92
C THR A 416 -25.53 32.17 -42.09
N PRO A 417 -24.65 32.85 -42.85
CA PRO A 417 -24.98 33.74 -43.98
C PRO A 417 -25.67 33.10 -45.20
N GLN A 418 -26.46 33.91 -45.89
CA GLN A 418 -27.17 33.48 -47.10
C GLN A 418 -26.38 33.92 -48.32
N LEU A 419 -26.26 33.05 -49.32
CA LEU A 419 -25.52 33.40 -50.53
C LEU A 419 -26.43 33.56 -51.73
N LYS A 420 -25.90 34.09 -52.83
CA LYS A 420 -26.66 34.29 -54.06
C LYS A 420 -25.75 34.16 -55.27
N PHE A 421 -26.27 33.56 -56.33
CA PHE A 421 -25.49 33.35 -57.54
C PHE A 421 -26.08 34.02 -58.78
N ILE A 422 -25.24 34.82 -59.44
CA ILE A 422 -25.64 35.51 -60.66
C ILE A 422 -24.63 35.28 -61.77
N CYS A 423 -23.67 34.40 -61.50
CA CYS A 423 -22.65 34.13 -62.50
C CYS A 423 -22.97 32.96 -63.40
N ARG A 424 -21.99 32.68 -64.24
CA ARG A 424 -22.13 31.72 -65.30
C ARG A 424 -20.93 30.79 -65.57
N ARG A 425 -19.79 31.39 -65.92
CA ARG A 425 -18.55 30.70 -66.28
C ARG A 425 -17.40 31.07 -65.31
N ASN A 426 -16.54 30.11 -65.00
CA ASN A 426 -15.32 30.34 -64.23
C ASN A 426 -14.27 30.60 -65.29
N LEU A 427 -14.49 31.60 -66.12
CA LEU A 427 -13.66 31.75 -67.30
C LEU A 427 -12.51 32.76 -67.53
N ILE A 428 -11.32 32.16 -67.56
CA ILE A 428 -10.07 32.71 -68.13
C ILE A 428 -9.38 31.38 -68.47
N LEU A 429 -9.47 31.04 -69.74
CA LEU A 429 -8.90 29.81 -70.24
C LEU A 429 -7.43 30.01 -70.55
N SER A 430 -6.79 28.95 -71.01
CA SER A 430 -5.39 29.00 -71.40
C SER A 430 -5.25 27.96 -72.47
N ILE A 431 -4.09 27.86 -73.12
CA ILE A 431 -3.96 26.84 -74.17
C ILE A 431 -3.72 25.46 -73.57
N ASN A 432 -4.41 24.55 -74.23
CA ASN A 432 -4.60 23.12 -73.94
C ASN A 432 -3.61 22.13 -74.59
N ILE A 433 -3.84 20.82 -74.41
CA ILE A 433 -3.16 19.69 -75.12
C ILE A 433 -4.09 18.47 -75.35
N ASP A 434 -5.39 18.70 -75.25
CA ASP A 434 -6.39 17.67 -75.55
C ASP A 434 -7.03 18.11 -76.87
N LYS A 435 -6.29 18.96 -77.58
CA LYS A 435 -6.71 19.51 -78.87
C LYS A 435 -5.52 19.51 -79.87
N ASN A 436 -5.74 19.41 -81.20
CA ASN A 436 -7.04 19.37 -81.92
C ASN A 436 -7.97 20.51 -81.57
N THR A 437 -7.59 21.75 -81.94
CA THR A 437 -8.34 22.98 -81.62
C THR A 437 -9.81 22.75 -81.32
N GLU A 438 -10.32 23.42 -80.29
CA GLU A 438 -11.71 23.23 -79.87
C GLU A 438 -12.60 23.41 -81.09
N ARG A 439 -12.19 24.31 -81.98
CA ARG A 439 -12.90 24.50 -83.24
C ARG A 439 -12.81 23.21 -84.05
N ASP A 440 -11.65 22.56 -84.04
CA ASP A 440 -11.44 21.31 -84.78
C ASP A 440 -12.32 20.19 -84.23
N LEU A 441 -12.43 20.13 -82.91
CA LEU A 441 -13.27 19.14 -82.24
C LEU A 441 -14.76 19.36 -82.49
N GLN A 442 -15.18 20.61 -82.31
CA GLN A 442 -16.57 21.01 -82.51
C GLN A 442 -16.94 20.75 -83.96
N LEU A 443 -15.98 21.02 -84.84
CA LEU A 443 -16.11 20.80 -86.27
C LEU A 443 -16.19 19.32 -86.61
N SER A 444 -15.45 18.50 -85.87
CA SER A 444 -15.49 17.05 -86.09
C SER A 444 -16.88 16.58 -85.79
N VAL A 445 -17.39 17.01 -84.64
CA VAL A 445 -18.72 16.61 -84.24
C VAL A 445 -19.69 17.08 -85.31
N GLU A 446 -19.55 18.33 -85.77
CA GLU A 446 -20.48 18.88 -86.77
C GLU A 446 -20.48 18.10 -88.08
N SER A 447 -19.29 17.83 -88.61
CA SER A 447 -19.15 17.11 -89.89
C SER A 447 -19.65 15.67 -89.83
N ALA A 448 -19.29 14.96 -88.78
CA ALA A 448 -19.76 13.59 -88.61
C ALA A 448 -21.24 13.49 -88.27
N ALA A 449 -21.76 14.49 -87.58
CA ALA A 449 -23.15 14.49 -87.11
C ALA A 449 -24.23 14.62 -88.15
N LYS A 450 -23.91 15.20 -89.30
CA LYS A 450 -24.90 15.37 -90.37
C LYS A 450 -25.40 14.02 -90.85
N ARG A 451 -24.54 13.01 -90.76
CA ARG A 451 -24.90 11.65 -91.11
C ARG A 451 -26.02 11.20 -90.18
N LEU A 452 -26.08 11.81 -89.00
CA LEU A 452 -27.14 11.55 -88.04
C LEU A 452 -28.29 12.53 -88.27
N SER A 453 -27.97 13.70 -88.81
CA SER A 453 -28.94 14.75 -89.07
C SER A 453 -29.84 14.35 -90.22
N GLU A 454 -29.45 13.28 -90.91
CA GLU A 454 -30.26 12.72 -91.97
C GLU A 454 -31.55 12.17 -91.33
N GLU A 455 -31.49 11.95 -90.03
CA GLU A 455 -32.57 11.33 -89.27
C GLU A 455 -33.47 12.36 -88.57
N LYS A 456 -33.48 13.59 -89.09
CA LYS A 456 -34.23 14.71 -88.49
C LYS A 456 -33.80 15.06 -87.09
N ILE A 457 -32.49 15.12 -86.87
CA ILE A 457 -31.95 15.41 -85.54
C ILE A 457 -30.81 16.44 -85.52
N GLU A 458 -30.61 17.06 -84.35
CA GLU A 458 -29.54 18.03 -84.12
C GLU A 458 -28.67 17.53 -82.97
N VAL A 459 -27.35 17.74 -83.07
CA VAL A 459 -26.46 17.30 -81.98
C VAL A 459 -26.69 18.19 -80.77
N ILE A 460 -26.69 17.58 -79.59
CA ILE A 460 -26.89 18.35 -78.38
C ILE A 460 -25.59 18.56 -77.57
N ASP A 461 -24.68 17.60 -77.57
CA ASP A 461 -23.43 17.78 -76.80
C ASP A 461 -22.31 16.81 -77.16
N PHE A 462 -21.08 17.09 -76.71
CA PHE A 462 -19.93 16.21 -76.98
C PHE A 462 -18.72 16.36 -76.07
N SER A 463 -17.85 15.34 -76.09
CA SER A 463 -16.59 15.28 -75.36
C SER A 463 -15.69 14.24 -76.00
N SER A 464 -14.52 14.00 -75.42
CA SER A 464 -13.55 13.02 -75.93
C SER A 464 -12.58 12.60 -74.81
N TYR A 465 -11.80 11.54 -75.05
CA TYR A 465 -10.88 11.00 -74.05
C TYR A 465 -9.61 10.35 -74.62
N ILE A 466 -8.43 10.66 -74.07
CA ILE A 466 -7.19 10.04 -74.57
C ILE A 466 -6.84 8.74 -73.83
N ASP A 467 -6.92 7.61 -74.52
CA ASP A 467 -6.65 6.31 -73.88
C ASP A 467 -5.25 5.76 -74.17
N VAL A 468 -4.34 5.94 -73.24
CA VAL A 468 -2.97 5.44 -73.37
C VAL A 468 -2.81 4.09 -72.67
N SER A 469 -3.91 3.46 -72.31
CA SER A 469 -3.87 2.12 -71.76
C SER A 469 -3.47 1.20 -72.90
N THR A 470 -4.13 1.41 -74.04
CA THR A 470 -3.93 0.66 -75.26
C THR A 470 -2.61 0.91 -76.00
N ASP A 471 -2.14 -0.10 -76.71
CA ASP A 471 -0.92 -0.01 -77.50
C ASP A 471 -1.27 -0.34 -78.95
N PRO A 472 -1.27 0.68 -79.83
CA PRO A 472 -0.96 2.07 -79.48
C PRO A 472 -2.12 2.73 -78.76
N GLY A 473 -1.93 3.95 -78.26
CA GLY A 473 -3.00 4.64 -77.58
C GLY A 473 -4.08 5.01 -78.57
N HIS A 474 -5.30 5.24 -78.10
CA HIS A 474 -6.37 5.61 -79.02
C HIS A 474 -7.33 6.57 -78.35
N TYR A 475 -7.82 7.51 -79.13
CA TYR A 475 -8.78 8.49 -78.63
C TYR A 475 -10.17 7.86 -78.59
N ALA A 476 -11.03 8.38 -77.71
CA ALA A 476 -12.40 7.90 -77.61
C ALA A 476 -13.34 9.10 -77.59
N ILE A 477 -14.08 9.29 -78.67
CA ILE A 477 -14.98 10.43 -78.79
C ILE A 477 -16.41 10.16 -78.30
N PHE A 478 -16.93 11.11 -77.52
CA PHE A 478 -18.25 11.02 -76.93
C PHE A 478 -19.27 12.03 -77.45
N TRP A 479 -20.47 11.52 -77.74
CA TRP A 479 -21.55 12.32 -78.30
C TRP A 479 -22.90 12.17 -77.63
N GLU A 480 -23.57 13.29 -77.36
CA GLU A 480 -24.92 13.23 -76.82
C GLU A 480 -25.87 13.71 -77.90
N ILE A 481 -26.80 12.82 -78.25
CA ILE A 481 -27.79 13.05 -79.28
C ILE A 481 -29.22 12.77 -78.83
N SER A 482 -30.15 13.26 -79.64
CA SER A 482 -31.59 13.18 -79.39
C SER A 482 -32.30 11.80 -79.47
N GLY A 483 -31.78 10.85 -80.25
CA GLY A 483 -32.47 9.57 -80.40
C GLY A 483 -31.68 8.34 -80.81
N GLU A 484 -32.36 7.19 -80.85
CA GLU A 484 -31.76 5.90 -81.21
C GLU A 484 -31.70 5.63 -82.72
N THR A 485 -30.57 5.12 -83.19
CA THR A 485 -30.38 4.80 -84.60
C THR A 485 -29.50 3.57 -84.76
N ASN A 486 -29.32 3.14 -86.01
CA ASN A 486 -28.52 1.95 -86.29
C ASN A 486 -27.03 2.19 -86.09
N GLU A 487 -26.26 1.11 -86.11
CA GLU A 487 -24.81 1.15 -85.95
C GLU A 487 -24.03 1.67 -87.15
N ASP A 488 -24.49 1.35 -88.35
CA ASP A 488 -23.75 1.66 -89.57
C ASP A 488 -23.44 3.15 -89.69
N VAL A 489 -24.45 3.97 -89.39
CA VAL A 489 -24.31 5.42 -89.43
C VAL A 489 -23.33 5.90 -88.37
N LEU A 490 -23.33 5.24 -87.22
CA LEU A 490 -22.42 5.56 -86.14
C LEU A 490 -20.98 5.24 -86.51
N GLN A 491 -20.76 4.12 -87.20
CA GLN A 491 -19.41 3.77 -87.64
C GLN A 491 -18.96 4.82 -88.61
N ASP A 492 -19.88 5.20 -89.52
CA ASP A 492 -19.55 6.24 -90.49
C ASP A 492 -19.23 7.54 -89.77
N CYS A 493 -19.93 7.80 -88.67
CA CYS A 493 -19.74 8.98 -87.85
C CYS A 493 -18.34 8.96 -87.24
N CYS A 494 -17.93 7.79 -86.75
CA CYS A 494 -16.61 7.65 -86.15
C CYS A 494 -15.60 7.95 -87.19
N ASN A 495 -15.86 7.42 -88.38
CA ASN A 495 -14.95 7.62 -89.49
C ASN A 495 -14.81 9.09 -89.77
N CYS A 496 -15.93 9.80 -89.88
CA CYS A 496 -15.91 11.23 -90.15
C CYS A 496 -15.26 12.02 -89.01
N LEU A 497 -15.36 11.51 -87.80
CA LEU A 497 -14.74 12.17 -86.65
C LEU A 497 -13.26 12.18 -86.89
N ASP A 498 -12.77 11.04 -87.35
CA ASP A 498 -11.38 10.92 -87.72
C ASP A 498 -11.12 11.77 -88.99
N ARG A 499 -12.12 11.83 -89.87
CA ARG A 499 -12.08 12.52 -91.16
C ARG A 499 -12.16 14.06 -91.05
N ALA A 500 -12.39 14.57 -89.85
CA ALA A 500 -12.51 16.02 -89.66
C ALA A 500 -11.42 16.61 -88.79
N PHE A 501 -10.56 15.77 -88.21
CA PHE A 501 -9.49 16.31 -87.40
C PHE A 501 -8.50 16.77 -88.45
N ILE A 502 -8.82 17.98 -88.93
CA ILE A 502 -8.21 18.58 -90.10
C ILE A 502 -6.68 18.70 -90.18
N ASP A 503 -5.99 18.72 -89.06
CA ASP A 503 -4.53 18.88 -89.07
C ASP A 503 -3.64 17.70 -89.51
N ALA A 504 -2.44 18.05 -89.97
CA ALA A 504 -1.39 17.15 -90.45
C ALA A 504 -0.85 16.23 -89.35
N GLY A 505 -0.87 16.67 -88.09
CA GLY A 505 -0.30 15.87 -87.02
C GLY A 505 -1.04 14.55 -86.84
N TYR A 506 -2.36 14.65 -86.82
CA TYR A 506 -3.22 13.50 -86.68
C TYR A 506 -2.92 12.55 -87.79
N VAL A 507 -2.66 13.17 -88.93
CA VAL A 507 -2.39 12.47 -90.14
C VAL A 507 -1.21 11.59 -89.94
N SER A 508 -0.11 12.18 -89.51
CA SER A 508 1.09 11.40 -89.31
C SER A 508 0.79 10.26 -88.36
N SER A 509 0.06 10.57 -87.29
CA SER A 509 -0.20 9.55 -86.27
C SER A 509 -0.99 8.33 -86.67
N ARG A 510 -2.29 8.52 -86.86
CA ARG A 510 -3.12 7.37 -87.21
C ARG A 510 -2.88 6.83 -88.61
N LYS A 511 -2.36 7.66 -89.51
CA LYS A 511 -2.06 7.15 -90.84
C LYS A 511 -0.96 6.14 -90.58
N CYS A 512 -0.05 6.48 -89.67
CA CYS A 512 0.95 5.49 -89.31
C CYS A 512 0.35 4.42 -88.38
N LYS A 513 -0.21 4.90 -87.25
CA LYS A 513 -0.82 4.12 -86.15
C LYS A 513 0.03 4.09 -84.87
N THR A 514 0.79 5.16 -84.63
CA THR A 514 1.53 5.28 -83.37
C THR A 514 0.48 5.55 -82.31
N ILE A 515 -0.67 6.03 -82.78
CA ILE A 515 -1.85 6.23 -81.94
C ILE A 515 -2.96 5.53 -82.70
N GLY A 516 -3.66 4.63 -82.01
CA GLY A 516 -4.68 3.79 -82.62
C GLY A 516 -5.91 4.51 -83.16
N ALA A 517 -6.73 3.75 -83.88
CA ALA A 517 -7.94 4.27 -84.49
C ALA A 517 -8.88 4.78 -83.40
N LEU A 518 -9.63 5.83 -83.70
CA LEU A 518 -10.55 6.38 -82.71
C LEU A 518 -11.58 5.38 -82.31
N GLU A 519 -11.90 5.35 -81.03
CA GLU A 519 -12.96 4.51 -80.56
C GLU A 519 -14.12 5.46 -80.37
N LEU A 520 -15.18 5.28 -81.15
CA LEU A 520 -16.32 6.16 -80.97
C LEU A 520 -17.30 5.43 -80.09
N ARG A 521 -17.39 5.90 -78.85
CA ARG A 521 -18.33 5.35 -77.92
C ARG A 521 -19.40 6.41 -77.91
N VAL A 522 -20.43 6.24 -78.74
CA VAL A 522 -21.49 7.23 -78.77
C VAL A 522 -22.28 7.21 -77.47
N VAL A 523 -22.53 8.40 -76.93
CA VAL A 523 -23.22 8.50 -75.65
C VAL A 523 -24.72 8.72 -75.81
N ALA A 524 -25.46 8.23 -74.82
CA ALA A 524 -26.91 8.37 -74.76
C ALA A 524 -27.31 9.74 -74.20
N LYS A 525 -28.53 10.18 -74.50
CA LYS A 525 -29.00 11.50 -74.07
C LYS A 525 -28.98 11.68 -72.57
N GLY A 526 -28.62 12.91 -72.18
CA GLY A 526 -28.55 13.32 -70.79
C GLY A 526 -27.27 13.16 -69.99
N THR A 527 -26.25 12.50 -70.53
CA THR A 527 -24.99 12.39 -69.80
C THR A 527 -24.26 13.73 -69.67
N PHE A 528 -24.14 14.45 -70.77
CA PHE A 528 -23.51 15.78 -70.75
C PHE A 528 -24.41 16.70 -69.95
N ARG A 529 -25.71 16.41 -69.99
CA ARG A 529 -26.65 17.16 -69.19
C ARG A 529 -26.27 16.88 -67.75
N LYS A 530 -25.92 15.64 -67.45
CA LYS A 530 -25.48 15.25 -66.11
C LYS A 530 -24.22 16.03 -65.79
N ILE A 531 -23.43 16.36 -66.82
CA ILE A 531 -22.21 17.13 -66.64
C ILE A 531 -22.53 18.55 -66.16
N GLN A 532 -23.41 19.24 -66.89
CA GLN A 532 -23.79 20.59 -66.51
C GLN A 532 -24.43 20.55 -65.11
N GLU A 533 -25.27 19.54 -64.93
CA GLU A 533 -25.98 19.34 -63.68
C GLU A 533 -25.05 19.08 -62.50
N HIS A 534 -24.02 18.27 -62.69
CA HIS A 534 -23.08 18.05 -61.61
C HIS A 534 -22.20 19.28 -61.45
N PHE A 535 -22.29 20.21 -62.40
CA PHE A 535 -21.44 21.39 -62.34
C PHE A 535 -21.96 22.67 -61.68
N LEU A 536 -23.12 23.19 -62.10
CA LEU A 536 -23.62 24.44 -61.52
C LEU A 536 -23.95 24.33 -60.04
N GLY A 537 -24.12 23.10 -59.56
CA GLY A 537 -24.46 22.88 -58.17
C GLY A 537 -23.24 22.67 -57.30
N LEU A 538 -22.07 22.66 -57.93
CA LEU A 538 -20.82 22.49 -57.18
C LEU A 538 -20.68 23.62 -56.18
N GLY A 539 -20.00 23.35 -55.07
CA GLY A 539 -19.89 24.35 -54.03
C GLY A 539 -18.86 25.41 -54.33
N SER A 540 -19.39 26.58 -54.72
CA SER A 540 -18.62 27.77 -55.05
C SER A 540 -19.64 28.81 -55.51
N SER A 541 -19.67 29.07 -56.81
CA SER A 541 -20.59 30.05 -57.38
C SER A 541 -21.01 29.61 -58.78
N ALA A 542 -22.06 30.22 -59.31
CA ALA A 542 -22.67 29.80 -60.58
C ALA A 542 -21.75 29.77 -61.81
N GLY A 543 -20.47 30.10 -61.65
CA GLY A 543 -19.55 30.05 -62.76
C GLY A 543 -18.95 28.66 -62.89
N GLN A 544 -19.80 27.70 -63.28
CA GLN A 544 -19.35 26.33 -63.39
C GLN A 544 -19.84 25.60 -64.62
N PHE A 545 -19.89 26.28 -65.76
CA PHE A 545 -20.40 25.63 -66.97
C PHE A 545 -19.50 25.37 -68.17
N LYS A 546 -18.22 25.73 -68.13
CA LYS A 546 -17.41 25.44 -69.31
C LYS A 546 -17.01 23.97 -69.20
N MET A 547 -17.66 23.15 -70.02
CA MET A 547 -17.47 21.71 -70.04
C MET A 547 -16.26 21.32 -70.90
N PRO A 548 -15.24 20.72 -70.26
CA PRO A 548 -14.05 20.36 -71.04
C PRO A 548 -14.36 19.34 -72.13
N ARG A 549 -14.03 19.71 -73.36
CA ARG A 549 -14.28 18.91 -74.56
C ARG A 549 -13.47 17.62 -74.80
N CYS A 550 -12.23 17.52 -74.31
CA CYS A 550 -11.45 16.29 -74.51
C CYS A 550 -10.67 15.94 -73.24
N VAL A 551 -10.50 14.65 -72.98
CA VAL A 551 -9.84 14.21 -71.75
C VAL A 551 -8.38 13.75 -71.80
N LYS A 552 -7.59 14.41 -70.97
CA LYS A 552 -6.20 14.04 -70.74
C LYS A 552 -6.43 13.22 -69.47
N PRO A 553 -5.65 12.15 -69.22
CA PRO A 553 -5.89 11.24 -68.08
C PRO A 553 -6.52 11.86 -66.82
N SER A 554 -6.45 13.18 -66.71
CA SER A 554 -6.90 13.90 -65.53
C SER A 554 -8.33 14.47 -65.57
N ASN A 555 -9.21 13.93 -66.42
CA ASN A 555 -10.61 14.36 -66.40
C ASN A 555 -11.44 13.17 -65.94
N ALA A 556 -12.26 13.36 -64.91
CA ALA A 556 -12.98 12.24 -64.30
C ALA A 556 -14.51 12.14 -64.29
N LYS A 557 -15.22 13.24 -64.07
CA LYS A 557 -16.67 13.13 -64.00
C LYS A 557 -17.26 12.61 -65.30
N VAL A 558 -16.91 13.21 -66.43
CA VAL A 558 -17.42 12.68 -67.70
C VAL A 558 -16.75 11.28 -67.90
N LEU A 559 -15.61 11.05 -67.24
CA LEU A 559 -14.88 9.78 -67.34
C LEU A 559 -15.67 8.67 -66.66
N GLN A 560 -16.26 8.97 -65.51
CA GLN A 560 -17.11 7.96 -64.87
C GLN A 560 -18.32 7.78 -65.75
N ILE A 561 -18.66 8.87 -66.42
CA ILE A 561 -19.79 8.92 -67.33
C ILE A 561 -19.27 8.49 -68.71
N LEU A 562 -18.16 7.76 -68.72
CA LEU A 562 -17.57 7.30 -69.99
C LEU A 562 -17.80 5.85 -70.43
N CYS A 563 -17.26 4.89 -69.69
CA CYS A 563 -17.27 3.48 -70.12
C CYS A 563 -18.53 2.61 -70.21
N GLU A 564 -19.34 2.50 -69.14
CA GLU A 564 -20.49 1.57 -69.18
C GLU A 564 -21.62 1.79 -70.18
N ASN A 565 -22.14 3.00 -70.30
CA ASN A 565 -23.25 3.18 -71.24
C ASN A 565 -22.82 3.39 -72.66
N VAL A 566 -22.07 2.44 -73.19
CA VAL A 566 -21.66 2.53 -74.56
C VAL A 566 -22.86 1.99 -75.33
N VAL A 567 -23.71 2.90 -75.80
CA VAL A 567 -24.86 2.49 -76.59
C VAL A 567 -24.26 1.76 -77.79
N SER A 568 -23.06 2.19 -78.16
CA SER A 568 -22.23 1.53 -79.16
C SER A 568 -20.81 2.11 -79.07
N SER A 569 -19.80 1.24 -79.20
CA SER A 569 -18.41 1.67 -79.19
C SER A 569 -17.68 0.96 -80.33
N TYR A 570 -17.15 1.72 -81.28
CA TYR A 570 -16.47 1.11 -82.43
C TYR A 570 -15.14 1.70 -82.86
N PHE A 571 -14.28 0.81 -83.33
CA PHE A 571 -12.96 1.14 -83.83
C PHE A 571 -13.13 1.27 -85.34
N SER A 572 -12.58 2.33 -85.94
CA SER A 572 -12.82 2.59 -87.36
C SER A 572 -12.48 1.39 -88.24
N THR A 573 -13.47 0.92 -88.98
CA THR A 573 -13.28 -0.21 -89.89
C THR A 573 -12.42 0.24 -91.06
N ALA A 574 -12.35 1.55 -91.24
CA ALA A 574 -11.47 2.12 -92.25
C ALA A 574 -10.11 2.11 -91.59
N PHE A 575 -9.11 2.72 -92.21
CA PHE A 575 -7.76 2.77 -91.62
C PHE A 575 -7.17 1.36 -91.47
N LEU B 10 28.73 -0.34 -35.93
CA LEU B 10 27.69 -0.80 -36.84
C LEU B 10 26.69 -1.70 -36.10
N PRO B 11 25.43 -1.24 -36.00
CA PRO B 11 24.34 -1.90 -35.26
C PRO B 11 24.02 -3.30 -35.76
N ILE B 12 23.60 -4.17 -34.85
CA ILE B 12 23.29 -5.56 -35.23
C ILE B 12 21.79 -5.86 -35.17
N LEU B 13 21.25 -6.46 -36.23
CA LEU B 13 19.84 -6.83 -36.22
C LEU B 13 19.64 -8.34 -36.28
N LEU B 14 19.04 -8.90 -35.24
CA LEU B 14 18.71 -10.31 -35.19
C LEU B 14 17.24 -10.42 -35.55
N ASP B 15 16.96 -10.91 -36.76
CA ASP B 15 15.58 -11.01 -37.24
C ASP B 15 15.26 -12.23 -38.12
N TYR B 16 13.99 -12.29 -38.53
CA TYR B 16 13.45 -13.33 -39.39
C TYR B 16 12.99 -12.72 -40.71
N TRP B 17 13.46 -13.26 -41.83
CA TRP B 17 13.13 -12.73 -43.15
C TRP B 17 11.62 -12.77 -43.49
N PRO B 18 10.83 -13.65 -42.84
CA PRO B 18 9.41 -13.53 -43.18
C PRO B 18 8.64 -12.77 -42.10
N SER B 19 9.26 -12.58 -40.94
CA SER B 19 8.61 -11.90 -39.82
C SER B 19 8.33 -10.42 -40.10
N MET B 20 7.05 -10.08 -40.01
CA MET B 20 6.54 -8.73 -40.27
C MET B 20 7.13 -7.70 -39.32
N PHE B 21 7.22 -8.06 -38.05
CA PHE B 21 7.72 -7.15 -37.03
C PHE B 21 9.20 -6.80 -37.27
N GLY B 22 10.00 -7.83 -37.56
CA GLY B 22 11.41 -7.63 -37.86
C GLY B 22 11.48 -6.71 -39.07
N MET B 23 10.53 -6.91 -39.97
CA MET B 23 10.43 -6.11 -41.18
C MET B 23 10.19 -4.66 -40.81
N ARG B 24 9.42 -4.43 -39.76
CA ARG B 24 9.14 -3.06 -39.32
C ARG B 24 10.49 -2.44 -38.96
N ALA B 25 11.31 -3.23 -38.26
CA ALA B 25 12.63 -2.73 -37.88
C ALA B 25 13.50 -2.39 -39.09
N ARG B 26 13.51 -3.30 -40.07
CA ARG B 26 14.31 -3.10 -41.27
C ARG B 26 13.86 -1.85 -42.01
N VAL B 27 12.54 -1.67 -42.08
CA VAL B 27 11.96 -0.52 -42.74
C VAL B 27 12.39 0.76 -42.05
N ALA B 28 12.46 0.74 -40.73
CA ALA B 28 12.87 1.93 -40.00
C ALA B 28 14.34 2.29 -40.20
N LEU B 29 15.22 1.33 -39.93
CA LEU B 29 16.67 1.55 -40.09
C LEU B 29 17.02 1.94 -41.53
N ARG B 30 16.33 1.37 -42.50
CA ARG B 30 16.55 1.73 -43.90
C ARG B 30 15.93 3.10 -44.23
N GLU B 31 14.78 3.38 -43.64
CA GLU B 31 14.05 4.62 -43.90
C GLU B 31 14.81 5.85 -43.46
N LYS B 32 15.55 5.75 -42.36
CA LYS B 32 16.25 6.96 -41.93
C LYS B 32 17.51 7.13 -42.77
N GLY B 33 18.57 6.40 -42.45
CA GLY B 33 19.80 6.47 -43.21
C GLY B 33 20.92 5.82 -42.46
N VAL B 34 20.69 4.59 -42.00
CA VAL B 34 21.66 3.86 -41.21
C VAL B 34 22.16 2.59 -41.86
N GLU B 35 23.48 2.45 -41.96
CA GLU B 35 24.03 1.22 -42.47
C GLU B 35 23.85 0.26 -41.29
N PHE B 36 23.31 -0.92 -41.53
CA PHE B 36 23.16 -1.87 -40.44
C PHE B 36 23.33 -3.29 -40.95
N GLU B 37 23.77 -4.19 -40.08
CA GLU B 37 24.02 -5.56 -40.48
C GLU B 37 22.86 -6.51 -40.14
N TYR B 38 22.59 -7.40 -41.09
CA TYR B 38 21.50 -8.37 -40.99
C TYR B 38 21.96 -9.72 -40.46
N ARG B 39 21.18 -10.26 -39.54
CA ARG B 39 21.43 -11.58 -38.97
C ARG B 39 20.15 -12.40 -38.97
N GLU B 40 20.22 -13.58 -39.59
CA GLU B 40 19.08 -14.49 -39.65
C GLU B 40 19.14 -15.41 -38.44
N GLU B 41 18.00 -15.61 -37.79
CA GLU B 41 17.95 -16.44 -36.60
C GLU B 41 17.25 -17.78 -36.77
N ASP B 42 17.99 -18.85 -36.50
CA ASP B 42 17.43 -20.18 -36.61
C ASP B 42 16.70 -20.40 -35.28
N PHE B 43 15.37 -20.46 -35.30
CA PHE B 43 14.62 -20.66 -34.08
C PHE B 43 14.97 -22.02 -33.48
N SER B 44 15.35 -22.93 -34.36
CA SER B 44 15.81 -24.23 -33.95
C SER B 44 17.17 -24.11 -33.26
N ASN B 45 18.04 -23.27 -33.83
CA ASN B 45 19.39 -23.07 -33.29
C ASN B 45 19.66 -21.59 -33.08
N LYS B 46 18.92 -20.99 -32.16
CA LYS B 46 19.03 -19.55 -31.89
C LYS B 46 20.45 -19.20 -31.50
N SER B 47 20.97 -18.15 -32.14
CA SER B 47 22.35 -17.70 -31.97
C SER B 47 22.70 -17.37 -30.52
N PRO B 48 24.00 -17.46 -30.16
CA PRO B 48 24.42 -17.18 -28.79
C PRO B 48 24.11 -15.75 -28.37
N LEU B 49 24.36 -14.80 -29.26
CA LEU B 49 24.05 -13.40 -28.97
C LEU B 49 22.55 -13.24 -28.79
N LEU B 50 21.78 -14.08 -29.46
CA LEU B 50 20.33 -14.06 -29.31
C LEU B 50 19.92 -14.56 -27.92
N LEU B 51 20.57 -15.63 -27.47
CA LEU B 51 20.26 -16.20 -26.16
C LEU B 51 20.66 -15.21 -25.06
N GLN B 52 21.79 -14.54 -25.24
CA GLN B 52 22.25 -13.54 -24.30
C GLN B 52 21.44 -12.23 -24.31
N SER B 53 21.06 -11.75 -25.49
CA SER B 53 20.28 -10.52 -25.58
C SER B 53 18.85 -10.71 -25.07
N ASN B 54 18.18 -11.75 -25.56
CA ASN B 54 16.81 -12.05 -25.13
C ASN B 54 16.65 -13.50 -24.68
N PRO B 55 17.04 -13.79 -23.43
CA PRO B 55 16.93 -15.15 -22.92
C PRO B 55 15.52 -15.53 -22.45
N ILE B 56 14.62 -14.56 -22.38
CA ILE B 56 13.27 -14.83 -21.87
C ILE B 56 12.23 -15.17 -22.94
N HIS B 57 12.00 -14.23 -23.83
CA HIS B 57 11.06 -14.41 -24.93
C HIS B 57 11.74 -15.08 -26.10
N LYS B 58 13.03 -14.81 -26.25
CA LYS B 58 13.85 -15.34 -27.33
C LYS B 58 13.26 -14.91 -28.66
N LYS B 59 12.66 -13.72 -28.67
CA LYS B 59 12.00 -13.14 -29.84
C LYS B 59 12.82 -12.14 -30.65
N ILE B 60 12.23 -11.65 -31.74
CA ILE B 60 12.88 -10.72 -32.64
C ILE B 60 11.89 -9.60 -33.03
N PRO B 61 12.39 -8.48 -33.61
CA PRO B 61 13.79 -8.18 -33.93
C PRO B 61 14.60 -7.73 -32.71
N VAL B 62 15.91 -7.96 -32.78
CA VAL B 62 16.81 -7.60 -31.68
C VAL B 62 17.92 -6.71 -32.23
N LEU B 63 17.98 -5.48 -31.74
CA LEU B 63 18.96 -4.53 -32.24
C LEU B 63 20.03 -4.18 -31.22
N VAL B 64 21.21 -4.77 -31.34
CA VAL B 64 22.28 -4.44 -30.42
C VAL B 64 22.94 -3.17 -30.91
N HIS B 65 22.88 -2.13 -30.07
CA HIS B 65 23.44 -0.81 -30.38
C HIS B 65 24.30 -0.32 -29.22
N ASN B 66 25.55 0.01 -29.52
CA ASN B 66 26.51 0.49 -28.53
C ASN B 66 26.74 -0.55 -27.44
N GLY B 67 26.42 -1.80 -27.78
CA GLY B 67 26.54 -2.92 -26.88
C GLY B 67 25.29 -3.30 -26.10
N LYS B 68 24.24 -2.50 -26.25
CA LYS B 68 22.96 -2.78 -25.59
C LYS B 68 21.84 -2.94 -26.61
N PRO B 69 21.18 -4.12 -26.60
CA PRO B 69 20.10 -4.59 -27.48
C PRO B 69 18.70 -4.06 -27.21
N VAL B 70 17.93 -3.94 -28.29
CA VAL B 70 16.54 -3.51 -28.23
C VAL B 70 15.67 -4.64 -28.78
N CYS B 71 14.71 -5.10 -28.00
CA CYS B 71 13.86 -6.20 -28.44
C CYS B 71 12.46 -5.70 -28.68
N GLU B 72 11.70 -6.43 -29.50
CA GLU B 72 10.31 -6.11 -29.90
C GLU B 72 10.39 -5.16 -31.09
N SER B 73 9.42 -5.26 -31.99
CA SER B 73 9.42 -4.40 -33.19
C SER B 73 9.16 -2.91 -32.99
N LEU B 74 8.05 -2.58 -32.36
CA LEU B 74 7.71 -1.17 -32.13
C LEU B 74 8.77 -0.54 -31.24
N ASN B 75 9.33 -1.33 -30.34
CA ASN B 75 10.38 -0.85 -29.45
C ASN B 75 11.65 -0.48 -30.22
N VAL B 76 12.05 -1.32 -31.17
CA VAL B 76 13.23 -1.05 -31.98
C VAL B 76 12.99 0.19 -32.84
N VAL B 77 11.81 0.25 -33.45
CA VAL B 77 11.47 1.37 -34.32
C VAL B 77 11.47 2.71 -33.56
N GLN B 78 10.78 2.72 -32.42
CA GLN B 78 10.71 3.91 -31.60
C GLN B 78 12.10 4.29 -31.11
N TYR B 79 12.88 3.28 -30.76
CA TYR B 79 14.25 3.48 -30.28
C TYR B 79 15.03 4.19 -31.36
N VAL B 80 14.74 3.82 -32.61
CA VAL B 80 15.37 4.42 -33.78
C VAL B 80 14.96 5.89 -33.91
N ASP B 81 13.66 6.16 -33.77
CA ASP B 81 13.17 7.53 -33.91
C ASP B 81 13.78 8.44 -32.84
N GLU B 82 13.78 7.99 -31.60
CA GLU B 82 14.34 8.74 -30.49
C GLU B 82 15.88 8.90 -30.51
N ALA B 83 16.59 7.86 -30.95
CA ALA B 83 18.06 7.88 -30.99
C ALA B 83 18.64 8.87 -32.00
N TRP B 84 18.07 8.87 -33.20
CA TRP B 84 18.54 9.77 -34.27
C TRP B 84 17.36 10.58 -34.79
N PRO B 85 16.84 11.52 -33.97
CA PRO B 85 15.72 12.36 -34.39
C PRO B 85 16.12 13.68 -35.05
N GLU B 86 16.72 13.61 -36.23
CA GLU B 86 17.15 14.81 -36.96
C GLU B 86 16.64 14.94 -38.39
N LYS B 87 16.33 13.81 -39.03
CA LYS B 87 15.95 13.87 -40.42
C LYS B 87 14.47 13.70 -40.68
N ASN B 88 14.05 12.45 -40.80
CA ASN B 88 12.66 12.11 -41.04
C ASN B 88 12.00 11.56 -39.78
N PRO B 89 11.35 12.45 -39.01
CA PRO B 89 10.68 12.00 -37.79
C PRO B 89 9.39 11.21 -38.06
N PHE B 90 9.27 10.06 -37.41
CA PHE B 90 8.08 9.23 -37.53
C PHE B 90 6.88 9.86 -36.83
N PHE B 91 7.13 10.62 -35.78
CA PHE B 91 6.07 11.23 -34.99
C PHE B 91 5.78 12.70 -35.33
N PRO B 92 4.54 13.14 -35.07
CA PRO B 92 4.18 14.54 -35.22
C PRO B 92 4.70 15.31 -34.01
N SER B 93 4.75 16.64 -34.06
CA SER B 93 5.32 17.44 -32.97
C SER B 93 4.64 17.40 -31.59
N ASP B 94 3.32 17.28 -31.56
CA ASP B 94 2.53 17.30 -30.31
C ASP B 94 2.25 15.94 -29.69
N PRO B 95 1.99 15.91 -28.36
CA PRO B 95 1.75 14.64 -27.67
C PRO B 95 0.55 13.84 -28.21
N TYR B 96 -0.53 14.53 -28.56
CA TYR B 96 -1.74 13.89 -29.09
C TYR B 96 -1.52 13.17 -30.43
N GLY B 97 -0.67 13.72 -31.28
CA GLY B 97 -0.38 13.08 -32.55
C GLY B 97 0.33 11.76 -32.34
N ARG B 98 1.35 11.79 -31.47
CA ARG B 98 2.08 10.58 -31.12
C ARG B 98 1.07 9.62 -30.51
N ALA B 99 0.08 10.19 -29.82
CA ALA B 99 -0.97 9.41 -29.18
C ALA B 99 -1.80 8.65 -30.21
N GLN B 100 -2.14 9.31 -31.31
CA GLN B 100 -2.88 8.66 -32.38
C GLN B 100 -2.04 7.55 -32.96
N ALA B 101 -0.74 7.84 -33.10
CA ALA B 101 0.19 6.87 -33.64
C ALA B 101 0.27 5.63 -32.76
N ARG B 102 0.30 5.83 -31.45
CA ARG B 102 0.34 4.74 -30.48
C ARG B 102 -0.94 3.91 -30.36
N PHE B 103 -2.09 4.59 -30.36
CA PHE B 103 -3.37 3.90 -30.27
C PHE B 103 -3.54 3.02 -31.49
N TRP B 104 -3.28 3.60 -32.65
CA TRP B 104 -3.37 2.86 -33.89
C TRP B 104 -2.26 1.80 -34.03
N ALA B 105 -1.07 2.07 -33.51
CA ALA B 105 0.00 1.08 -33.59
C ALA B 105 -0.41 -0.14 -32.78
N ASP B 106 -0.88 0.08 -31.56
CA ASP B 106 -1.34 -1.03 -30.72
C ASP B 106 -2.49 -1.74 -31.42
N PHE B 107 -3.31 -0.99 -32.16
CA PHE B 107 -4.39 -1.63 -32.90
C PHE B 107 -3.81 -2.57 -33.94
N VAL B 108 -2.79 -2.10 -34.65
CA VAL B 108 -2.16 -2.88 -35.71
C VAL B 108 -1.48 -4.14 -35.19
N ASP B 109 -0.76 -4.02 -34.09
CA ASP B 109 -0.02 -5.14 -33.53
C ASP B 109 -0.80 -6.20 -32.77
N LYS B 110 -2.05 -5.93 -32.42
CA LYS B 110 -2.81 -6.90 -31.64
C LYS B 110 -4.04 -7.44 -32.35
N LYS B 111 -5.16 -6.74 -32.27
CA LYS B 111 -6.40 -7.23 -32.87
C LYS B 111 -6.21 -7.50 -34.37
N PHE B 112 -5.55 -6.57 -35.05
CA PHE B 112 -5.29 -6.70 -36.47
C PHE B 112 -4.39 -7.90 -36.76
N THR B 113 -3.31 -7.99 -35.98
CA THR B 113 -2.34 -9.07 -36.11
C THR B 113 -2.90 -10.44 -35.72
N ASP B 114 -3.74 -10.48 -34.70
CA ASP B 114 -4.35 -11.74 -34.31
C ASP B 114 -5.34 -12.18 -35.39
N ALA B 115 -6.12 -11.24 -35.92
CA ALA B 115 -7.07 -11.58 -36.97
C ALA B 115 -6.35 -12.12 -38.21
N GLN B 116 -5.32 -11.41 -38.68
CA GLN B 116 -4.56 -11.88 -39.83
C GLN B 116 -3.91 -13.23 -39.51
N PHE B 117 -3.56 -13.41 -38.23
CA PHE B 117 -2.94 -14.65 -37.77
C PHE B 117 -3.91 -15.80 -37.98
N LYS B 118 -5.18 -15.52 -37.70
CA LYS B 118 -6.23 -16.50 -37.90
C LYS B 118 -6.31 -16.78 -39.39
N VAL B 119 -6.18 -15.74 -40.20
CA VAL B 119 -6.28 -15.93 -41.63
C VAL B 119 -5.19 -16.82 -42.24
N TRP B 120 -3.92 -16.46 -42.07
CA TRP B 120 -2.83 -17.28 -42.63
C TRP B 120 -2.54 -18.60 -41.90
N GLY B 121 -2.66 -18.60 -40.58
CA GLY B 121 -2.30 -19.78 -39.81
C GLY B 121 -3.38 -20.70 -39.27
N LYS B 122 -4.62 -20.57 -39.74
CA LYS B 122 -5.69 -21.40 -39.20
C LYS B 122 -6.70 -21.93 -40.22
N LYS B 123 -7.40 -22.99 -39.83
CA LYS B 123 -8.42 -23.64 -40.65
C LYS B 123 -9.79 -23.61 -39.98
N GLY B 124 -10.83 -23.88 -40.77
CA GLY B 124 -12.20 -23.91 -40.26
C GLY B 124 -12.82 -22.60 -39.81
N GLU B 125 -13.33 -22.60 -38.58
CA GLU B 125 -14.05 -21.45 -38.02
C GLU B 125 -13.26 -20.15 -37.87
N GLU B 126 -12.06 -20.22 -37.28
CA GLU B 126 -11.24 -19.03 -37.12
C GLU B 126 -10.80 -18.40 -38.43
N GLN B 127 -10.75 -19.19 -39.51
CA GLN B 127 -10.39 -18.60 -40.79
C GLN B 127 -11.50 -17.69 -41.35
N GLU B 128 -12.75 -18.14 -41.25
CA GLU B 128 -13.92 -17.35 -41.67
C GLU B 128 -14.19 -16.18 -40.74
N ALA B 129 -14.20 -16.47 -39.44
CA ALA B 129 -14.39 -15.41 -38.46
C ALA B 129 -13.23 -14.46 -38.64
N GLY B 130 -12.06 -15.03 -38.93
CA GLY B 130 -10.83 -14.28 -39.14
C GLY B 130 -10.99 -13.37 -40.34
N LYS B 131 -11.68 -13.88 -41.35
CA LYS B 131 -11.93 -13.11 -42.56
C LYS B 131 -12.78 -11.91 -42.21
N LYS B 132 -13.83 -12.14 -41.42
CA LYS B 132 -14.72 -11.05 -40.99
C LYS B 132 -13.97 -10.01 -40.17
N GLU B 133 -13.19 -10.48 -39.20
CA GLU B 133 -12.44 -9.62 -38.31
C GLU B 133 -11.45 -8.79 -39.09
N PHE B 134 -10.80 -9.44 -40.04
CA PHE B 134 -9.81 -8.77 -40.87
C PHE B 134 -10.43 -7.70 -41.75
N ILE B 135 -11.58 -7.98 -42.34
CA ILE B 135 -12.26 -7.00 -43.18
C ILE B 135 -12.76 -5.80 -42.38
N GLU B 136 -13.43 -6.06 -41.27
CA GLU B 136 -13.92 -4.96 -40.46
C GLU B 136 -12.74 -4.16 -39.95
N ALA B 137 -11.65 -4.85 -39.61
CA ALA B 137 -10.46 -4.17 -39.11
C ALA B 137 -9.87 -3.25 -40.17
N VAL B 138 -9.73 -3.74 -41.39
CA VAL B 138 -9.18 -2.91 -42.45
C VAL B 138 -10.09 -1.72 -42.75
N LYS B 139 -11.40 -1.90 -42.68
CA LYS B 139 -12.30 -0.75 -42.91
C LYS B 139 -12.28 0.26 -41.74
N ILE B 140 -12.18 -0.21 -40.50
CA ILE B 140 -12.06 0.72 -39.36
C ILE B 140 -10.74 1.48 -39.46
N LEU B 141 -9.67 0.80 -39.83
CA LEU B 141 -8.37 1.43 -40.01
C LEU B 141 -8.43 2.39 -41.18
N GLU B 142 -9.20 2.03 -42.19
CA GLU B 142 -9.43 2.84 -43.37
C GLU B 142 -10.19 4.10 -42.94
N SER B 143 -11.19 3.91 -42.07
CA SER B 143 -12.05 5.00 -41.60
C SER B 143 -11.28 6.01 -40.76
N GLU B 144 -10.54 5.54 -39.77
CA GLU B 144 -9.81 6.43 -38.87
C GLU B 144 -8.86 7.29 -39.67
N LEU B 145 -8.24 6.66 -40.65
CA LEU B 145 -7.27 7.33 -41.50
C LEU B 145 -7.97 8.46 -42.24
N GLY B 146 -9.30 8.38 -42.26
CA GLY B 146 -10.15 9.39 -42.89
C GLY B 146 -9.77 9.47 -44.34
N ASP B 147 -8.65 10.15 -44.59
CA ASP B 147 -7.99 10.26 -45.89
C ASP B 147 -6.57 10.76 -45.70
N LYS B 148 -5.70 9.91 -45.16
CA LYS B 148 -4.28 10.23 -44.94
C LYS B 148 -3.46 9.44 -45.94
N PRO B 149 -2.56 10.11 -46.68
CA PRO B 149 -1.72 9.37 -47.61
C PRO B 149 -0.83 8.39 -46.87
N TYR B 150 -0.34 8.84 -45.71
CA TYR B 150 0.48 8.03 -44.84
C TYR B 150 -0.26 7.82 -43.53
N PHE B 151 0.47 7.68 -42.44
CA PHE B 151 -0.16 7.43 -41.15
C PHE B 151 0.15 8.41 -40.02
N GLY B 152 1.36 8.33 -39.46
CA GLY B 152 1.80 9.16 -38.36
C GLY B 152 2.00 10.66 -38.53
N GLY B 153 2.46 11.09 -39.69
CA GLY B 153 2.74 12.50 -39.92
C GLY B 153 2.69 12.82 -41.39
N ASP B 154 3.15 14.01 -41.76
CA ASP B 154 3.09 14.47 -43.15
C ASP B 154 3.84 13.58 -44.14
N SER B 155 4.61 12.63 -43.62
CA SER B 155 5.32 11.69 -44.47
C SER B 155 5.28 10.32 -43.82
N PHE B 156 6.39 9.59 -43.92
CA PHE B 156 6.43 8.24 -43.36
C PHE B 156 6.22 8.32 -41.84
N GLY B 157 5.31 7.50 -41.34
CA GLY B 157 4.93 7.46 -39.93
C GLY B 157 5.31 6.24 -39.12
N TYR B 158 5.15 6.35 -37.82
CA TYR B 158 5.43 5.25 -36.89
C TYR B 158 4.50 4.06 -37.12
N VAL B 159 3.20 4.34 -37.18
CA VAL B 159 2.16 3.35 -37.46
C VAL B 159 2.25 2.97 -38.95
N ASP B 160 2.90 3.83 -39.73
CA ASP B 160 3.13 3.57 -41.16
C ASP B 160 4.02 2.35 -41.18
N ILE B 161 5.05 2.43 -40.33
CA ILE B 161 5.99 1.35 -40.14
C ILE B 161 5.27 0.13 -39.58
N SER B 162 4.34 0.40 -38.67
CA SER B 162 3.60 -0.66 -37.99
C SER B 162 2.77 -1.54 -38.92
N LEU B 163 2.11 -0.94 -39.90
CA LEU B 163 1.24 -1.71 -40.79
C LEU B 163 1.81 -2.02 -42.18
N ILE B 164 2.90 -1.35 -42.57
CA ILE B 164 3.46 -1.58 -43.90
C ILE B 164 3.93 -3.02 -44.10
N THR B 165 4.43 -3.63 -43.04
CA THR B 165 4.96 -4.99 -43.11
C THR B 165 3.88 -6.05 -43.32
N PHE B 166 2.64 -5.64 -43.16
CA PHE B 166 1.51 -6.54 -43.37
C PHE B 166 1.10 -6.45 -44.84
N SER B 167 1.67 -5.46 -45.52
CA SER B 167 1.45 -5.26 -46.95
C SER B 167 2.29 -6.26 -47.74
N SER B 168 3.22 -6.90 -47.05
CA SER B 168 3.99 -7.96 -47.65
C SER B 168 3.22 -9.25 -47.41
N TRP B 169 2.17 -9.14 -46.61
CA TRP B 169 1.30 -10.26 -46.28
C TRP B 169 -0.11 -10.15 -46.84
N PHE B 170 -0.38 -9.06 -47.55
CA PHE B 170 -1.67 -8.86 -48.18
C PHE B 170 -1.94 -9.94 -49.22
N GLN B 171 -0.89 -10.40 -49.89
CA GLN B 171 -1.01 -11.44 -50.90
C GLN B 171 -1.46 -12.77 -50.31
N ALA B 172 -0.85 -13.17 -49.20
CA ALA B 172 -1.19 -14.43 -48.55
C ALA B 172 -2.62 -14.45 -48.06
N TYR B 173 -3.10 -13.32 -47.56
CA TYR B 173 -4.50 -13.18 -47.12
C TYR B 173 -5.45 -13.14 -48.31
N GLU B 174 -4.99 -12.53 -49.38
CA GLU B 174 -5.77 -12.42 -50.60
C GLU B 174 -5.93 -13.81 -51.23
N LYS B 175 -4.99 -14.72 -50.96
CA LYS B 175 -5.09 -16.08 -51.49
C LYS B 175 -5.67 -17.10 -50.48
N PHE B 176 -5.19 -17.08 -49.25
CA PHE B 176 -5.67 -17.92 -48.16
C PHE B 176 -7.03 -17.52 -47.64
N GLY B 177 -7.24 -16.22 -47.52
CA GLY B 177 -8.51 -15.71 -47.05
C GLY B 177 -9.50 -15.62 -48.19
N ASN B 178 -8.98 -15.74 -49.41
CA ASN B 178 -9.81 -15.72 -50.62
C ASN B 178 -10.65 -14.47 -50.70
N PHE B 179 -10.10 -13.39 -50.19
CA PHE B 179 -10.76 -12.11 -50.22
C PHE B 179 -9.94 -11.19 -51.10
N SER B 180 -10.52 -10.06 -51.49
CA SER B 180 -9.77 -9.09 -52.24
C SER B 180 -9.79 -7.86 -51.38
N ILE B 181 -8.74 -7.67 -50.58
CA ILE B 181 -8.67 -6.52 -49.69
C ILE B 181 -8.51 -5.23 -50.48
N GLU B 182 -8.45 -5.37 -51.81
CA GLU B 182 -8.36 -4.19 -52.64
C GLU B 182 -9.77 -3.81 -53.07
N SER B 183 -10.47 -4.65 -53.82
CA SER B 183 -11.79 -4.24 -54.31
C SER B 183 -12.74 -3.80 -53.19
N GLU B 184 -12.63 -4.41 -52.01
CA GLU B 184 -13.46 -4.03 -50.88
C GLU B 184 -12.90 -2.84 -50.06
N SER B 185 -11.59 -2.60 -50.18
CA SER B 185 -10.92 -1.47 -49.53
C SER B 185 -9.61 -1.17 -50.24
N PRO B 186 -9.69 -0.69 -51.49
CA PRO B 186 -8.49 -0.48 -52.31
C PRO B 186 -7.50 0.48 -51.71
N LYS B 187 -8.01 1.51 -51.07
CA LYS B 187 -7.22 2.60 -50.55
C LYS B 187 -6.11 2.14 -49.60
N LEU B 188 -6.34 1.07 -48.84
CA LEU B 188 -5.30 0.56 -47.92
C LEU B 188 -4.14 -0.15 -48.64
N ILE B 189 -4.45 -1.12 -49.51
CA ILE B 189 -3.42 -1.83 -50.26
C ILE B 189 -2.68 -0.81 -51.11
N ALA B 190 -3.47 0.10 -51.65
CA ALA B 190 -2.98 1.19 -52.47
C ALA B 190 -2.07 2.11 -51.66
N TRP B 191 -2.40 2.26 -50.38
CA TRP B 191 -1.59 3.06 -49.47
C TRP B 191 -0.25 2.35 -49.45
N ALA B 192 -0.31 1.01 -49.38
CA ALA B 192 0.90 0.20 -49.36
C ALA B 192 1.73 0.33 -50.63
N LYS B 193 1.09 0.45 -51.79
CA LYS B 193 1.84 0.57 -53.05
C LYS B 193 2.33 2.00 -53.23
N ARG B 194 1.90 2.90 -52.35
CA ARG B 194 2.49 4.23 -52.37
C ARG B 194 3.77 4.03 -51.60
N CYS B 195 3.64 3.41 -50.42
CA CYS B 195 4.80 3.20 -49.56
C CYS B 195 5.89 2.32 -50.22
N MET B 196 5.49 1.48 -51.17
CA MET B 196 6.43 0.60 -51.86
C MET B 196 7.38 1.35 -52.80
N GLU B 197 7.00 2.57 -53.17
CA GLU B 197 7.84 3.37 -54.07
C GLU B 197 9.12 3.85 -53.37
N LYS B 198 9.13 3.82 -52.04
CA LYS B 198 10.32 4.20 -51.30
C LYS B 198 11.17 2.92 -51.23
N GLU B 199 12.48 3.07 -51.12
CA GLU B 199 13.36 1.91 -51.12
C GLU B 199 13.49 1.22 -49.75
N SER B 200 12.93 1.82 -48.72
CA SER B 200 13.00 1.24 -47.38
C SER B 200 12.21 -0.06 -47.30
N VAL B 201 10.99 -0.05 -47.84
CA VAL B 201 10.14 -1.24 -47.87
C VAL B 201 10.45 -2.07 -49.10
N SER B 202 10.95 -1.38 -50.13
CA SER B 202 11.32 -2.02 -51.37
C SER B 202 12.55 -2.91 -51.18
N LYS B 203 13.21 -2.76 -50.03
CA LYS B 203 14.41 -3.55 -49.73
C LYS B 203 14.36 -4.24 -48.37
N SER B 204 13.43 -3.84 -47.52
CA SER B 204 13.30 -4.46 -46.19
C SER B 204 12.44 -5.70 -46.24
N LEU B 205 11.33 -5.61 -46.97
CA LEU B 205 10.39 -6.71 -47.09
C LEU B 205 10.67 -7.55 -48.32
N PRO B 206 10.84 -8.86 -48.12
CA PRO B 206 11.11 -9.79 -49.22
C PRO B 206 9.89 -9.97 -50.10
N ASP B 207 10.04 -10.76 -51.15
CA ASP B 207 8.98 -10.98 -52.12
C ASP B 207 7.74 -11.57 -51.46
N SER B 208 6.57 -11.16 -51.96
CA SER B 208 5.29 -11.60 -51.44
C SER B 208 5.08 -13.09 -51.63
N GLU B 209 5.45 -13.59 -52.80
CA GLU B 209 5.26 -14.98 -53.13
C GLU B 209 5.96 -15.89 -52.13
N LYS B 210 7.12 -15.44 -51.64
CA LYS B 210 7.87 -16.18 -50.66
C LYS B 210 7.06 -16.31 -49.36
N ILE B 211 6.40 -15.23 -48.98
CA ILE B 211 5.59 -15.25 -47.77
C ILE B 211 4.29 -16.06 -47.90
N VAL B 212 3.62 -16.01 -49.04
CA VAL B 212 2.39 -16.80 -49.20
C VAL B 212 2.78 -18.28 -49.23
N ALA B 213 3.86 -18.60 -49.92
CA ALA B 213 4.35 -19.97 -50.01
C ALA B 213 4.80 -20.46 -48.64
N TYR B 214 5.56 -19.64 -47.93
CA TYR B 214 6.04 -20.04 -46.61
C TYR B 214 4.87 -20.27 -45.68
N ALA B 215 3.90 -19.35 -45.71
CA ALA B 215 2.72 -19.47 -44.85
C ALA B 215 2.01 -20.78 -45.17
N ALA B 216 2.00 -21.14 -46.46
CA ALA B 216 1.39 -22.40 -46.86
C ALA B 216 2.17 -23.58 -46.26
N GLU B 217 3.50 -23.41 -46.18
CA GLU B 217 4.41 -24.43 -45.59
C GLU B 217 4.24 -24.58 -44.08
N TYR B 218 4.01 -23.47 -43.38
CA TYR B 218 3.77 -23.51 -41.94
C TYR B 218 2.42 -24.20 -41.74
N ARG B 219 1.54 -24.04 -42.72
CA ARG B 219 0.27 -24.75 -42.67
C ARG B 219 0.53 -26.24 -42.93
N LYS B 220 1.44 -26.54 -43.85
CA LYS B 220 1.79 -27.91 -44.19
C LYS B 220 2.41 -28.66 -43.00
N ASN B 221 3.23 -27.94 -42.24
CA ASN B 221 3.95 -28.53 -41.11
C ASN B 221 3.12 -28.91 -39.89
N ASN B 222 1.98 -28.25 -39.66
CA ASN B 222 1.17 -28.59 -38.50
C ASN B 222 -0.35 -28.53 -38.75
N LEU B 223 -1.09 -29.36 -38.02
CA LEU B 223 -2.55 -29.39 -38.15
C LEU B 223 -3.22 -29.46 -36.78
N LEU C 10 -9.80 20.56 -16.44
CA LEU C 10 -9.92 19.41 -15.55
C LEU C 10 -10.06 18.10 -16.32
N PRO C 11 -9.04 17.22 -16.20
CA PRO C 11 -8.93 15.93 -16.86
C PRO C 11 -9.98 14.96 -16.35
N ILE C 12 -10.71 14.30 -17.24
CA ILE C 12 -11.73 13.37 -16.75
C ILE C 12 -11.33 11.91 -16.94
N LEU C 13 -11.27 11.17 -15.84
CA LEU C 13 -10.86 9.77 -15.91
C LEU C 13 -12.04 8.82 -15.81
N LEU C 14 -12.18 8.00 -16.84
CA LEU C 14 -13.22 6.98 -16.84
C LEU C 14 -12.50 5.76 -16.30
N ASP C 15 -12.83 5.41 -15.06
CA ASP C 15 -12.17 4.34 -14.33
C ASP C 15 -13.10 3.28 -13.72
N TYR C 16 -12.49 2.15 -13.34
CA TYR C 16 -13.18 1.01 -12.76
C TYR C 16 -12.43 0.61 -11.48
N TRP C 17 -13.14 0.46 -10.35
CA TRP C 17 -12.47 0.24 -9.07
C TRP C 17 -11.46 -0.95 -9.06
N PRO C 18 -11.76 -2.06 -9.76
CA PRO C 18 -10.77 -3.14 -9.71
C PRO C 18 -9.90 -3.13 -10.96
N SER C 19 -9.82 -1.99 -11.64
CA SER C 19 -9.02 -1.94 -12.85
C SER C 19 -7.56 -1.62 -12.55
N MET C 20 -6.72 -2.64 -12.63
CA MET C 20 -5.28 -2.50 -12.39
C MET C 20 -4.75 -1.52 -13.41
N PHE C 21 -5.38 -1.54 -14.57
CA PHE C 21 -5.11 -0.65 -15.68
C PHE C 21 -5.59 0.76 -15.38
N GLY C 22 -6.81 0.86 -14.85
CA GLY C 22 -7.35 2.14 -14.44
C GLY C 22 -6.41 2.69 -13.40
N MET C 23 -5.90 1.78 -12.57
CA MET C 23 -4.94 2.12 -11.51
C MET C 23 -3.64 2.60 -12.14
N ARG C 24 -3.29 2.03 -13.29
CA ARG C 24 -2.09 2.43 -13.98
C ARG C 24 -2.26 3.91 -14.32
N ALA C 25 -3.47 4.26 -14.77
CA ALA C 25 -3.76 5.65 -15.11
C ALA C 25 -3.74 6.58 -13.89
N ARG C 26 -4.47 6.19 -12.84
CA ARG C 26 -4.56 7.01 -11.64
C ARG C 26 -3.18 7.20 -11.02
N VAL C 27 -2.40 6.12 -10.97
CA VAL C 27 -1.06 6.17 -10.42
C VAL C 27 -0.20 7.09 -11.27
N ALA C 28 -0.38 7.02 -12.60
CA ALA C 28 0.43 7.85 -13.48
C ALA C 28 0.19 9.34 -13.26
N LEU C 29 -1.08 9.74 -13.42
CA LEU C 29 -1.43 11.15 -13.23
C LEU C 29 -1.13 11.65 -11.83
N ARG C 30 -1.50 10.89 -10.80
CA ARG C 30 -1.23 11.31 -9.42
C ARG C 30 0.28 11.40 -9.19
N GLU C 31 1.05 10.55 -9.86
CA GLU C 31 2.50 10.59 -9.71
C GLU C 31 3.06 11.89 -10.26
N LYS C 32 2.55 12.32 -11.42
CA LYS C 32 3.10 13.55 -11.99
C LYS C 32 2.75 14.84 -11.22
N GLY C 33 1.47 15.10 -10.97
CA GLY C 33 1.05 16.31 -10.27
C GLY C 33 -0.15 17.04 -10.87
N VAL C 34 -1.15 16.26 -11.24
CA VAL C 34 -2.39 16.78 -11.81
C VAL C 34 -3.59 16.55 -10.90
N GLU C 35 -4.50 17.51 -10.86
CA GLU C 35 -5.70 17.37 -10.06
C GLU C 35 -6.75 16.94 -11.07
N PHE C 36 -7.33 15.77 -10.83
CA PHE C 36 -8.29 15.19 -11.75
C PHE C 36 -9.52 14.60 -11.08
N GLU C 37 -10.55 14.32 -11.87
CA GLU C 37 -11.77 13.75 -11.34
C GLU C 37 -11.95 12.33 -11.86
N TYR C 38 -12.48 11.46 -11.00
CA TYR C 38 -12.65 10.06 -11.34
C TYR C 38 -14.11 9.68 -11.46
N ARG C 39 -14.42 8.88 -12.48
CA ARG C 39 -15.79 8.44 -12.70
C ARG C 39 -15.82 6.92 -12.77
N GLU C 40 -16.55 6.32 -11.83
CA GLU C 40 -16.72 4.88 -11.77
C GLU C 40 -17.69 4.39 -12.81
N GLU C 41 -17.27 3.34 -13.50
CA GLU C 41 -18.07 2.80 -14.58
C GLU C 41 -18.85 1.56 -14.21
N ASP C 42 -20.06 1.50 -14.74
CA ASP C 42 -20.85 0.32 -14.58
C ASP C 42 -20.79 -0.18 -16.01
N PHE C 43 -19.94 -1.17 -16.29
CA PHE C 43 -19.76 -1.65 -17.66
C PHE C 43 -21.03 -2.25 -18.22
N SER C 44 -22.00 -2.42 -17.33
CA SER C 44 -23.34 -2.83 -17.69
C SER C 44 -23.91 -1.66 -18.50
N ASN C 45 -23.51 -0.46 -18.10
CA ASN C 45 -23.94 0.79 -18.71
C ASN C 45 -22.74 1.68 -19.00
N LYS C 46 -22.04 1.39 -20.08
CA LYS C 46 -20.88 2.17 -20.46
C LYS C 46 -21.35 3.57 -20.84
N SER C 47 -20.71 4.57 -20.25
CA SER C 47 -21.12 5.98 -20.38
C SER C 47 -21.15 6.55 -21.79
N PRO C 48 -22.06 7.51 -22.01
CA PRO C 48 -22.18 8.13 -23.34
C PRO C 48 -20.85 8.75 -23.80
N LEU C 49 -20.12 9.36 -22.87
CA LEU C 49 -18.81 9.91 -23.23
C LEU C 49 -17.80 8.77 -23.42
N LEU C 50 -17.98 7.67 -22.67
CA LEU C 50 -17.12 6.50 -22.80
C LEU C 50 -17.32 5.82 -24.15
N LEU C 51 -18.58 5.64 -24.52
CA LEU C 51 -18.93 5.02 -25.79
C LEU C 51 -18.55 5.96 -26.93
N GLN C 52 -18.25 7.20 -26.57
CA GLN C 52 -17.81 8.20 -27.53
C GLN C 52 -16.28 8.28 -27.51
N SER C 53 -15.67 7.93 -26.38
CA SER C 53 -14.22 7.89 -26.26
C SER C 53 -13.61 6.71 -27.02
N ASN C 54 -14.18 5.53 -26.81
CA ASN C 54 -13.78 4.31 -27.50
C ASN C 54 -15.03 3.46 -27.75
N PRO C 55 -15.71 3.72 -28.87
CA PRO C 55 -16.98 3.08 -29.27
C PRO C 55 -16.93 1.60 -29.65
N ILE C 56 -15.74 1.03 -29.80
CA ILE C 56 -15.65 -0.38 -30.19
C ILE C 56 -15.10 -1.23 -29.05
N HIS C 57 -13.97 -0.81 -28.48
CA HIS C 57 -13.38 -1.52 -27.36
C HIS C 57 -14.30 -1.37 -26.15
N LYS C 58 -14.76 -0.15 -25.92
CA LYS C 58 -15.64 0.20 -24.80
C LYS C 58 -14.92 -0.13 -23.50
N LYS C 59 -13.60 0.04 -23.51
CA LYS C 59 -12.75 -0.26 -22.36
C LYS C 59 -12.06 0.96 -21.74
N ILE C 60 -11.86 0.89 -20.44
CA ILE C 60 -11.18 1.94 -19.68
C ILE C 60 -9.72 1.49 -19.47
N PRO C 61 -8.84 2.34 -18.90
CA PRO C 61 -9.08 3.70 -18.40
C PRO C 61 -9.07 4.73 -19.51
N VAL C 62 -9.89 5.76 -19.34
CA VAL C 62 -9.94 6.79 -20.36
C VAL C 62 -9.62 8.16 -19.78
N LEU C 63 -8.55 8.79 -20.23
CA LEU C 63 -8.23 10.12 -19.71
C LEU C 63 -8.64 11.17 -20.72
N VAL C 64 -9.52 12.08 -20.33
CA VAL C 64 -10.01 13.07 -21.26
C VAL C 64 -9.36 14.41 -21.02
N HIS C 65 -8.59 14.84 -22.02
CA HIS C 65 -7.86 16.11 -22.04
C HIS C 65 -8.08 16.90 -23.33
N ASN C 66 -8.48 18.17 -23.17
CA ASN C 66 -8.76 19.08 -24.28
C ASN C 66 -9.93 18.55 -25.11
N GLY C 67 -10.75 17.70 -24.50
CA GLY C 67 -11.84 17.09 -25.22
C GLY C 67 -11.37 16.00 -26.13
N LYS C 68 -10.22 15.44 -25.79
CA LYS C 68 -9.64 14.37 -26.55
C LYS C 68 -9.43 13.19 -25.63
N PRO C 69 -10.12 12.09 -25.95
CA PRO C 69 -10.04 10.85 -25.18
C PRO C 69 -8.70 10.17 -25.40
N VAL C 70 -8.03 9.80 -24.33
CA VAL C 70 -6.79 9.10 -24.47
C VAL C 70 -7.05 7.71 -23.89
N CYS C 71 -6.75 6.69 -24.69
CA CYS C 71 -7.05 5.31 -24.33
C CYS C 71 -5.85 4.41 -24.12
N GLU C 72 -6.10 3.25 -23.50
CA GLU C 72 -5.12 2.21 -23.25
C GLU C 72 -4.26 2.63 -22.06
N SER C 73 -3.96 1.71 -21.16
CA SER C 73 -3.25 2.03 -19.94
C SER C 73 -1.82 2.54 -20.06
N LEU C 74 -0.96 1.76 -20.70
CA LEU C 74 0.42 2.17 -20.89
C LEU C 74 0.43 3.42 -21.76
N ASN C 75 -0.50 3.44 -22.69
CA ASN C 75 -0.64 4.57 -23.58
C ASN C 75 -0.95 5.79 -22.74
N VAL C 76 -1.90 5.62 -21.80
CA VAL C 76 -2.31 6.72 -20.92
C VAL C 76 -1.16 7.24 -20.06
N VAL C 77 -0.35 6.36 -19.50
CA VAL C 77 0.78 6.82 -18.69
C VAL C 77 1.84 7.55 -19.52
N GLN C 78 2.16 7.08 -20.73
CA GLN C 78 3.16 7.83 -21.51
C GLN C 78 2.52 9.17 -21.88
N TYR C 79 1.19 9.16 -22.01
CA TYR C 79 0.43 10.37 -22.30
C TYR C 79 0.64 11.32 -21.15
N VAL C 80 0.69 10.75 -19.95
CA VAL C 80 0.91 11.50 -18.73
C VAL C 80 2.29 12.13 -18.77
N ASP C 81 3.29 11.36 -19.20
CA ASP C 81 4.65 11.85 -19.26
C ASP C 81 4.75 13.03 -20.23
N GLU C 82 4.20 12.84 -21.43
CA GLU C 82 4.24 13.87 -22.47
C GLU C 82 3.36 15.10 -22.22
N ALA C 83 2.31 14.97 -21.40
CA ALA C 83 1.41 16.08 -21.11
C ALA C 83 1.99 17.18 -20.21
N TRP C 84 2.85 16.80 -19.26
CA TRP C 84 3.47 17.78 -18.37
C TRP C 84 4.96 17.49 -18.22
N PRO C 85 5.74 17.67 -19.30
CA PRO C 85 7.17 17.34 -19.28
C PRO C 85 8.08 18.41 -18.71
N GLU C 86 7.92 18.75 -17.43
CA GLU C 86 8.81 19.69 -16.76
C GLU C 86 9.30 19.23 -15.40
N LYS C 87 8.50 18.40 -14.73
CA LYS C 87 8.82 17.99 -13.36
C LYS C 87 9.27 16.55 -13.12
N ASN C 88 8.31 15.62 -13.12
CA ASN C 88 8.60 14.22 -12.83
C ASN C 88 8.51 13.31 -14.05
N PRO C 89 9.65 12.98 -14.66
CA PRO C 89 9.67 12.07 -15.81
C PRO C 89 9.68 10.61 -15.33
N PHE C 90 9.10 9.68 -16.07
CA PHE C 90 9.18 8.28 -15.64
C PHE C 90 10.36 7.58 -16.33
N PHE C 91 10.82 8.20 -17.41
CA PHE C 91 11.95 7.70 -18.21
C PHE C 91 13.26 8.39 -17.87
N PRO C 92 14.37 7.71 -18.20
CA PRO C 92 15.70 8.32 -18.08
C PRO C 92 15.95 9.10 -19.38
N SER C 93 17.11 9.75 -19.52
CA SER C 93 17.40 10.51 -20.73
C SER C 93 17.66 9.72 -22.02
N ASP C 94 18.31 8.56 -21.89
CA ASP C 94 18.70 7.75 -23.06
C ASP C 94 17.58 6.98 -23.76
N PRO C 95 17.71 6.82 -25.09
CA PRO C 95 16.73 6.07 -25.87
C PRO C 95 16.73 4.60 -25.46
N TYR C 96 17.91 4.05 -25.19
CA TYR C 96 18.01 2.64 -24.80
C TYR C 96 17.28 2.37 -23.48
N GLY C 97 17.45 3.26 -22.51
CA GLY C 97 16.79 3.07 -21.22
C GLY C 97 15.29 3.05 -21.41
N ARG C 98 14.81 3.95 -22.27
CA ARG C 98 13.40 4.05 -22.59
C ARG C 98 12.95 2.73 -23.22
N ALA C 99 13.78 2.20 -24.10
CA ALA C 99 13.48 0.95 -24.79
C ALA C 99 13.36 -0.21 -23.81
N GLN C 100 14.22 -0.19 -22.79
CA GLN C 100 14.21 -1.23 -21.75
C GLN C 100 12.90 -1.15 -20.98
N ALA C 101 12.53 0.08 -20.64
CA ALA C 101 11.32 0.32 -19.87
C ALA C 101 10.10 -0.16 -20.66
N ARG C 102 10.02 0.23 -21.92
CA ARG C 102 8.91 -0.18 -22.78
C ARG C 102 8.88 -1.70 -22.92
N PHE C 103 10.06 -2.29 -23.04
CA PHE C 103 10.21 -3.72 -23.22
C PHE C 103 9.63 -4.49 -22.03
N TRP C 104 10.09 -4.10 -20.84
CA TRP C 104 9.63 -4.71 -19.62
C TRP C 104 8.15 -4.38 -19.37
N ALA C 105 7.66 -3.22 -19.81
CA ALA C 105 6.25 -2.91 -19.64
C ALA C 105 5.43 -3.91 -20.47
N ASP C 106 5.94 -4.19 -21.67
CA ASP C 106 5.31 -5.15 -22.56
C ASP C 106 5.33 -6.50 -21.85
N PHE C 107 6.40 -6.73 -21.09
CA PHE C 107 6.53 -7.97 -20.34
C PHE C 107 5.40 -8.07 -19.35
N VAL C 108 5.13 -6.94 -18.69
CA VAL C 108 4.08 -6.87 -17.70
C VAL C 108 2.73 -7.18 -18.33
N ASP C 109 2.47 -6.62 -19.50
CA ASP C 109 1.19 -6.83 -20.19
C ASP C 109 0.87 -8.23 -20.73
N LYS C 110 1.89 -9.04 -21.06
CA LYS C 110 1.65 -10.33 -21.70
C LYS C 110 1.47 -11.54 -20.76
N LYS C 111 2.50 -12.36 -20.61
CA LYS C 111 2.43 -13.58 -19.83
C LYS C 111 2.08 -13.33 -18.38
N PHE C 112 2.55 -12.23 -17.82
CA PHE C 112 2.28 -11.90 -16.42
C PHE C 112 0.80 -11.66 -16.12
N THR C 113 0.17 -10.74 -16.86
CA THR C 113 -1.24 -10.41 -16.63
C THR C 113 -2.10 -11.65 -16.87
N ASP C 114 -1.78 -12.37 -17.93
CA ASP C 114 -2.50 -13.59 -18.27
C ASP C 114 -2.35 -14.61 -17.15
N ALA C 115 -1.14 -14.74 -16.64
CA ALA C 115 -0.82 -15.69 -15.58
C ALA C 115 -1.64 -15.44 -14.33
N GLN C 116 -1.74 -14.16 -13.96
CA GLN C 116 -2.56 -13.83 -12.80
C GLN C 116 -4.01 -14.11 -13.11
N PHE C 117 -4.41 -13.80 -14.34
CA PHE C 117 -5.78 -13.98 -14.75
C PHE C 117 -6.15 -15.44 -14.56
N LYS C 118 -5.21 -16.34 -14.89
CA LYS C 118 -5.43 -17.76 -14.67
C LYS C 118 -5.43 -18.14 -13.19
N VAL C 119 -4.53 -17.54 -12.41
CA VAL C 119 -4.44 -17.88 -10.99
C VAL C 119 -5.68 -17.49 -10.18
N TRP C 120 -6.32 -16.35 -10.49
CA TRP C 120 -7.50 -15.96 -9.72
C TRP C 120 -8.82 -16.15 -10.48
N GLY C 121 -8.76 -16.25 -11.80
CA GLY C 121 -9.97 -16.41 -12.59
C GLY C 121 -10.39 -17.82 -12.94
N LYS C 122 -9.45 -18.76 -12.95
CA LYS C 122 -9.74 -20.16 -13.32
C LYS C 122 -9.18 -21.16 -12.31
N LYS C 123 -9.47 -22.44 -12.52
CA LYS C 123 -9.06 -23.48 -11.58
C LYS C 123 -8.60 -24.78 -12.23
N GLY C 124 -8.05 -25.68 -11.41
CA GLY C 124 -7.61 -26.98 -11.87
C GLY C 124 -6.46 -27.04 -12.87
N GLU C 125 -6.72 -27.69 -14.01
CA GLU C 125 -5.73 -27.91 -15.05
C GLU C 125 -5.18 -26.56 -15.55
N GLU C 126 -6.07 -25.60 -15.72
CA GLU C 126 -5.70 -24.25 -16.12
C GLU C 126 -4.91 -23.55 -15.02
N GLN C 127 -5.34 -23.77 -13.78
CA GLN C 127 -4.77 -23.08 -12.62
C GLN C 127 -3.30 -23.30 -12.38
N GLU C 128 -2.86 -24.56 -12.24
CA GLU C 128 -1.46 -24.82 -11.96
C GLU C 128 -0.55 -24.28 -13.05
N ALA C 129 -1.04 -24.32 -14.29
CA ALA C 129 -0.27 -23.78 -15.39
C ALA C 129 -0.10 -22.31 -15.07
N GLY C 130 -1.20 -21.69 -14.65
CA GLY C 130 -1.18 -20.28 -14.29
C GLY C 130 -0.23 -19.97 -13.14
N LYS C 131 -0.18 -20.84 -12.15
CA LYS C 131 0.66 -20.67 -10.98
C LYS C 131 2.16 -20.80 -11.29
N LYS C 132 2.52 -21.79 -12.09
CA LYS C 132 3.92 -21.94 -12.49
C LYS C 132 4.31 -20.76 -13.39
N GLU C 133 3.39 -20.34 -14.24
CA GLU C 133 3.66 -19.20 -15.09
C GLU C 133 3.88 -17.91 -14.30
N PHE C 134 3.02 -17.64 -13.30
CA PHE C 134 3.24 -16.42 -12.50
C PHE C 134 4.49 -16.54 -11.62
N ILE C 135 4.78 -17.71 -11.06
CA ILE C 135 6.00 -17.84 -10.24
C ILE C 135 7.22 -17.62 -11.15
N GLU C 136 7.16 -18.12 -12.37
CA GLU C 136 8.24 -17.95 -13.32
C GLU C 136 8.40 -16.45 -13.61
N ALA C 137 7.27 -15.80 -13.88
CA ALA C 137 7.25 -14.38 -14.21
C ALA C 137 7.73 -13.51 -13.04
N VAL C 138 7.25 -13.78 -11.85
CA VAL C 138 7.64 -13.05 -10.66
C VAL C 138 9.14 -13.24 -10.46
N LYS C 139 9.65 -14.42 -10.80
CA LYS C 139 11.09 -14.72 -10.69
C LYS C 139 11.99 -13.92 -11.67
N ILE C 140 11.61 -13.89 -12.95
CA ILE C 140 12.36 -13.15 -13.96
C ILE C 140 12.29 -11.69 -13.57
N LEU C 141 11.15 -11.34 -13.00
CA LEU C 141 10.86 -9.99 -12.51
C LEU C 141 11.82 -9.62 -11.41
N GLU C 142 12.01 -10.58 -10.53
CA GLU C 142 12.91 -10.47 -9.40
C GLU C 142 14.33 -10.26 -9.88
N SER C 143 14.70 -11.01 -10.91
CA SER C 143 16.04 -10.96 -11.48
C SER C 143 16.34 -9.62 -12.11
N GLU C 144 15.41 -9.08 -12.91
CA GLU C 144 15.64 -7.78 -13.53
C GLU C 144 15.54 -6.63 -12.53
N LEU C 145 14.80 -6.83 -11.44
CA LEU C 145 14.71 -5.77 -10.42
C LEU C 145 16.11 -5.65 -9.81
N GLY C 146 16.67 -6.79 -9.42
CA GLY C 146 18.03 -6.84 -8.91
C GLY C 146 18.34 -5.97 -7.71
N ASP C 147 18.36 -4.66 -7.93
CA ASP C 147 18.75 -3.72 -6.89
C ASP C 147 18.06 -2.38 -6.89
N LYS C 148 17.58 -1.97 -8.06
CA LYS C 148 17.02 -0.66 -8.25
C LYS C 148 15.85 -0.42 -7.31
N PRO C 149 15.71 0.81 -6.80
CA PRO C 149 14.59 1.10 -5.91
C PRO C 149 13.31 0.90 -6.67
N TYR C 150 13.42 1.14 -7.96
CA TYR C 150 12.30 1.06 -8.87
C TYR C 150 12.61 0.23 -10.11
N PHE C 151 12.15 0.73 -11.26
CA PHE C 151 12.34 0.03 -12.51
C PHE C 151 12.70 0.87 -13.74
N GLY C 152 11.90 1.89 -14.00
CA GLY C 152 12.01 2.69 -15.20
C GLY C 152 13.01 3.84 -15.17
N GLY C 153 13.70 4.01 -14.06
CA GLY C 153 14.66 5.09 -13.93
C GLY C 153 15.30 5.02 -12.57
N ASP C 154 16.04 6.05 -12.19
CA ASP C 154 16.66 6.10 -10.88
C ASP C 154 15.64 6.34 -9.77
N SER C 155 14.48 6.85 -10.16
CA SER C 155 13.40 7.14 -9.23
C SER C 155 12.14 6.39 -9.62
N PHE C 156 10.98 6.92 -9.24
CA PHE C 156 9.72 6.29 -9.58
C PHE C 156 9.67 6.28 -11.10
N GLY C 157 9.31 5.12 -11.67
CA GLY C 157 9.33 4.96 -13.11
C GLY C 157 8.04 4.66 -13.83
N TYR C 158 8.17 4.45 -15.13
CA TYR C 158 7.04 4.14 -16.00
C TYR C 158 6.41 2.79 -15.73
N VAL C 159 7.27 1.80 -15.83
CA VAL C 159 6.86 0.45 -15.61
C VAL C 159 6.60 0.25 -14.12
N ASP C 160 7.16 1.12 -13.27
CA ASP C 160 6.85 1.01 -11.85
C ASP C 160 5.37 1.24 -11.74
N ILE C 161 4.90 2.23 -12.48
CA ILE C 161 3.48 2.57 -12.53
C ILE C 161 2.72 1.38 -13.11
N SER C 162 3.29 0.81 -14.17
CA SER C 162 2.66 -0.31 -14.87
C SER C 162 2.44 -1.53 -13.97
N LEU C 163 3.43 -1.92 -13.18
CA LEU C 163 3.30 -3.11 -12.37
C LEU C 163 3.02 -2.97 -10.89
N ILE C 164 3.08 -1.78 -10.32
CA ILE C 164 2.80 -1.61 -8.90
C ILE C 164 1.34 -1.96 -8.56
N THR C 165 0.45 -1.60 -9.47
CA THR C 165 -0.99 -1.79 -9.30
C THR C 165 -1.44 -3.25 -9.13
N PHE C 166 -0.62 -4.19 -9.56
CA PHE C 166 -0.98 -5.60 -9.45
C PHE C 166 -0.76 -6.13 -8.03
N SER C 167 -0.09 -5.32 -7.21
CA SER C 167 0.24 -5.70 -5.84
C SER C 167 -0.94 -5.68 -4.86
N SER C 168 -2.08 -5.18 -5.29
CA SER C 168 -3.24 -5.19 -4.42
C SER C 168 -4.03 -6.47 -4.70
N TRP C 169 -3.73 -7.09 -5.84
CA TRP C 169 -4.33 -8.35 -6.20
C TRP C 169 -3.52 -9.52 -5.65
N PHE C 170 -2.35 -9.21 -5.12
CA PHE C 170 -1.44 -10.24 -4.61
C PHE C 170 -2.11 -11.07 -3.53
N GLN C 171 -2.99 -10.43 -2.76
CA GLN C 171 -3.70 -11.09 -1.68
C GLN C 171 -4.59 -12.19 -2.26
N ALA C 172 -5.27 -11.87 -3.36
CA ALA C 172 -6.15 -12.79 -4.06
C ALA C 172 -5.38 -13.97 -4.64
N TYR C 173 -4.22 -13.67 -5.21
CA TYR C 173 -3.35 -14.69 -5.80
C TYR C 173 -2.85 -15.64 -4.74
N GLU C 174 -2.59 -15.08 -3.56
CA GLU C 174 -2.19 -15.89 -2.42
C GLU C 174 -3.31 -16.78 -1.91
N LYS C 175 -4.53 -16.24 -1.75
CA LYS C 175 -5.62 -17.10 -1.28
C LYS C 175 -6.17 -18.15 -2.26
N PHE C 176 -6.57 -17.76 -3.47
CA PHE C 176 -7.09 -18.74 -4.41
C PHE C 176 -5.94 -19.68 -4.76
N GLY C 177 -4.78 -19.11 -4.99
CA GLY C 177 -3.60 -19.90 -5.27
C GLY C 177 -3.28 -20.72 -4.05
N ASN C 178 -3.70 -20.23 -2.87
CA ASN C 178 -3.44 -20.86 -1.56
C ASN C 178 -1.93 -21.01 -1.42
N PHE C 179 -1.25 -20.13 -2.16
CA PHE C 179 0.20 -20.06 -2.28
C PHE C 179 0.82 -19.09 -1.27
N SER C 180 1.97 -18.58 -1.67
CA SER C 180 2.71 -17.53 -1.00
C SER C 180 3.78 -17.10 -1.99
N ILE C 181 3.50 -16.07 -2.78
CA ILE C 181 4.47 -15.66 -3.80
C ILE C 181 5.73 -15.06 -3.24
N GLU C 182 5.68 -14.71 -1.96
CA GLU C 182 6.82 -14.08 -1.29
C GLU C 182 8.00 -15.05 -1.04
N SER C 183 7.75 -16.28 -0.58
CA SER C 183 8.88 -17.20 -0.30
C SER C 183 9.66 -17.56 -1.55
N GLU C 184 8.97 -17.77 -2.67
CA GLU C 184 9.63 -18.07 -3.94
C GLU C 184 10.31 -16.82 -4.52
N SER C 185 9.65 -15.68 -4.39
CA SER C 185 10.19 -14.41 -4.88
C SER C 185 9.68 -13.26 -4.02
N PRO C 186 10.39 -12.97 -2.92
CA PRO C 186 10.07 -11.94 -1.93
C PRO C 186 10.31 -10.48 -2.32
N LYS C 187 11.44 -10.20 -2.95
CA LYS C 187 11.85 -8.84 -3.27
C LYS C 187 10.83 -8.09 -4.11
N LEU C 188 9.96 -8.81 -4.81
CA LEU C 188 8.95 -8.17 -5.63
C LEU C 188 7.81 -7.53 -4.87
N ILE C 189 7.08 -8.34 -4.10
CA ILE C 189 5.97 -7.84 -3.30
C ILE C 189 6.57 -6.85 -2.33
N ALA C 190 7.79 -7.17 -1.93
CA ALA C 190 8.51 -6.33 -1.01
C ALA C 190 8.72 -4.95 -1.63
N TRP C 191 9.14 -4.97 -2.88
CA TRP C 191 9.36 -3.74 -3.62
C TRP C 191 8.03 -2.99 -3.72
N ALA C 192 6.95 -3.76 -3.87
CA ALA C 192 5.62 -3.18 -4.03
C ALA C 192 5.19 -2.34 -2.85
N LYS C 193 5.39 -2.88 -1.65
CA LYS C 193 5.03 -2.13 -0.45
C LYS C 193 6.02 -0.98 -0.27
N ARG C 194 7.18 -1.08 -0.90
CA ARG C 194 8.07 0.07 -0.86
C ARG C 194 7.42 1.16 -1.69
N CYS C 195 7.00 0.82 -2.90
CA CYS C 195 6.36 1.78 -3.81
C CYS C 195 5.03 2.31 -3.30
N MET C 196 4.44 1.62 -2.32
CA MET C 196 3.15 2.03 -1.78
C MET C 196 3.25 3.40 -1.11
N GLU C 197 4.45 3.82 -0.73
CA GLU C 197 4.64 5.09 -0.03
C GLU C 197 4.38 6.30 -0.92
N LYS C 198 4.31 6.09 -2.23
CA LYS C 198 4.04 7.19 -3.13
C LYS C 198 2.55 7.53 -3.04
N GLU C 199 2.24 8.81 -2.89
CA GLU C 199 0.85 9.26 -2.76
C GLU C 199 0.03 8.96 -4.01
N SER C 200 0.72 8.65 -5.10
CA SER C 200 0.07 8.32 -6.36
C SER C 200 -0.68 6.99 -6.29
N VAL C 201 -0.08 6.02 -5.61
CA VAL C 201 -0.68 4.69 -5.50
C VAL C 201 -1.34 4.51 -4.13
N SER C 202 -0.92 5.32 -3.17
CA SER C 202 -1.46 5.27 -1.81
C SER C 202 -2.88 5.86 -1.72
N LYS C 203 -3.36 6.46 -2.80
CA LYS C 203 -4.69 7.07 -2.80
C LYS C 203 -5.50 6.68 -4.03
N SER C 204 -4.87 5.99 -4.99
CA SER C 204 -5.58 5.56 -6.19
C SER C 204 -6.07 4.12 -6.13
N LEU C 205 -5.42 3.30 -5.31
CA LEU C 205 -5.76 1.88 -5.22
C LEU C 205 -6.67 1.47 -4.08
N PRO C 206 -7.81 0.83 -4.42
CA PRO C 206 -8.82 0.37 -3.48
C PRO C 206 -8.29 -0.73 -2.57
N ASP C 207 -9.05 -1.03 -1.53
CA ASP C 207 -8.66 -2.04 -0.56
C ASP C 207 -8.56 -3.43 -1.19
N SER C 208 -7.54 -4.18 -0.78
CA SER C 208 -7.30 -5.53 -1.29
C SER C 208 -8.34 -6.56 -0.88
N GLU C 209 -8.98 -6.36 0.28
CA GLU C 209 -10.00 -7.29 0.73
C GLU C 209 -11.20 -7.23 -0.22
N LYS C 210 -11.54 -6.01 -0.65
CA LYS C 210 -12.64 -5.80 -1.60
C LYS C 210 -12.28 -6.45 -2.94
N ILE C 211 -11.03 -6.29 -3.36
CA ILE C 211 -10.55 -6.87 -4.61
C ILE C 211 -10.62 -8.40 -4.55
N VAL C 212 -10.17 -8.95 -3.42
CA VAL C 212 -10.21 -10.38 -3.18
C VAL C 212 -11.66 -10.81 -3.30
N ALA C 213 -12.54 -9.99 -2.75
CA ALA C 213 -13.98 -10.25 -2.79
C ALA C 213 -14.52 -10.25 -4.22
N TYR C 214 -14.01 -9.35 -5.05
CA TYR C 214 -14.42 -9.29 -6.46
C TYR C 214 -14.00 -10.57 -7.15
N ALA C 215 -12.81 -11.05 -6.79
CA ALA C 215 -12.30 -12.30 -7.33
C ALA C 215 -13.21 -13.43 -6.86
N ALA C 216 -13.72 -13.28 -5.64
CA ALA C 216 -14.61 -14.26 -5.04
C ALA C 216 -15.93 -14.28 -5.80
N GLU C 217 -16.40 -13.10 -6.21
CA GLU C 217 -17.66 -12.97 -6.96
C GLU C 217 -17.50 -13.60 -8.35
N TYR C 218 -16.38 -13.29 -8.99
CA TYR C 218 -16.09 -13.81 -10.30
C TYR C 218 -16.02 -15.32 -10.23
N ARG C 219 -15.35 -15.84 -9.20
CA ARG C 219 -15.25 -17.27 -9.03
C ARG C 219 -16.57 -17.96 -8.72
N LYS C 220 -17.35 -17.38 -7.81
CA LYS C 220 -18.63 -17.98 -7.43
C LYS C 220 -19.57 -18.01 -8.61
N ASN C 221 -19.45 -17.03 -9.50
CA ASN C 221 -20.33 -17.00 -10.66
C ASN C 221 -19.99 -18.07 -11.71
N ASN C 222 -18.70 -18.35 -11.91
CA ASN C 222 -18.31 -19.28 -12.96
C ASN C 222 -17.62 -20.58 -12.53
N LEU C 223 -18.33 -21.42 -11.79
CA LEU C 223 -17.80 -22.70 -11.35
C LEU C 223 -18.49 -23.86 -12.05
N THR D 7 -6.96 -8.69 54.13
CA THR D 7 -8.41 -8.73 54.34
C THR D 7 -8.96 -7.32 54.27
N PHE D 8 -9.56 -6.98 53.13
CA PHE D 8 -10.08 -5.64 52.90
C PHE D 8 -11.20 -5.22 53.87
N ASP D 9 -11.05 -4.00 54.38
CA ASP D 9 -12.04 -3.32 55.21
C ASP D 9 -11.73 -1.84 55.07
N MET D 10 -12.73 -1.07 54.62
CA MET D 10 -12.54 0.35 54.34
C MET D 10 -12.18 1.27 55.50
N ASN D 11 -12.97 1.28 56.57
CA ASN D 11 -12.74 2.22 57.67
C ASN D 11 -11.38 2.10 58.35
N ARG D 12 -10.98 0.87 58.64
CA ARG D 12 -9.70 0.65 59.28
C ARG D 12 -8.57 1.10 58.34
N VAL D 13 -8.70 0.75 57.07
CA VAL D 13 -7.69 1.11 56.08
C VAL D 13 -7.53 2.62 55.96
N ILE D 14 -8.64 3.33 55.82
CA ILE D 14 -8.58 4.78 55.70
C ILE D 14 -7.98 5.36 56.98
N ASP D 15 -8.32 4.76 58.12
CA ASP D 15 -7.81 5.24 59.40
C ASP D 15 -6.28 5.15 59.47
N GLU D 16 -5.75 3.98 59.15
CA GLU D 16 -4.31 3.77 59.17
C GLU D 16 -3.63 4.65 58.12
N PHE D 17 -4.29 4.83 56.98
CA PHE D 17 -3.77 5.66 55.89
C PHE D 17 -3.68 7.12 56.31
N ASP D 18 -4.72 7.58 57.01
CA ASP D 18 -4.79 8.94 57.52
C ASP D 18 -3.66 9.11 58.51
N GLU D 19 -3.50 8.11 59.38
CA GLU D 19 -2.45 8.12 60.38
C GLU D 19 -1.11 8.21 59.68
N MET D 20 -0.99 7.48 58.57
CA MET D 20 0.21 7.41 57.76
C MET D 20 0.57 8.75 57.16
N THR D 21 -0.46 9.43 56.66
CA THR D 21 -0.32 10.74 56.04
C THR D 21 0.11 11.78 57.06
N ARG D 22 -0.48 11.71 58.24
CA ARG D 22 -0.14 12.62 59.32
C ARG D 22 1.23 12.24 59.90
N ASN D 23 1.59 10.98 59.73
CA ASN D 23 2.87 10.44 60.17
C ASN D 23 3.85 10.50 59.01
N ALA D 24 3.52 11.30 58.00
CA ALA D 24 4.25 11.33 56.73
C ALA D 24 5.76 11.39 56.93
N HIS D 25 6.18 12.16 57.91
CA HIS D 25 7.58 12.31 58.19
C HIS D 25 8.23 11.02 58.72
N GLN D 26 7.58 10.34 59.67
CA GLN D 26 8.13 9.11 60.22
C GLN D 26 8.27 8.08 59.15
N VAL D 27 7.20 7.90 58.40
CA VAL D 27 7.18 6.92 57.33
C VAL D 27 8.24 7.29 56.31
N GLN D 28 8.44 8.58 56.03
CA GLN D 28 9.46 8.98 55.06
C GLN D 28 10.88 8.63 55.50
N LYS D 29 11.27 9.12 56.67
CA LYS D 29 12.61 8.84 57.19
C LYS D 29 12.86 7.38 57.50
N GLN D 30 11.92 6.76 58.21
CA GLN D 30 12.00 5.37 58.58
C GLN D 30 12.06 4.52 57.33
N THR D 31 11.26 4.87 56.32
CA THR D 31 11.28 4.11 55.07
C THR D 31 12.64 4.23 54.42
N LEU D 32 13.24 5.42 54.47
CA LEU D 32 14.57 5.59 53.86
C LEU D 32 15.59 4.70 54.58
N LYS D 33 15.51 4.69 55.90
CA LYS D 33 16.37 3.87 56.73
C LYS D 33 16.08 2.40 56.43
N GLU D 34 14.83 2.10 56.13
CA GLU D 34 14.38 0.76 55.79
C GLU D 34 15.01 0.30 54.49
N ILE D 35 14.90 1.14 53.47
CA ILE D 35 15.43 0.84 52.16
C ILE D 35 16.90 0.58 52.25
N LEU D 36 17.63 1.51 52.88
CA LEU D 36 19.06 1.29 53.04
C LEU D 36 19.37 0.14 54.00
N LEU D 37 18.47 -0.16 54.93
CA LEU D 37 18.65 -1.31 55.83
C LEU D 37 18.45 -2.56 55.03
N LYS D 38 17.49 -2.48 54.12
CA LYS D 38 17.18 -3.58 53.23
C LYS D 38 18.06 -3.45 52.01
N ASN D 39 19.04 -2.54 52.08
CA ASN D 39 19.94 -2.35 50.95
C ASN D 39 21.25 -1.64 51.33
N GLN D 40 21.84 -1.99 52.48
CA GLN D 40 23.07 -1.32 52.91
C GLN D 40 24.31 -1.84 52.22
N SER D 41 24.13 -2.84 51.38
CA SER D 41 25.24 -3.48 50.70
C SER D 41 25.52 -3.04 49.25
N ALA D 42 24.75 -2.10 48.72
CA ALA D 42 24.92 -1.67 47.34
C ALA D 42 26.27 -1.02 47.02
N ILE D 43 26.80 -1.39 45.86
CA ILE D 43 28.10 -0.89 45.40
C ILE D 43 28.11 0.61 45.05
N TYR D 44 26.95 1.14 44.66
CA TYR D 44 26.80 2.54 44.27
C TYR D 44 27.16 3.44 45.43
N LEU D 45 26.72 3.01 46.61
CA LEU D 45 27.01 3.68 47.88
C LEU D 45 28.45 3.49 48.36
N GLN D 46 29.07 2.37 47.98
CA GLN D 46 30.43 2.08 48.39
C GLN D 46 31.38 3.16 47.91
N ASN D 47 31.17 3.57 46.67
CA ASN D 47 32.00 4.59 46.05
C ASN D 47 31.84 5.87 46.85
N CYS D 48 30.61 6.06 47.34
CA CYS D 48 30.24 7.19 48.18
C CYS D 48 30.71 7.14 49.64
N GLY D 49 30.64 5.97 50.28
CA GLY D 49 31.07 5.85 51.66
C GLY D 49 30.02 5.57 52.74
N LEU D 50 28.89 5.00 52.36
CA LEU D 50 27.80 4.69 53.30
C LEU D 50 27.89 3.28 53.85
N ASN D 51 27.62 3.13 55.14
CA ASN D 51 27.66 1.81 55.79
C ASN D 51 26.41 1.49 56.63
N GLY D 52 25.54 2.48 56.79
CA GLY D 52 24.31 2.35 57.57
C GLY D 52 24.29 3.04 58.92
N ASN D 53 23.14 2.97 59.59
CA ASN D 53 22.93 3.52 60.94
C ASN D 53 23.39 4.97 61.14
N ALA D 54 24.10 5.20 62.24
CA ALA D 54 24.66 6.51 62.63
C ALA D 54 23.55 7.44 63.17
N THR D 55 23.89 8.71 63.39
CA THR D 55 22.91 9.68 63.87
C THR D 55 22.68 10.79 62.84
N ASP D 56 23.35 10.66 61.69
CA ASP D 56 23.19 11.63 60.60
C ASP D 56 22.92 10.83 59.31
N PRO D 57 22.11 9.75 59.41
CA PRO D 57 21.93 8.86 58.27
C PRO D 57 21.31 9.51 57.03
N GLU D 58 20.17 10.16 57.19
CA GLU D 58 19.51 10.82 56.08
C GLU D 58 20.43 11.89 55.52
N GLU D 59 21.06 12.59 56.45
CA GLU D 59 22.00 13.64 56.12
C GLU D 59 23.22 13.05 55.41
N ALA D 60 23.61 11.84 55.78
CA ALA D 60 24.72 11.17 55.12
C ALA D 60 24.35 10.85 53.69
N PHE D 61 23.12 10.38 53.50
CA PHE D 61 22.63 10.01 52.18
C PHE D 61 22.59 11.20 51.26
N LYS D 62 22.12 12.34 51.78
CA LYS D 62 21.99 13.54 50.94
C LYS D 62 23.25 14.41 50.85
N SER D 63 24.23 14.16 51.72
CA SER D 63 25.46 14.95 51.71
C SER D 63 26.64 14.23 51.04
N MET D 64 26.61 12.90 51.01
CA MET D 64 27.70 12.13 50.40
C MET D 64 27.43 11.62 48.99
N VAL D 65 26.19 11.22 48.75
CA VAL D 65 25.79 10.65 47.47
C VAL D 65 25.37 11.69 46.43
N PRO D 66 26.14 11.80 45.33
CA PRO D 66 25.81 12.73 44.25
C PRO D 66 24.62 12.23 43.45
N LEU D 67 23.78 13.15 42.98
CA LEU D 67 22.60 12.78 42.20
C LEU D 67 23.04 12.03 40.95
N VAL D 68 22.19 11.15 40.44
CA VAL D 68 22.57 10.35 39.29
C VAL D 68 21.64 10.55 38.09
N THR D 69 22.08 10.05 36.93
CA THR D 69 21.34 10.16 35.68
C THR D 69 21.11 8.77 35.08
N ASP D 70 20.30 8.73 34.03
CA ASP D 70 19.99 7.47 33.34
C ASP D 70 21.24 6.84 32.73
N VAL D 71 22.11 7.69 32.17
CA VAL D 71 23.35 7.22 31.54
C VAL D 71 24.30 6.53 32.53
N GLU D 72 24.48 7.14 33.70
CA GLU D 72 25.37 6.59 34.72
C GLU D 72 24.89 5.21 35.19
N LEU D 73 23.58 5.08 35.34
CA LEU D 73 22.91 3.85 35.74
C LEU D 73 22.85 2.75 34.67
N GLU D 74 22.74 3.14 33.41
CA GLU D 74 22.49 2.20 32.32
C GLU D 74 23.47 1.03 32.21
N PRO D 75 24.80 1.28 32.23
CA PRO D 75 25.67 0.11 32.12
C PRO D 75 25.44 -0.81 33.29
N TYR D 76 25.17 -0.23 34.44
CA TYR D 76 24.95 -1.00 35.63
C TYR D 76 23.69 -1.81 35.56
N ILE D 77 22.54 -1.22 35.26
CA ILE D 77 21.38 -2.10 35.21
C ILE D 77 21.44 -3.10 34.07
N LYS D 78 21.98 -2.67 32.96
CA LYS D 78 22.16 -3.54 31.83
C LYS D 78 23.05 -4.72 32.29
N ARG D 79 24.03 -4.44 33.13
CA ARG D 79 24.89 -5.51 33.68
C ARG D 79 24.10 -6.39 34.64
N MET D 80 23.01 -5.88 35.22
CA MET D 80 22.17 -6.74 36.05
C MET D 80 21.38 -7.79 35.22
N VAL D 81 20.91 -7.40 34.05
CA VAL D 81 20.06 -8.32 33.25
C VAL D 81 20.69 -9.25 32.17
N ASP D 82 21.83 -8.87 31.59
CA ASP D 82 22.44 -9.63 30.48
C ASP D 82 23.33 -10.83 30.79
N GLY D 83 22.76 -11.96 31.18
CA GLY D 83 23.57 -13.13 31.48
C GLY D 83 24.21 -12.97 32.82
N ASP D 84 24.76 -11.77 33.05
CA ASP D 84 25.40 -11.47 34.30
C ASP D 84 24.14 -11.31 35.13
N THR D 85 23.71 -12.40 35.73
CA THR D 85 22.45 -12.45 36.45
C THR D 85 22.62 -11.81 37.82
N SER D 86 23.77 -11.16 37.96
CA SER D 86 24.25 -10.51 39.17
C SER D 86 23.61 -9.16 39.55
N PRO D 87 23.56 -8.85 40.87
CA PRO D 87 22.98 -7.65 41.51
C PRO D 87 23.73 -6.30 41.38
N ILE D 88 22.99 -5.18 41.40
CA ILE D 88 23.62 -3.86 41.24
C ILE D 88 23.32 -2.64 42.16
N LEU D 89 22.68 -1.62 41.60
CA LEU D 89 22.36 -0.35 42.21
C LEU D 89 21.33 -0.58 43.30
N THR D 90 20.34 -1.44 43.11
CA THR D 90 19.48 -1.66 44.28
C THR D 90 20.22 -2.69 45.03
N GLY D 91 20.09 -3.90 44.50
CA GLY D 91 20.73 -5.02 45.09
C GLY D 91 20.44 -6.30 44.37
N HIS D 92 19.80 -7.21 45.11
CA HIS D 92 19.55 -8.59 44.69
C HIS D 92 19.01 -8.70 43.29
N PRO D 93 19.45 -9.75 42.58
CA PRO D 93 19.01 -9.87 41.20
C PRO D 93 17.51 -10.03 41.21
N VAL D 94 16.86 -8.91 40.96
CA VAL D 94 15.42 -8.82 40.95
C VAL D 94 14.79 -9.66 39.84
N PRO D 95 13.55 -10.12 40.08
CA PRO D 95 12.84 -10.96 39.11
C PRO D 95 12.59 -10.23 37.82
N ALA D 96 12.61 -8.89 37.81
CA ALA D 96 12.36 -8.21 36.53
C ALA D 96 13.15 -6.93 36.33
N ILE D 97 12.98 -6.27 35.18
CA ILE D 97 13.69 -5.02 34.95
C ILE D 97 12.69 -4.16 34.12
N SER D 98 12.80 -2.84 34.23
CA SER D 98 11.91 -1.84 33.64
C SER D 98 12.51 -0.84 32.66
N LEU D 99 11.64 -0.15 31.93
CA LEU D 99 12.06 0.81 30.91
C LEU D 99 11.48 2.20 31.21
N SER D 100 12.10 3.24 30.68
CA SER D 100 11.62 4.59 30.94
C SER D 100 11.33 5.29 29.62
N SER D 101 10.29 6.12 29.64
CA SER D 101 9.90 6.91 28.48
C SER D 101 10.94 7.98 28.29
N GLY D 102 11.00 8.55 27.09
CA GLY D 102 12.06 9.47 26.79
C GLY D 102 13.16 8.45 26.59
N THR D 103 14.41 8.84 26.76
CA THR D 103 15.50 7.89 26.56
C THR D 103 16.75 8.21 27.36
N SER D 104 17.70 7.27 27.29
CA SER D 104 19.00 7.47 27.88
C SER D 104 19.85 7.87 26.71
N GLN D 105 19.87 9.16 26.37
CA GLN D 105 20.62 9.68 25.22
C GLN D 105 20.12 9.08 23.91
N GLY D 106 18.82 8.93 23.78
CA GLY D 106 18.20 8.32 22.62
C GLY D 106 18.29 6.81 22.80
N ARG D 107 19.06 6.40 23.79
CA ARG D 107 19.23 5.00 24.12
C ARG D 107 18.31 4.48 25.22
N PRO D 108 18.22 3.15 25.32
CA PRO D 108 17.37 2.39 26.22
C PRO D 108 17.58 2.54 27.73
N LYS D 109 16.59 2.06 28.49
CA LYS D 109 16.57 2.19 29.95
C LYS D 109 16.14 0.94 30.70
N PHE D 110 16.78 0.73 31.84
CA PHE D 110 16.52 -0.38 32.74
C PHE D 110 16.31 -0.04 34.26
N ILE D 111 15.26 -0.62 34.89
CA ILE D 111 14.95 -0.45 36.33
C ILE D 111 14.57 -1.77 37.07
N PRO D 112 15.28 -2.15 38.13
CA PRO D 112 14.96 -3.43 38.81
C PRO D 112 13.54 -3.62 39.35
N PHE D 113 13.01 -4.85 39.29
CA PHE D 113 11.68 -5.12 39.82
C PHE D 113 11.70 -6.25 40.84
N THR D 114 11.40 -5.88 42.09
CA THR D 114 11.30 -6.79 43.25
C THR D 114 9.85 -7.03 43.69
N ASP D 115 9.68 -7.87 44.71
CA ASP D 115 8.37 -8.21 45.29
C ASP D 115 7.72 -7.06 46.02
N GLU D 116 8.53 -6.16 46.57
CA GLU D 116 8.02 -5.05 47.35
C GLU D 116 7.03 -4.20 46.56
N LEU D 117 7.30 -4.04 45.27
CA LEU D 117 6.43 -3.26 44.42
C LEU D 117 5.04 -3.87 44.41
N MET D 118 4.98 -5.20 44.51
CA MET D 118 3.71 -5.89 44.56
C MET D 118 2.97 -5.56 45.83
N GLU D 119 3.70 -5.43 46.93
CA GLU D 119 3.07 -5.07 48.18
C GLU D 119 2.52 -3.69 47.98
N ASN D 120 3.33 -2.85 47.33
CA ASN D 120 2.93 -1.49 47.09
C ASN D 120 1.68 -1.50 46.25
N THR D 121 1.67 -2.40 45.26
CA THR D 121 0.52 -2.49 44.40
C THR D 121 -0.68 -2.92 45.19
N LEU D 122 -0.50 -3.98 45.96
CA LEU D 122 -1.58 -4.54 46.75
C LEU D 122 -2.09 -3.53 47.74
N GLN D 123 -1.23 -2.65 48.21
CA GLN D 123 -1.71 -1.65 49.14
C GLN D 123 -2.46 -0.48 48.48
N LEU D 124 -1.87 0.10 47.44
CA LEU D 124 -2.47 1.28 46.83
C LEU D 124 -3.84 1.08 46.19
N PHE D 125 -4.03 0.00 45.46
CA PHE D 125 -5.34 -0.23 44.90
C PHE D 125 -6.31 -0.53 46.02
N ARG D 126 -5.84 -1.20 47.08
CA ARG D 126 -6.72 -1.49 48.21
C ARG D 126 -7.16 -0.15 48.73
N THR D 127 -6.18 0.73 48.93
CA THR D 127 -6.49 2.05 49.42
C THR D 127 -7.36 2.85 48.45
N ALA D 128 -6.97 2.87 47.17
CA ALA D 128 -7.73 3.68 46.21
C ALA D 128 -9.17 3.26 46.03
N PHE D 129 -9.36 1.96 45.86
CA PHE D 129 -10.68 1.40 45.69
C PHE D 129 -11.49 1.70 46.94
N ALA D 130 -10.84 1.74 48.09
CA ALA D 130 -11.57 2.05 49.29
C ALA D 130 -12.09 3.49 49.28
N PHE D 131 -11.21 4.47 49.08
CA PHE D 131 -11.66 5.86 49.08
C PHE D 131 -12.68 6.14 47.99
N ARG D 132 -12.41 5.58 46.82
CA ARG D 132 -13.33 5.76 45.70
C ARG D 132 -14.66 5.11 46.03
N ASN D 133 -14.62 3.99 46.76
CA ASN D 133 -15.85 3.31 47.15
C ASN D 133 -16.63 4.19 48.11
N ARG D 134 -15.91 4.96 48.91
CA ARG D 134 -16.53 5.89 49.83
C ARG D 134 -17.29 6.94 49.00
N ASP D 135 -16.71 7.28 47.86
CA ASP D 135 -17.33 8.26 46.97
C ASP D 135 -18.16 7.62 45.85
N PHE D 136 -17.88 6.35 45.56
CA PHE D 136 -18.61 5.56 44.57
C PHE D 136 -18.83 4.14 45.08
N PRO D 137 -19.88 3.94 45.90
CA PRO D 137 -20.15 2.61 46.46
C PRO D 137 -20.39 1.52 45.42
N ILE D 138 -19.83 0.34 45.69
CA ILE D 138 -19.89 -0.79 44.77
C ILE D 138 -20.77 -1.95 45.27
N ASP D 139 -21.31 -2.73 44.31
CA ASP D 139 -22.11 -3.90 44.64
C ASP D 139 -21.18 -5.08 44.91
N ASP D 140 -21.63 -6.06 45.69
CA ASP D 140 -20.80 -7.21 46.05
C ASP D 140 -21.05 -8.51 45.28
N ASN D 141 -21.84 -8.46 44.22
CA ASN D 141 -22.10 -9.65 43.43
C ASN D 141 -21.89 -9.52 41.92
N GLY D 142 -21.39 -8.38 41.46
CA GLY D 142 -21.22 -8.15 40.03
C GLY D 142 -19.80 -8.34 39.51
N LYS D 143 -19.43 -7.50 38.53
CA LYS D 143 -18.11 -7.58 37.94
C LYS D 143 -17.68 -6.22 37.40
N ALA D 144 -16.65 -6.16 36.57
CA ALA D 144 -16.18 -4.89 36.02
C ALA D 144 -15.55 -5.00 34.65
N LEU D 145 -15.83 -4.03 33.77
CA LEU D 145 -15.24 -4.03 32.44
C LEU D 145 -13.89 -3.33 32.55
N GLN D 146 -12.84 -4.15 32.54
CA GLN D 146 -11.46 -3.68 32.64
C GLN D 146 -10.66 -3.87 31.35
N PHE D 147 -10.30 -2.78 30.70
CA PHE D 147 -9.50 -2.89 29.48
C PHE D 147 -8.03 -3.01 29.87
N ILE D 148 -7.69 -4.19 30.40
CA ILE D 148 -6.32 -4.47 30.81
C ILE D 148 -5.81 -5.73 30.15
N PHE D 149 -4.56 -5.67 29.71
CA PHE D 149 -3.90 -6.81 29.10
C PHE D 149 -2.45 -6.88 29.56
N SER D 150 -1.92 -8.09 29.70
CA SER D 150 -0.52 -8.27 30.06
C SER D 150 -0.08 -9.69 29.71
N SER D 151 -0.58 -10.17 28.59
CA SER D 151 -0.38 -11.55 28.10
C SER D 151 1.02 -11.92 27.67
N LYS D 152 1.89 -10.92 27.69
CA LYS D 152 3.21 -11.11 27.14
C LYS D 152 4.39 -11.30 28.11
N GLN D 153 5.13 -12.36 27.88
CA GLN D 153 6.34 -12.62 28.68
C GLN D 153 7.50 -13.09 27.82
N TYR D 154 8.56 -12.31 27.82
CA TYR D 154 9.75 -12.66 27.07
C TYR D 154 10.86 -12.75 28.09
N ILE D 155 11.89 -13.51 27.75
CA ILE D 155 13.02 -13.69 28.63
C ILE D 155 14.24 -13.04 28.00
N SER D 156 15.01 -12.31 28.79
CA SER D 156 16.17 -11.61 28.26
C SER D 156 17.23 -12.58 27.79
N THR D 157 18.28 -12.02 27.19
CA THR D 157 19.37 -12.80 26.63
C THR D 157 19.99 -13.70 27.70
N GLY D 158 19.99 -13.20 28.93
CA GLY D 158 20.59 -13.91 30.06
C GLY D 158 19.75 -14.91 30.80
N GLY D 159 18.48 -15.01 30.43
CA GLY D 159 17.57 -15.94 31.06
C GLY D 159 16.73 -15.39 32.21
N VAL D 160 16.96 -14.13 32.59
CA VAL D 160 16.15 -13.55 33.65
C VAL D 160 15.05 -12.70 33.05
N PRO D 161 13.80 -12.98 33.46
CA PRO D 161 12.71 -12.16 32.96
C PRO D 161 12.89 -10.72 33.39
N VAL D 162 12.46 -9.86 32.47
CA VAL D 162 12.47 -8.42 32.60
C VAL D 162 11.08 -7.95 32.19
N GLY D 163 10.42 -7.22 33.08
CA GLY D 163 9.04 -6.83 32.83
C GLY D 163 8.34 -5.51 32.97
N THR D 164 7.18 -5.44 32.33
CA THR D 164 6.33 -4.26 32.38
C THR D 164 5.45 -4.31 33.63
N ALA D 165 4.92 -3.16 34.04
CA ALA D 165 4.10 -3.10 35.25
C ALA D 165 2.86 -3.99 35.11
N THR D 166 2.21 -3.97 33.95
CA THR D 166 1.01 -4.77 33.77
C THR D 166 1.28 -6.26 33.95
N THR D 167 2.25 -6.80 33.22
CA THR D 167 2.57 -8.22 33.34
C THR D 167 3.17 -8.65 34.68
N ASN D 168 4.10 -7.86 35.20
CA ASN D 168 4.72 -8.21 36.48
C ASN D 168 3.68 -8.21 37.58
N VAL D 169 2.78 -7.23 37.56
CA VAL D 169 1.74 -7.19 38.58
C VAL D 169 0.71 -8.30 38.36
N TYR D 170 0.23 -8.45 37.13
CA TYR D 170 -0.78 -9.48 36.78
C TYR D 170 -0.31 -10.93 36.80
N ARG D 171 0.83 -11.23 36.16
CA ARG D 171 1.29 -12.61 36.12
C ARG D 171 1.99 -13.03 37.40
N ASN D 172 1.97 -12.14 38.39
CA ASN D 172 2.57 -12.46 39.67
C ASN D 172 1.66 -13.43 40.41
N PRO D 173 2.26 -14.36 41.16
CA PRO D 173 1.47 -15.34 41.92
C PRO D 173 0.62 -14.69 43.00
N ASN D 174 0.91 -13.44 43.33
CA ASN D 174 0.17 -12.72 44.36
C ASN D 174 -0.89 -11.76 43.84
N PHE D 175 -1.07 -11.70 42.52
CA PHE D 175 -2.08 -10.80 41.97
C PHE D 175 -3.52 -11.23 42.21
N LYS D 176 -3.86 -12.46 41.80
CA LYS D 176 -5.24 -12.93 41.90
C LYS D 176 -5.79 -12.96 43.32
N ALA D 177 -5.02 -13.57 44.23
CA ALA D 177 -5.43 -13.67 45.63
C ALA D 177 -5.50 -12.29 46.28
N GLY D 178 -4.61 -11.41 45.86
CA GLY D 178 -4.56 -10.05 46.35
C GLY D 178 -5.71 -9.18 45.90
N MET D 179 -6.18 -9.40 44.68
CA MET D 179 -7.21 -8.56 44.08
C MET D 179 -8.67 -9.05 44.14
N LYS D 180 -8.90 -10.23 44.70
CA LYS D 180 -10.25 -10.78 44.69
C LYS D 180 -11.33 -9.98 45.43
N SER D 181 -11.04 -9.58 46.66
CA SER D 181 -11.95 -8.82 47.52
C SER D 181 -12.24 -7.35 47.22
N ILE D 182 -11.21 -6.61 46.81
CA ILE D 182 -11.33 -5.17 46.59
C ILE D 182 -11.85 -4.73 45.23
N THR D 183 -11.89 -5.65 44.26
CA THR D 183 -12.33 -5.31 42.91
C THR D 183 -13.42 -6.22 42.44
N SER D 184 -14.15 -5.75 41.45
CA SER D 184 -15.21 -6.52 40.86
C SER D 184 -14.53 -7.52 39.89
N PRO D 185 -14.96 -8.78 39.87
CA PRO D 185 -14.35 -9.85 39.06
C PRO D 185 -14.23 -9.49 37.60
N SER D 186 -13.08 -9.84 37.01
CA SER D 186 -12.79 -9.48 35.63
C SER D 186 -13.79 -10.03 34.64
N CYS D 187 -14.11 -9.20 33.65
CA CYS D 187 -15.02 -9.53 32.56
C CYS D 187 -14.45 -10.61 31.67
N SER D 188 -13.13 -10.59 31.53
CA SER D 188 -12.43 -11.53 30.67
C SER D 188 -11.72 -12.58 31.48
N PRO D 189 -11.63 -13.79 30.93
CA PRO D 189 -10.88 -14.82 31.64
C PRO D 189 -9.42 -14.41 31.63
N ASP D 190 -8.63 -14.88 32.58
CA ASP D 190 -7.23 -14.51 32.59
C ASP D 190 -6.57 -14.99 31.32
N GLU D 191 -6.94 -16.18 30.84
CA GLU D 191 -6.37 -16.70 29.60
C GLU D 191 -6.71 -15.76 28.45
N VAL D 192 -7.91 -15.18 28.48
CA VAL D 192 -8.30 -14.18 27.48
C VAL D 192 -7.52 -12.89 27.73
N ILE D 193 -7.40 -12.49 29.00
CA ILE D 193 -6.62 -11.30 29.32
C ILE D 193 -5.18 -11.62 28.93
N PHE D 194 -4.78 -12.86 29.21
CA PHE D 194 -3.44 -13.33 28.93
C PHE D 194 -3.41 -14.01 27.57
N SER D 195 -4.32 -13.62 26.69
CA SER D 195 -4.36 -14.17 25.34
C SER D 195 -3.18 -13.63 24.59
N PRO D 196 -2.45 -14.50 23.88
CA PRO D 196 -1.26 -14.05 23.13
C PRO D 196 -1.63 -13.12 21.98
N ASP D 197 -2.92 -12.84 21.85
CA ASP D 197 -3.42 -11.93 20.84
C ASP D 197 -4.38 -10.95 21.51
N VAL D 198 -3.84 -10.02 22.29
CA VAL D 198 -4.70 -9.09 23.02
C VAL D 198 -5.53 -8.17 22.13
N HIS D 199 -5.22 -8.04 20.84
CA HIS D 199 -6.09 -7.24 19.98
C HIS D 199 -7.37 -8.05 19.68
N GLN D 200 -7.20 -9.33 19.33
CA GLN D 200 -8.35 -10.22 19.13
C GLN D 200 -9.02 -10.31 20.48
N ALA D 201 -8.18 -10.44 21.49
CA ALA D 201 -8.62 -10.50 22.88
C ALA D 201 -9.27 -9.20 23.31
N LEU D 202 -8.84 -8.07 22.73
CA LEU D 202 -9.43 -6.76 23.04
C LEU D 202 -10.84 -6.80 22.54
N TYR D 203 -10.99 -7.44 21.38
CA TYR D 203 -12.30 -7.58 20.78
C TYR D 203 -13.16 -8.38 21.75
N CYS D 204 -12.59 -9.46 22.25
CA CYS D 204 -13.25 -10.30 23.23
C CYS D 204 -13.39 -9.64 24.59
N HIS D 205 -12.58 -8.62 24.81
CA HIS D 205 -12.57 -7.82 26.02
C HIS D 205 -13.76 -6.86 26.02
N LEU D 206 -13.99 -6.21 24.89
CA LEU D 206 -15.14 -5.35 24.71
C LEU D 206 -16.27 -6.31 24.90
N LEU D 207 -16.20 -7.41 24.19
CA LEU D 207 -17.21 -8.45 24.19
C LEU D 207 -17.49 -8.93 25.61
N SER D 208 -16.43 -9.05 26.42
CA SER D 208 -16.50 -9.47 27.83
C SER D 208 -17.05 -8.48 28.85
N GLY D 209 -16.58 -7.22 28.82
CA GLY D 209 -17.11 -6.22 29.73
C GLY D 209 -18.57 -6.10 29.40
N ILE D 210 -18.81 -6.24 28.11
CA ILE D 210 -20.13 -6.26 27.55
C ILE D 210 -20.83 -7.53 28.09
N LEU D 211 -20.10 -8.63 28.30
CA LEU D 211 -20.76 -9.88 28.73
C LEU D 211 -21.59 -9.75 30.02
N PHE D 212 -21.10 -9.08 31.05
CA PHE D 212 -21.92 -8.97 32.26
C PHE D 212 -22.34 -7.53 32.56
N ARG D 213 -22.75 -6.81 31.53
CA ARG D 213 -23.00 -5.36 31.62
C ARG D 213 -23.86 -4.79 32.74
N ASP D 214 -24.91 -5.50 33.15
CA ASP D 214 -25.82 -4.96 34.15
C ASP D 214 -25.29 -4.84 35.57
N GLN D 215 -24.54 -5.83 36.04
CA GLN D 215 -24.00 -5.77 37.38
C GLN D 215 -22.66 -5.06 37.50
N VAL D 216 -22.02 -4.78 36.37
CA VAL D 216 -20.74 -4.10 36.41
C VAL D 216 -20.92 -2.67 36.92
N GLN D 217 -19.90 -2.15 37.58
CA GLN D 217 -19.93 -0.79 38.15
C GLN D 217 -19.05 0.27 37.51
N TYR D 218 -18.06 -0.13 36.72
CA TYR D 218 -17.21 0.86 36.08
C TYR D 218 -16.50 0.34 34.83
N VAL D 219 -16.21 1.26 33.93
CA VAL D 219 -15.48 1.00 32.70
C VAL D 219 -14.10 1.48 32.99
N PHE D 220 -13.12 0.64 32.75
CA PHE D 220 -11.81 1.08 33.10
C PHE D 220 -10.68 0.77 32.14
N ALA D 221 -9.78 1.75 32.09
CA ALA D 221 -8.51 1.67 31.43
C ALA D 221 -7.67 2.62 32.25
N VAL D 222 -6.36 2.45 32.24
CA VAL D 222 -5.51 3.34 33.01
C VAL D 222 -5.71 4.75 32.46
N PHE D 223 -5.94 4.84 31.15
CA PHE D 223 -6.06 6.11 30.47
C PHE D 223 -7.38 6.40 29.74
N ALA D 224 -7.60 7.68 29.45
CA ALA D 224 -8.74 8.18 28.66
C ALA D 224 -8.58 7.72 27.21
N HIS D 225 -7.33 7.70 26.78
CA HIS D 225 -6.92 7.31 25.45
C HIS D 225 -7.24 5.83 25.13
N GLY D 226 -7.02 4.97 26.11
CA GLY D 226 -7.32 3.56 25.96
C GLY D 226 -8.82 3.39 25.81
N LEU D 227 -9.55 4.15 26.63
CA LEU D 227 -11.00 4.11 26.64
C LEU D 227 -11.60 4.61 25.33
N VAL D 228 -11.08 5.73 24.84
CA VAL D 228 -11.52 6.31 23.58
C VAL D 228 -11.25 5.30 22.50
N HIS D 229 -10.09 4.64 22.60
CA HIS D 229 -9.69 3.65 21.63
C HIS D 229 -10.71 2.51 21.62
N ALA D 230 -11.07 2.03 22.82
CA ALA D 230 -12.03 0.93 22.96
C ALA D 230 -13.43 1.27 22.43
N PHE D 231 -13.91 2.48 22.71
CA PHE D 231 -15.22 2.91 22.21
C PHE D 231 -15.25 3.24 20.72
N ARG D 232 -14.17 3.81 20.19
CA ARG D 232 -14.12 4.09 18.75
C ARG D 232 -14.12 2.71 18.07
N THR D 233 -13.41 1.77 18.68
CA THR D 233 -13.37 0.40 18.18
C THR D 233 -14.76 -0.23 18.29
N PHE D 234 -15.46 0.03 19.38
CA PHE D 234 -16.81 -0.50 19.58
C PHE D 234 -17.73 0.03 18.49
N GLU D 235 -17.46 1.27 18.09
CA GLU D 235 -18.21 1.93 17.03
C GLU D 235 -17.98 1.11 15.77
N GLN D 236 -16.72 0.75 15.56
CA GLN D 236 -16.35 0.00 14.38
C GLN D 236 -16.95 -1.39 14.27
N VAL D 237 -16.83 -2.16 15.35
CA VAL D 237 -17.22 -3.56 15.37
C VAL D 237 -18.47 -3.99 16.13
N TRP D 238 -19.38 -3.07 16.46
CA TRP D 238 -20.54 -3.50 17.23
C TRP D 238 -21.33 -4.56 16.48
N GLU D 239 -21.63 -4.29 15.20
CA GLU D 239 -22.40 -5.23 14.38
C GLU D 239 -21.73 -6.59 14.25
N GLU D 240 -20.43 -6.56 14.02
CA GLU D 240 -19.65 -7.78 13.88
C GLU D 240 -19.73 -8.59 15.17
N ILE D 241 -19.70 -7.87 16.29
CA ILE D 241 -19.79 -8.52 17.58
C ILE D 241 -21.13 -9.21 17.75
N VAL D 242 -22.22 -8.53 17.40
CA VAL D 242 -23.54 -9.12 17.54
C VAL D 242 -23.63 -10.38 16.67
N THR D 243 -23.06 -10.34 15.47
CA THR D 243 -23.11 -11.54 14.60
C THR D 243 -22.31 -12.66 15.27
N ASP D 244 -21.21 -12.29 15.93
CA ASP D 244 -20.33 -13.26 16.56
C ASP D 244 -21.03 -14.05 17.65
N ILE D 245 -21.66 -13.31 18.54
CA ILE D 245 -22.35 -13.93 19.65
C ILE D 245 -23.73 -14.50 19.27
N LYS D 246 -24.20 -14.17 18.08
CA LYS D 246 -25.52 -14.61 17.66
C LYS D 246 -25.76 -16.09 17.46
N ASP D 247 -25.08 -16.67 16.49
CA ASP D 247 -25.25 -18.07 16.15
C ASP D 247 -24.45 -18.99 17.06
N GLY D 248 -23.88 -18.41 18.10
CA GLY D 248 -23.10 -19.18 19.04
C GLY D 248 -21.78 -19.56 18.42
N VAL D 249 -21.39 -18.82 17.40
CA VAL D 249 -20.13 -19.07 16.76
C VAL D 249 -19.36 -17.78 16.66
N LEU D 250 -18.23 -17.76 17.36
CA LEU D 250 -17.38 -16.58 17.45
C LEU D 250 -16.79 -16.22 16.10
N SER D 251 -16.37 -14.96 15.96
CA SER D 251 -15.90 -14.44 14.67
C SER D 251 -14.81 -15.25 14.03
N ASN D 252 -14.81 -15.27 12.70
CA ASN D 252 -13.79 -15.97 11.96
C ASN D 252 -12.50 -15.15 11.99
N ARG D 253 -12.61 -13.92 12.51
CA ARG D 253 -11.47 -13.03 12.69
C ARG D 253 -10.48 -13.57 13.72
N ILE D 254 -11.01 -13.90 14.90
CA ILE D 254 -10.19 -14.38 16.01
C ILE D 254 -9.56 -15.72 15.63
N THR D 255 -8.25 -15.87 15.82
CA THR D 255 -7.61 -17.11 15.41
C THR D 255 -6.80 -17.93 16.42
N VAL D 256 -6.35 -17.32 17.51
CA VAL D 256 -5.54 -18.08 18.49
C VAL D 256 -6.37 -19.17 19.17
N PRO D 257 -5.87 -20.42 19.13
CA PRO D 257 -6.56 -21.60 19.66
C PRO D 257 -6.88 -21.61 21.15
N SER D 258 -6.03 -21.03 22.00
CA SER D 258 -6.30 -21.04 23.44
C SER D 258 -7.50 -20.17 23.80
N VAL D 259 -7.45 -18.92 23.37
CA VAL D 259 -8.54 -17.97 23.61
C VAL D 259 -9.78 -18.46 22.85
N ARG D 260 -9.56 -19.07 21.69
CA ARG D 260 -10.65 -19.62 20.88
C ARG D 260 -11.36 -20.70 21.68
N THR D 261 -10.56 -21.48 22.40
CA THR D 261 -11.06 -22.54 23.27
C THR D 261 -11.83 -21.93 24.42
N ALA D 262 -11.33 -20.84 24.97
CA ALA D 262 -12.01 -20.17 26.08
C ALA D 262 -13.39 -19.67 25.65
N MET D 263 -13.44 -18.98 24.51
CA MET D 263 -14.68 -18.47 23.94
C MET D 263 -15.67 -19.56 23.49
N SER D 264 -15.15 -20.64 22.93
CA SER D 264 -15.98 -21.75 22.45
C SER D 264 -16.74 -22.46 23.56
N LYS D 265 -16.22 -22.43 24.78
CA LYS D 265 -16.91 -23.07 25.90
C LYS D 265 -17.96 -22.11 26.42
N LEU D 266 -17.96 -20.91 25.86
CA LEU D 266 -18.88 -19.85 26.29
C LEU D 266 -20.09 -19.57 25.40
N LEU D 267 -20.04 -19.97 24.13
CA LEU D 267 -21.09 -19.63 23.14
C LEU D 267 -22.23 -20.62 22.83
N THR D 268 -23.41 -20.06 22.59
CA THR D 268 -24.61 -20.81 22.19
C THR D 268 -25.41 -19.93 21.21
N PRO D 269 -26.24 -20.54 20.35
CA PRO D 269 -27.01 -19.72 19.40
C PRO D 269 -28.27 -19.08 19.99
N ASN D 270 -28.20 -17.78 20.24
CA ASN D 270 -29.32 -17.00 20.78
C ASN D 270 -29.67 -15.78 19.92
N PRO D 271 -30.74 -15.86 19.13
CA PRO D 271 -31.22 -14.82 18.18
C PRO D 271 -31.79 -13.45 18.64
N GLU D 272 -32.49 -13.35 19.76
CA GLU D 272 -33.15 -12.09 20.16
C GLU D 272 -32.33 -10.84 20.54
N LEU D 273 -31.31 -11.08 21.32
CA LEU D 273 -30.54 -9.98 21.85
C LEU D 273 -29.85 -9.17 20.74
N ALA D 274 -29.65 -9.78 19.58
CA ALA D 274 -29.05 -9.09 18.43
C ALA D 274 -30.02 -7.99 18.02
N GLU D 275 -31.30 -8.35 18.07
CA GLU D 275 -32.39 -7.45 17.73
C GLU D 275 -32.24 -6.27 18.67
N THR D 276 -31.99 -6.58 19.93
CA THR D 276 -31.88 -5.52 20.93
C THR D 276 -30.71 -4.55 20.73
N ILE D 277 -29.50 -5.11 20.67
CA ILE D 277 -28.30 -4.28 20.53
C ILE D 277 -28.36 -3.46 19.26
N ARG D 278 -28.85 -4.08 18.20
CA ARG D 278 -28.93 -3.40 16.92
C ARG D 278 -29.85 -2.20 17.13
N THR D 279 -30.96 -2.40 17.83
CA THR D 279 -31.86 -1.26 18.06
C THR D 279 -31.23 -0.12 18.85
N LYS D 280 -30.68 -0.40 20.03
CA LYS D 280 -30.08 0.69 20.85
C LYS D 280 -28.89 1.39 20.21
N CYS D 281 -27.95 0.62 19.68
CA CYS D 281 -26.77 1.24 19.06
C CYS D 281 -27.10 2.11 17.85
N MET D 282 -28.19 1.80 17.16
CA MET D 282 -28.57 2.64 16.02
C MET D 282 -29.54 3.73 16.45
N SER D 283 -29.80 3.81 17.76
CA SER D 283 -30.70 4.83 18.28
C SER D 283 -29.94 6.09 18.72
N LEU D 284 -28.67 5.93 19.05
CA LEU D 284 -27.82 7.03 19.51
C LEU D 284 -27.29 7.94 18.40
N SER D 285 -26.90 9.15 18.79
CA SER D 285 -26.36 10.14 17.86
C SER D 285 -24.86 10.26 18.06
N ASN D 286 -24.10 9.84 17.05
CA ASN D 286 -22.64 9.93 17.08
C ASN D 286 -22.03 9.21 18.27
N TRP D 287 -22.78 8.24 18.80
CA TRP D 287 -22.33 7.41 19.91
C TRP D 287 -22.10 8.18 21.19
N TYR D 288 -22.61 9.41 21.26
CA TYR D 288 -22.43 10.20 22.46
C TYR D 288 -23.21 9.51 23.58
N GLY D 289 -22.66 9.54 24.79
CA GLY D 289 -23.33 8.92 25.91
C GLY D 289 -23.49 7.42 25.70
N LEU D 290 -22.52 6.81 25.01
CA LEU D 290 -22.54 5.37 24.77
C LEU D 290 -22.26 4.59 26.05
N ILE D 291 -21.33 5.09 26.86
CA ILE D 291 -20.92 4.38 28.06
C ILE D 291 -22.11 4.11 29.00
N PRO D 292 -22.93 5.13 29.30
CA PRO D 292 -24.08 4.81 30.16
C PRO D 292 -25.18 4.12 29.36
N ALA D 293 -25.03 4.12 28.04
CA ALA D 293 -25.96 3.41 27.16
C ALA D 293 -25.68 1.91 27.31
N LEU D 294 -24.41 1.61 27.55
CA LEU D 294 -23.95 0.23 27.66
C LEU D 294 -24.16 -0.33 29.07
N PHE D 295 -23.39 0.12 30.07
CA PHE D 295 -23.61 -0.42 31.39
C PHE D 295 -24.08 0.84 32.12
N PRO D 296 -25.35 1.16 32.05
CA PRO D 296 -25.88 2.41 32.61
C PRO D 296 -25.69 2.65 34.09
N ASN D 297 -25.67 1.58 34.85
CA ASN D 297 -25.59 1.71 36.28
C ASN D 297 -24.19 1.84 36.84
N ALA D 298 -23.23 2.00 35.93
CA ALA D 298 -21.87 2.23 36.36
C ALA D 298 -21.83 3.60 36.99
N LYS D 299 -21.38 3.63 38.23
CA LYS D 299 -21.28 4.85 38.98
C LYS D 299 -20.23 5.78 38.38
N TYR D 300 -19.19 5.20 37.79
CA TYR D 300 -18.09 6.02 37.28
C TYR D 300 -17.23 5.42 36.17
N VAL D 301 -16.48 6.28 35.49
CA VAL D 301 -15.51 5.86 34.49
C VAL D 301 -14.17 6.10 35.16
N TYR D 302 -13.23 5.17 35.05
CA TYR D 302 -11.95 5.31 35.74
C TYR D 302 -10.72 5.34 34.84
N GLY D 303 -9.86 6.34 35.03
CA GLY D 303 -8.66 6.44 34.23
C GLY D 303 -7.78 7.61 34.63
N ILE D 304 -6.69 7.85 33.90
CA ILE D 304 -5.82 9.00 34.20
C ILE D 304 -6.17 10.12 33.25
N MET D 305 -6.75 11.20 33.79
CA MET D 305 -7.24 12.30 32.98
C MET D 305 -6.42 13.61 32.97
N THR D 306 -5.22 13.59 33.56
CA THR D 306 -4.41 14.80 33.63
C THR D 306 -3.17 14.81 32.72
N GLY D 307 -2.59 16.00 32.57
CA GLY D 307 -1.42 16.20 31.72
C GLY D 307 -1.69 15.90 30.26
N SER D 308 -0.87 15.03 29.69
CA SER D 308 -1.04 14.68 28.28
C SER D 308 -2.37 13.96 28.03
N MET D 309 -3.04 13.55 29.11
CA MET D 309 -4.33 12.88 29.02
C MET D 309 -5.53 13.81 29.21
N GLU D 310 -5.25 15.11 29.23
CA GLU D 310 -6.29 16.11 29.28
C GLU D 310 -7.04 16.12 27.92
N PRO D 311 -6.33 15.96 26.79
CA PRO D 311 -7.06 15.94 25.51
C PRO D 311 -7.96 14.71 25.29
N TYR D 312 -7.71 13.59 25.98
CA TYR D 312 -8.51 12.38 25.75
C TYR D 312 -9.73 12.23 26.69
N VAL D 313 -9.82 13.10 27.70
CA VAL D 313 -11.02 13.08 28.56
C VAL D 313 -12.19 13.61 27.76
N PRO D 314 -12.03 14.64 26.93
CA PRO D 314 -13.24 15.08 26.22
C PRO D 314 -13.87 14.05 25.30
N LYS D 315 -13.08 13.40 24.44
CA LYS D 315 -13.61 12.37 23.52
C LYS D 315 -14.20 11.29 24.42
N LEU D 316 -13.50 11.05 25.53
CA LEU D 316 -13.98 10.07 26.49
C LEU D 316 -15.31 10.51 27.07
N ARG D 317 -15.47 11.80 27.35
CA ARG D 317 -16.70 12.42 27.86
C ARG D 317 -17.82 12.23 26.86
N HIS D 318 -17.44 12.34 25.58
CA HIS D 318 -18.38 12.17 24.50
C HIS D 318 -18.94 10.78 24.61
N TYR D 319 -18.06 9.81 24.80
CA TYR D 319 -18.52 8.43 24.99
C TYR D 319 -19.29 8.26 26.32
N ALA D 320 -18.74 8.83 27.39
CA ALA D 320 -19.27 8.79 28.75
C ALA D 320 -20.55 9.59 28.96
N GLY D 321 -20.62 10.77 28.35
CA GLY D 321 -21.73 11.67 28.57
C GLY D 321 -21.64 12.39 29.90
N ASP D 322 -22.72 12.37 30.67
CA ASP D 322 -22.78 13.03 31.98
C ASP D 322 -22.04 12.22 33.05
N LEU D 323 -21.57 11.02 32.70
CA LEU D 323 -20.89 10.15 33.65
C LEU D 323 -19.64 10.83 34.23
N PRO D 324 -19.53 10.84 35.56
CA PRO D 324 -18.34 11.43 36.20
C PRO D 324 -17.11 10.62 35.84
N LEU D 325 -16.04 11.30 35.42
CA LEU D 325 -14.81 10.59 35.10
C LEU D 325 -13.76 10.78 36.18
N VAL D 326 -13.57 9.75 37.00
CA VAL D 326 -12.58 9.81 38.06
C VAL D 326 -11.16 9.52 37.54
N SER D 327 -10.24 10.40 37.94
CA SER D 327 -8.84 10.28 37.57
C SER D 327 -8.16 9.26 38.46
N HIS D 328 -7.29 8.44 37.89
CA HIS D 328 -6.56 7.47 38.69
C HIS D 328 -5.35 8.08 39.36
N ASP D 329 -4.88 7.43 40.42
CA ASP D 329 -3.77 7.89 41.23
C ASP D 329 -2.47 7.89 40.47
N TYR D 330 -1.42 8.44 41.09
CA TYR D 330 -0.15 8.58 40.40
C TYR D 330 1.02 7.78 40.99
N GLY D 331 1.51 6.80 40.22
CA GLY D 331 2.62 5.96 40.65
C GLY D 331 2.98 4.86 39.66
N SER D 332 3.99 4.06 39.98
CA SER D 332 4.42 2.95 39.12
C SER D 332 5.45 2.06 39.80
N SER D 333 6.00 1.12 39.02
CA SER D 333 7.02 0.18 39.48
C SER D 333 8.35 0.86 39.84
N GLU D 334 8.63 2.00 39.21
CA GLU D 334 9.85 2.72 39.50
C GLU D 334 9.71 3.41 40.87
N GLY D 335 8.54 3.23 41.48
CA GLY D 335 8.24 3.81 42.78
C GLY D 335 6.98 4.65 42.72
N TRP D 336 5.94 4.15 43.38
CA TRP D 336 4.65 4.84 43.41
C TRP D 336 4.79 6.17 44.12
N ILE D 337 3.91 7.11 43.79
CA ILE D 337 3.95 8.40 44.45
C ILE D 337 2.66 8.75 45.15
N ALA D 338 1.64 9.09 44.37
CA ALA D 338 0.41 9.58 44.97
C ALA D 338 -0.88 8.79 44.69
N ALA D 339 -1.81 8.94 45.63
CA ALA D 339 -3.13 8.31 45.56
C ALA D 339 -4.21 9.37 45.64
N ASN D 340 -5.39 9.05 45.12
CA ASN D 340 -6.49 10.01 45.15
C ASN D 340 -7.51 9.55 46.18
N VAL D 341 -7.55 10.25 47.30
CA VAL D 341 -8.45 9.93 48.39
C VAL D 341 -9.78 10.65 48.22
N THR D 342 -9.83 11.54 47.23
CA THR D 342 -11.03 12.30 46.93
C THR D 342 -11.27 12.21 45.42
N PRO D 343 -11.63 11.02 44.95
CA PRO D 343 -11.87 10.68 43.54
C PRO D 343 -13.04 11.42 42.92
N ARG D 344 -13.90 11.99 43.76
CA ARG D 344 -15.10 12.67 43.30
C ARG D 344 -14.83 13.94 42.50
N LEU D 345 -13.61 14.47 42.54
CA LEU D 345 -13.31 15.69 41.80
C LEU D 345 -13.29 15.44 40.29
N SER D 346 -13.81 16.39 39.53
CA SER D 346 -13.86 16.25 38.08
C SER D 346 -12.43 16.29 37.53
N PRO D 347 -12.22 15.80 36.31
CA PRO D 347 -10.87 15.68 35.74
C PRO D 347 -9.97 16.92 35.67
N GLU D 348 -10.53 18.10 35.38
CA GLU D 348 -9.69 19.30 35.25
C GLU D 348 -9.09 19.77 36.59
N GLU D 349 -9.59 19.25 37.71
CA GLU D 349 -9.10 19.62 39.05
C GLU D 349 -8.39 18.48 39.77
N ALA D 350 -8.13 17.39 39.07
CA ALA D 350 -7.52 16.21 39.68
C ALA D 350 -6.11 16.44 40.21
N THR D 351 -5.91 16.02 41.46
CA THR D 351 -4.62 16.06 42.14
C THR D 351 -4.54 14.79 42.99
N PHE D 352 -3.33 14.34 43.30
CA PHE D 352 -3.16 13.10 44.06
C PHE D 352 -2.24 13.25 45.28
N ALA D 353 -2.53 12.48 46.32
CA ALA D 353 -1.77 12.52 47.59
C ALA D 353 -0.72 11.42 47.71
N VAL D 354 0.51 11.82 48.04
CA VAL D 354 1.61 10.88 48.15
C VAL D 354 1.44 9.78 49.19
N ILE D 355 1.78 8.55 48.80
CA ILE D 355 1.80 7.43 49.73
C ILE D 355 3.28 7.29 50.01
N PRO D 356 3.67 7.58 51.26
CA PRO D 356 5.07 7.69 51.71
C PRO D 356 5.95 6.47 52.07
N ASN D 357 5.44 5.24 52.23
CA ASN D 357 6.36 4.16 52.63
C ASN D 357 6.86 3.32 51.47
N LEU D 358 6.61 3.80 50.26
CA LEU D 358 7.03 3.10 49.06
C LEU D 358 8.43 3.54 48.63
N GLY D 359 9.01 4.44 49.42
CA GLY D 359 10.36 4.96 49.17
C GLY D 359 10.58 6.36 49.73
N TYR D 360 11.77 6.90 49.51
CA TYR D 360 12.12 8.24 49.94
C TYR D 360 12.31 9.14 48.73
N PHE D 361 11.61 10.27 48.72
CA PHE D 361 11.66 11.17 47.57
C PHE D 361 12.21 12.57 47.90
N GLU D 362 13.00 13.13 47.00
CA GLU D 362 13.55 14.48 47.19
C GLU D 362 13.34 15.29 45.92
N PHE D 363 13.03 16.57 46.06
CA PHE D 363 12.73 17.40 44.88
C PHE D 363 13.69 18.57 44.65
N LEU D 364 13.93 18.90 43.39
CA LEU D 364 14.80 20.01 43.00
C LEU D 364 13.96 21.21 42.59
N PRO D 365 13.98 22.28 43.40
CA PRO D 365 13.22 23.49 43.08
C PRO D 365 13.70 24.12 41.77
N VAL D 366 12.78 24.52 40.91
CA VAL D 366 13.14 25.14 39.65
C VAL D 366 13.07 26.66 39.83
N SER D 367 13.08 27.10 41.08
CA SER D 367 12.90 28.51 41.40
C SER D 367 14.15 29.40 41.32
N GLU D 368 14.23 30.15 40.22
CA GLU D 368 15.25 31.16 39.95
C GLU D 368 14.96 31.75 38.58
N THR D 369 14.70 30.83 37.65
CA THR D 369 14.43 31.11 36.25
C THR D 369 14.23 29.76 35.55
N GLY D 370 14.94 29.58 34.45
CA GLY D 370 14.95 28.32 33.73
C GLY D 370 16.42 28.04 33.49
N GLU D 371 17.03 27.18 34.31
CA GLU D 371 16.34 26.41 35.34
C GLU D 371 16.41 27.02 36.74
N GLY D 372 17.50 26.77 37.46
CA GLY D 372 17.65 27.31 38.81
C GLY D 372 18.55 26.49 39.73
N GLU D 373 19.71 27.03 40.10
CA GLU D 373 20.69 26.28 40.90
C GLU D 373 20.35 26.18 42.39
N GLU D 374 19.26 25.46 42.70
CA GLU D 374 18.83 25.28 44.08
C GLU D 374 18.99 23.83 44.56
N LYS D 375 19.27 23.71 45.86
CA LYS D 375 19.46 22.41 46.54
C LYS D 375 18.14 21.74 46.84
N PRO D 376 18.15 20.40 46.98
CA PRO D 376 16.91 19.65 47.24
C PRO D 376 16.39 19.75 48.67
N VAL D 377 15.07 19.73 48.83
CA VAL D 377 14.42 19.86 50.13
C VAL D 377 13.38 18.77 50.30
N GLY D 378 12.93 18.54 51.53
CA GLY D 378 11.99 17.48 51.84
C GLY D 378 10.61 17.60 51.23
N LEU D 379 9.87 16.49 51.24
CA LEU D 379 8.54 16.40 50.64
C LEU D 379 7.54 17.40 51.18
N THR D 380 7.53 17.58 52.50
CA THR D 380 6.61 18.55 53.10
C THR D 380 7.26 19.94 53.18
N GLN D 381 8.48 20.05 52.69
CA GLN D 381 9.18 21.32 52.63
C GLN D 381 9.02 21.92 51.24
N VAL D 382 8.41 21.15 50.34
CA VAL D 382 8.13 21.62 49.00
C VAL D 382 7.09 22.73 49.16
N LYS D 383 7.07 23.66 48.21
CA LYS D 383 6.20 24.84 48.31
C LYS D 383 4.91 24.73 47.50
N ILE D 384 3.80 25.02 48.17
CA ILE D 384 2.48 24.97 47.57
C ILE D 384 2.38 26.01 46.45
N GLY D 385 1.64 25.67 45.39
CA GLY D 385 1.50 26.54 44.25
C GLY D 385 2.69 26.44 43.32
N GLU D 386 3.89 26.54 43.90
CA GLU D 386 5.13 26.47 43.12
C GLU D 386 5.36 25.04 42.66
N GLU D 387 6.36 24.86 41.82
CA GLU D 387 6.63 23.56 41.23
C GLU D 387 8.08 23.10 41.38
N TYR D 388 8.25 21.81 41.67
CA TYR D 388 9.58 21.20 41.86
C TYR D 388 9.74 19.96 40.99
N GLU D 389 10.97 19.57 40.68
CA GLU D 389 11.18 18.36 39.89
C GLU D 389 11.38 17.20 40.84
N VAL D 390 10.76 16.06 40.57
CA VAL D 390 10.84 14.92 41.48
C VAL D 390 12.02 13.99 41.21
N VAL D 391 12.77 13.73 42.28
CA VAL D 391 13.92 12.82 42.26
C VAL D 391 13.55 11.66 43.19
N ILE D 392 13.57 10.44 42.64
CA ILE D 392 13.12 9.25 43.36
C ILE D 392 14.18 8.31 43.94
N THR D 393 13.97 7.90 45.19
CA THR D 393 14.84 6.92 45.84
C THR D 393 13.94 5.85 46.44
N ASN D 394 14.23 4.57 46.19
CA ASN D 394 13.41 3.48 46.74
C ASN D 394 14.03 2.08 46.57
N TYR D 395 13.17 1.05 46.66
CA TYR D 395 13.58 -0.34 46.57
C TYR D 395 13.64 -0.84 45.12
N ALA D 396 13.39 0.05 44.18
CA ALA D 396 13.32 -0.28 42.75
C ALA D 396 14.57 0.05 41.94
N GLY D 397 15.68 0.37 42.59
CA GLY D 397 16.91 0.74 41.91
C GLY D 397 17.15 2.20 41.67
N LEU D 398 16.21 2.99 42.15
CA LEU D 398 16.35 4.42 42.01
C LEU D 398 16.82 4.96 43.36
N TYR D 399 17.97 5.60 43.35
CA TYR D 399 18.52 6.26 44.53
C TYR D 399 18.94 7.64 44.10
N ARG D 400 18.26 8.66 44.62
CA ARG D 400 18.55 10.05 44.28
C ARG D 400 18.49 10.18 42.77
N TYR D 401 17.57 9.45 42.14
CA TYR D 401 17.45 9.47 40.69
C TYR D 401 16.47 10.54 40.21
N ARG D 402 16.92 11.34 39.24
CA ARG D 402 16.07 12.37 38.68
C ARG D 402 15.22 11.72 37.62
N LEU D 403 13.90 11.85 37.71
CA LEU D 403 13.03 11.27 36.70
C LEU D 403 12.80 12.28 35.59
N GLY D 404 13.18 13.53 35.84
CA GLY D 404 13.06 14.59 34.86
C GLY D 404 11.70 15.18 34.56
N ASP D 405 10.93 15.48 35.60
CA ASP D 405 9.61 16.07 35.40
C ASP D 405 9.19 16.92 36.62
N VAL D 406 8.37 17.95 36.37
CA VAL D 406 7.99 18.91 37.41
C VAL D 406 6.53 18.88 37.90
N VAL D 407 6.36 18.81 39.22
CA VAL D 407 5.07 18.74 39.90
C VAL D 407 4.65 20.04 40.59
N LYS D 408 3.34 20.21 40.79
CA LYS D 408 2.83 21.39 41.49
C LYS D 408 2.17 20.96 42.81
N VAL D 409 2.52 21.61 43.90
CA VAL D 409 1.93 21.30 45.18
C VAL D 409 0.67 22.13 45.34
N ILE D 410 -0.46 21.45 45.22
CA ILE D 410 -1.80 22.02 45.28
C ILE D 410 -2.35 22.20 46.69
N GLY D 411 -1.87 21.38 47.61
CA GLY D 411 -2.38 21.43 48.96
C GLY D 411 -2.00 20.29 49.88
N PHE D 412 -2.79 20.13 50.94
CA PHE D 412 -2.56 19.06 51.92
C PHE D 412 -3.81 18.26 52.30
N TYR D 413 -3.68 16.95 52.32
CA TYR D 413 -4.73 16.10 52.85
C TYR D 413 -4.10 15.90 54.22
N ASN D 414 -4.52 16.71 55.20
CA ASN D 414 -3.90 16.69 56.53
C ASN D 414 -2.47 17.21 56.41
N ASN D 415 -1.48 16.39 56.74
CA ASN D 415 -0.08 16.79 56.69
C ASN D 415 0.70 16.24 55.48
N THR D 416 0.02 15.52 54.60
CA THR D 416 0.66 14.96 53.42
C THR D 416 0.29 15.84 52.21
N PRO D 417 1.26 16.06 51.31
CA PRO D 417 1.06 16.92 50.14
C PRO D 417 0.16 16.34 49.04
N GLN D 418 -0.53 17.25 48.36
CA GLN D 418 -1.37 16.91 47.23
C GLN D 418 -0.67 17.49 46.00
N LEU D 419 -0.53 16.68 44.96
CA LEU D 419 0.20 17.14 43.78
C LEU D 419 -0.61 17.11 42.49
N LYS D 420 -0.33 18.05 41.58
CA LYS D 420 -1.01 18.09 40.29
C LYS D 420 0.04 18.18 39.20
N PHE D 421 -0.37 17.78 38.00
CA PHE D 421 0.50 17.75 36.83
C PHE D 421 -0.15 18.29 35.55
N ILE D 422 0.64 19.07 34.82
CA ILE D 422 0.29 19.61 33.51
C ILE D 422 1.32 19.12 32.50
N CYS D 423 2.18 18.23 32.97
CA CYS D 423 3.29 17.69 32.20
C CYS D 423 2.90 16.87 30.97
N ARG D 424 3.77 16.93 29.97
CA ARG D 424 3.58 16.23 28.71
C ARG D 424 4.88 15.50 28.33
N ARG D 425 5.97 16.26 28.27
CA ARG D 425 7.25 15.72 27.88
C ARG D 425 8.31 15.94 28.96
N ASN D 426 9.14 14.92 29.17
CA ASN D 426 10.30 15.01 30.06
C ASN D 426 11.49 15.28 29.17
N LEU D 427 11.18 15.68 27.95
CA LEU D 427 12.18 15.80 26.90
C LEU D 427 13.22 16.93 26.83
N ILE D 428 14.44 16.42 26.70
CA ILE D 428 15.62 17.11 26.23
C ILE D 428 16.19 15.81 25.66
N LEU D 429 16.70 15.83 24.44
CA LEU D 429 17.24 14.61 23.87
C LEU D 429 18.75 14.60 23.78
N SER D 430 19.26 13.48 23.28
CA SER D 430 20.67 13.29 23.03
C SER D 430 20.71 12.27 21.91
N ILE D 431 21.88 12.09 21.30
CA ILE D 431 21.99 11.19 20.16
C ILE D 431 22.08 9.68 20.45
N ASN D 432 21.22 8.97 19.72
CA ASN D 432 20.93 7.53 19.76
C ASN D 432 21.98 6.64 19.10
N ILE D 433 21.61 5.37 18.87
CA ILE D 433 22.30 4.31 18.08
C ILE D 433 21.41 3.07 17.86
N ASP D 434 20.20 3.07 18.38
CA ASP D 434 19.32 1.93 18.15
C ASP D 434 18.59 2.19 16.83
N LYS D 435 19.15 3.16 16.11
CA LYS D 435 18.64 3.65 14.84
C LYS D 435 19.81 3.95 13.85
N ASN D 436 19.59 4.02 12.52
CA ASN D 436 18.32 3.97 11.76
C ASN D 436 17.40 5.12 12.12
N THR D 437 17.82 6.35 11.80
CA THR D 437 17.13 7.61 12.15
C THR D 437 15.67 7.45 12.51
N GLU D 438 15.23 8.13 13.57
CA GLU D 438 13.85 7.99 14.04
C GLU D 438 12.94 8.25 12.87
N ARG D 439 13.37 9.15 12.00
CA ARG D 439 12.65 9.47 10.79
C ARG D 439 12.62 8.23 9.90
N ASP D 440 13.72 7.47 9.88
CA ASP D 440 13.83 6.25 9.07
C ASP D 440 12.94 5.12 9.59
N LEU D 441 12.89 4.95 10.90
CA LEU D 441 12.04 3.92 11.52
C LEU D 441 10.57 4.27 11.33
N GLN D 442 10.21 5.53 11.55
CA GLN D 442 8.83 5.96 11.36
C GLN D 442 8.50 5.76 9.90
N LEU D 443 9.43 6.14 9.03
CA LEU D 443 9.29 5.99 7.59
C LEU D 443 9.17 4.50 7.26
N SER D 444 9.79 3.65 8.08
CA SER D 444 9.77 2.21 7.86
C SER D 444 8.39 1.62 8.06
N VAL D 445 7.86 1.89 9.24
CA VAL D 445 6.53 1.43 9.59
C VAL D 445 5.52 2.02 8.63
N GLU D 446 5.75 3.28 8.28
CA GLU D 446 4.90 4.00 7.34
C GLU D 446 4.92 3.34 5.97
N SER D 447 6.11 2.91 5.55
CA SER D 447 6.25 2.26 4.25
C SER D 447 5.59 0.89 4.20
N ALA D 448 5.97 0.02 5.13
CA ALA D 448 5.44 -1.33 5.16
C ALA D 448 3.95 -1.45 5.48
N ALA D 449 3.43 -0.57 6.34
CA ALA D 449 2.04 -0.68 6.82
C ALA D 449 0.90 -0.28 5.88
N LYS D 450 1.19 0.33 4.74
CA LYS D 450 0.09 0.65 3.82
C LYS D 450 -0.35 -0.63 3.10
N ARG D 451 0.52 -1.63 3.13
CA ARG D 451 0.23 -2.96 2.61
C ARG D 451 -0.89 -3.42 3.49
N LEU D 452 -0.80 -3.08 4.77
CA LEU D 452 -1.87 -3.36 5.70
C LEU D 452 -3.07 -2.50 5.39
N SER D 453 -2.82 -1.23 5.05
CA SER D 453 -3.88 -0.25 4.78
C SER D 453 -4.74 -0.64 3.60
N GLU D 454 -4.31 -1.66 2.86
CA GLU D 454 -5.12 -2.21 1.78
C GLU D 454 -6.33 -2.86 2.43
N GLU D 455 -6.30 -2.95 3.76
CA GLU D 455 -7.35 -3.56 4.55
C GLU D 455 -8.13 -2.51 5.37
N LYS D 456 -8.14 -1.26 4.93
CA LYS D 456 -8.82 -0.19 5.66
C LYS D 456 -8.27 -0.06 7.09
N ILE D 457 -6.95 0.11 7.18
CA ILE D 457 -6.29 0.21 8.47
C ILE D 457 -5.18 1.28 8.46
N GLU D 458 -4.84 1.81 9.62
CA GLU D 458 -3.74 2.76 9.76
C GLU D 458 -2.95 2.42 11.03
N VAL D 459 -1.67 2.77 11.07
CA VAL D 459 -0.83 2.42 12.21
C VAL D 459 -0.98 3.32 13.42
N ILE D 460 -1.41 2.72 14.52
CA ILE D 460 -1.50 3.49 15.75
C ILE D 460 -0.08 3.73 16.31
N ASP D 461 0.77 2.70 16.34
CA ASP D 461 2.19 2.87 16.79
C ASP D 461 3.13 1.70 16.47
N PHE D 462 4.42 1.90 16.78
CA PHE D 462 5.46 0.93 16.48
C PHE D 462 6.71 1.02 17.37
N SER D 463 7.56 -0.02 17.29
CA SER D 463 8.81 -0.09 18.06
C SER D 463 9.85 -1.03 17.44
N SER D 464 11.01 -1.17 18.08
CA SER D 464 12.09 -2.02 17.57
C SER D 464 13.00 -2.57 18.67
N TYR D 465 13.96 -3.44 18.31
CA TYR D 465 14.87 -4.03 19.31
C TYR D 465 16.12 -4.64 18.65
N ILE D 466 17.24 -4.72 19.40
CA ILE D 466 18.44 -5.33 18.87
C ILE D 466 18.78 -6.53 19.80
N ASP D 467 18.97 -7.68 19.16
CA ASP D 467 19.21 -8.97 19.78
C ASP D 467 20.63 -9.49 19.60
N VAL D 468 21.42 -9.47 20.67
CA VAL D 468 22.82 -9.91 20.60
C VAL D 468 23.21 -11.23 21.28
N SER D 469 22.24 -12.02 21.74
CA SER D 469 22.56 -13.33 22.32
C SER D 469 22.51 -14.36 21.22
N THR D 470 21.86 -13.98 20.12
CA THR D 470 21.70 -14.87 18.98
C THR D 470 22.78 -14.55 17.95
N ASP D 471 23.09 -15.52 17.10
CA ASP D 471 23.99 -15.29 15.99
C ASP D 471 23.25 -15.79 14.76
N PRO D 472 23.02 -14.91 13.78
CA PRO D 472 23.42 -13.50 13.84
C PRO D 472 22.40 -12.65 14.59
N GLY D 473 22.80 -11.46 15.02
CA GLY D 473 21.89 -10.57 15.71
C GLY D 473 20.83 -10.09 14.75
N HIS D 474 19.61 -9.88 15.24
CA HIS D 474 18.54 -9.40 14.38
C HIS D 474 17.66 -8.36 15.07
N TYR D 475 17.31 -7.31 14.33
CA TYR D 475 16.42 -6.28 14.85
C TYR D 475 15.02 -6.86 14.77
N ALA D 476 14.15 -6.46 15.69
CA ALA D 476 12.78 -6.94 15.68
C ALA D 476 11.85 -5.75 15.61
N ILE D 477 11.01 -5.68 14.58
CA ILE D 477 10.09 -4.56 14.45
C ILE D 477 8.76 -4.92 15.10
N PHE D 478 8.23 -4.01 15.90
CA PHE D 478 6.97 -4.25 16.60
C PHE D 478 5.93 -3.30 16.07
N TRP D 479 4.74 -3.83 15.83
CA TRP D 479 3.66 -3.04 15.28
C TRP D 479 2.38 -3.16 16.07
N GLU D 480 1.68 -2.03 16.21
CA GLU D 480 0.37 -2.04 16.84
C GLU D 480 -0.56 -1.24 15.93
N ILE D 481 -1.43 -2.02 15.28
CA ILE D 481 -2.41 -1.56 14.33
C ILE D 481 -3.79 -1.87 14.86
N SER D 482 -4.83 -1.34 14.22
CA SER D 482 -6.19 -1.52 14.71
C SER D 482 -6.92 -2.79 14.26
N GLY D 483 -6.33 -3.60 13.40
CA GLY D 483 -7.05 -4.79 12.95
C GLY D 483 -6.23 -6.02 12.57
N GLU D 484 -6.89 -7.18 12.63
CA GLU D 484 -6.26 -8.46 12.28
C GLU D 484 -6.17 -8.63 10.76
N THR D 485 -5.20 -9.42 10.31
CA THR D 485 -5.04 -9.75 8.90
C THR D 485 -4.20 -11.00 8.78
N ASN D 486 -4.20 -11.60 7.59
CA ASN D 486 -3.45 -12.83 7.34
C ASN D 486 -1.94 -12.60 7.45
N GLU D 487 -1.19 -13.68 7.55
CA GLU D 487 0.26 -13.62 7.70
C GLU D 487 1.05 -13.15 6.49
N ASP D 488 0.64 -13.56 5.29
CA ASP D 488 1.44 -13.30 4.09
C ASP D 488 1.77 -11.81 3.94
N VAL D 489 0.78 -10.96 4.17
CA VAL D 489 0.97 -9.52 4.08
C VAL D 489 1.94 -9.01 5.15
N LEU D 490 1.84 -9.57 6.36
CA LEU D 490 2.74 -9.19 7.44
C LEU D 490 4.17 -9.60 7.14
N GLN D 491 4.32 -10.72 6.44
CA GLN D 491 5.66 -11.20 6.05
C GLN D 491 6.28 -10.25 5.03
N ASP D 492 5.44 -9.86 4.06
CA ASP D 492 5.91 -8.94 3.06
C ASP D 492 6.31 -7.70 3.85
N CYS D 493 5.44 -7.30 4.78
CA CYS D 493 5.69 -6.11 5.57
C CYS D 493 7.02 -6.13 6.35
N CYS D 494 7.40 -7.31 6.84
CA CYS D 494 8.68 -7.42 7.51
C CYS D 494 9.73 -7.11 6.48
N ASN D 495 9.58 -7.69 5.29
CA ASN D 495 10.61 -7.40 4.29
C ASN D 495 10.68 -5.89 4.01
N CYS D 496 9.54 -5.20 3.96
CA CYS D 496 9.55 -3.75 3.72
C CYS D 496 10.18 -2.97 4.87
N LEU D 497 10.02 -3.48 6.09
CA LEU D 497 10.62 -2.85 7.25
C LEU D 497 12.10 -2.96 7.07
N ASP D 498 12.54 -4.10 6.54
CA ASP D 498 13.95 -4.26 6.24
C ASP D 498 14.38 -3.30 5.14
N ARG D 499 13.54 -3.17 4.13
CA ARG D 499 13.80 -2.37 2.94
C ARG D 499 13.57 -0.89 3.13
N ALA D 500 13.15 -0.50 4.32
CA ALA D 500 12.87 0.91 4.55
C ALA D 500 14.08 1.68 5.05
N PHE D 501 14.91 1.05 5.89
CA PHE D 501 16.07 1.76 6.39
C PHE D 501 16.96 1.92 5.16
N ILE D 502 17.02 3.16 4.67
CA ILE D 502 17.66 3.49 3.41
C ILE D 502 19.19 3.67 3.36
N ASP D 503 19.89 3.55 4.48
CA ASP D 503 21.36 3.72 4.45
C ASP D 503 22.13 2.49 4.00
N ALA D 504 23.28 2.75 3.38
CA ALA D 504 24.19 1.76 2.83
C ALA D 504 24.66 0.77 3.88
N GLY D 505 24.71 1.22 5.13
CA GLY D 505 25.18 0.37 6.19
C GLY D 505 24.36 -0.85 6.52
N TYR D 506 23.09 -0.60 6.72
CA TYR D 506 22.11 -1.60 7.05
C TYR D 506 22.19 -2.63 5.95
N VAL D 507 22.33 -2.06 4.76
CA VAL D 507 22.41 -2.82 3.55
C VAL D 507 23.60 -3.72 3.58
N SER D 508 24.72 -3.18 4.02
CA SER D 508 25.95 -3.95 4.05
C SER D 508 25.86 -5.15 4.96
N SER D 509 25.44 -4.92 6.21
CA SER D 509 25.39 -6.08 7.11
C SER D 509 24.38 -7.14 6.72
N ARG D 510 23.14 -6.71 6.63
CA ARG D 510 22.04 -7.62 6.37
C ARG D 510 22.13 -8.34 5.05
N LYS D 511 22.74 -7.68 4.05
CA LYS D 511 22.99 -8.35 2.80
C LYS D 511 24.11 -9.36 3.06
N CYS D 512 25.18 -8.94 3.73
CA CYS D 512 26.23 -9.89 4.04
C CYS D 512 25.59 -10.90 4.94
N LYS D 513 24.91 -10.43 6.01
CA LYS D 513 24.14 -11.19 7.03
C LYS D 513 24.80 -11.30 8.42
N THR D 514 25.84 -10.51 8.70
CA THR D 514 26.47 -10.59 10.03
C THR D 514 25.53 -10.03 11.09
N ILE D 515 24.48 -9.38 10.61
CA ILE D 515 23.39 -8.95 11.45
C ILE D 515 22.23 -9.53 10.69
N GLY D 516 21.56 -10.47 11.36
CA GLY D 516 20.49 -11.21 10.74
C GLY D 516 19.31 -10.39 10.30
N ALA D 517 18.52 -10.98 9.42
CA ALA D 517 17.35 -10.33 8.86
C ALA D 517 16.38 -9.95 9.97
N LEU D 518 15.61 -8.89 9.74
CA LEU D 518 14.68 -8.40 10.76
C LEU D 518 13.49 -9.28 10.94
N GLU D 519 13.23 -9.61 12.18
CA GLU D 519 12.05 -10.34 12.50
C GLU D 519 11.01 -9.27 12.70
N LEU D 520 9.81 -9.48 12.19
CA LEU D 520 8.76 -8.54 12.43
C LEU D 520 7.81 -9.28 13.32
N ARG D 521 7.76 -8.82 14.55
CA ARG D 521 6.85 -9.41 15.49
C ARG D 521 5.72 -8.40 15.54
N VAL D 522 4.66 -8.64 14.79
CA VAL D 522 3.51 -7.76 14.81
C VAL D 522 2.80 -8.13 16.09
N VAL D 523 2.61 -7.11 16.92
CA VAL D 523 1.98 -7.30 18.21
C VAL D 523 0.56 -6.76 18.21
N ALA D 524 -0.16 -7.10 19.25
CA ALA D 524 -1.55 -6.76 19.45
C ALA D 524 -1.82 -5.32 19.95
N LYS D 525 -3.08 -4.92 19.85
CA LYS D 525 -3.54 -3.59 20.23
C LYS D 525 -3.39 -3.29 21.72
N GLY D 526 -3.26 -2.00 22.03
CA GLY D 526 -3.13 -1.56 23.39
C GLY D 526 -1.75 -1.77 23.99
N THR D 527 -0.82 -2.24 23.18
CA THR D 527 0.55 -2.49 23.63
C THR D 527 1.27 -1.20 24.02
N PHE D 528 1.28 -0.27 23.08
CA PHE D 528 1.87 1.03 23.27
C PHE D 528 1.00 1.79 24.25
N ARG D 529 -0.27 1.41 24.30
CA ARG D 529 -1.18 1.97 25.27
C ARG D 529 -0.69 1.52 26.63
N LYS D 530 -0.21 0.27 26.71
CA LYS D 530 0.29 -0.26 27.96
C LYS D 530 1.48 0.58 28.38
N ILE D 531 2.30 0.90 27.39
CA ILE D 531 3.49 1.70 27.63
C ILE D 531 3.13 3.07 28.21
N GLN D 532 2.25 3.80 27.52
CA GLN D 532 1.84 5.13 27.97
C GLN D 532 1.13 5.12 29.32
N GLU D 533 0.21 4.16 29.46
CA GLU D 533 -0.60 3.98 30.67
C GLU D 533 0.25 3.71 31.89
N HIS D 534 1.33 2.96 31.74
CA HIS D 534 2.17 2.74 32.91
C HIS D 534 3.17 3.88 33.04
N PHE D 535 3.29 4.68 31.99
CA PHE D 535 4.25 5.77 32.02
C PHE D 535 3.75 7.11 32.59
N LEU D 536 2.61 7.60 32.12
CA LEU D 536 2.10 8.87 32.64
C LEU D 536 1.79 8.73 34.12
N GLY D 537 1.44 7.50 34.50
CA GLY D 537 1.16 7.18 35.88
C GLY D 537 2.44 7.09 36.67
N LEU D 538 3.56 6.86 35.99
CA LEU D 538 4.86 6.68 36.64
C LEU D 538 5.17 7.84 37.57
N GLY D 539 5.49 7.50 38.81
CA GLY D 539 5.68 8.52 39.83
C GLY D 539 6.84 9.46 39.67
N SER D 540 6.49 10.75 39.67
CA SER D 540 7.38 11.89 39.51
C SER D 540 6.49 13.06 39.10
N SER D 541 6.31 13.23 37.80
CA SER D 541 5.43 14.25 37.23
C SER D 541 4.96 13.67 35.91
N ALA D 542 3.70 13.84 35.56
CA ALA D 542 3.16 13.17 34.38
C ALA D 542 3.73 13.65 33.05
N GLY D 543 5.05 13.47 32.90
CA GLY D 543 5.76 13.81 31.68
C GLY D 543 6.52 12.56 31.25
N GLN D 544 5.78 11.55 30.82
CA GLN D 544 6.36 10.31 30.35
C GLN D 544 5.65 9.76 29.11
N PHE D 545 5.70 10.54 28.03
CA PHE D 545 5.02 10.14 26.80
C PHE D 545 5.89 9.94 25.57
N LYS D 546 7.18 10.25 25.59
CA LYS D 546 7.98 9.98 24.36
C LYS D 546 8.56 8.59 24.54
N MET D 547 7.98 7.58 23.87
CA MET D 547 8.42 6.20 24.02
C MET D 547 9.63 5.85 23.16
N PRO D 548 10.59 5.11 23.74
CA PRO D 548 11.77 4.71 22.96
C PRO D 548 11.39 3.77 21.81
N ARG D 549 11.84 4.12 20.62
CA ARG D 549 11.57 3.39 19.37
C ARG D 549 12.26 2.03 19.18
N CYS D 550 13.46 1.84 19.74
CA CYS D 550 14.14 0.55 19.58
C CYS D 550 14.94 0.19 20.81
N VAL D 551 14.80 -1.06 21.23
CA VAL D 551 15.47 -1.55 22.43
C VAL D 551 16.75 -2.38 22.27
N LYS D 552 17.80 -1.86 22.90
CA LYS D 552 19.08 -2.55 22.98
C LYS D 552 18.94 -3.36 24.26
N PRO D 553 19.83 -4.33 24.52
CA PRO D 553 19.56 -5.01 25.79
C PRO D 553 19.86 -4.07 26.97
N SER D 554 19.30 -2.86 26.87
CA SER D 554 19.34 -1.85 27.89
C SER D 554 17.94 -1.21 28.10
N ASN D 555 16.91 -1.68 27.38
CA ASN D 555 15.49 -1.21 27.53
C ASN D 555 14.59 -2.38 27.89
N ALA D 556 13.62 -2.17 28.77
CA ALA D 556 12.85 -3.31 29.25
C ALA D 556 11.33 -3.50 29.09
N LYS D 557 10.55 -2.53 29.54
CA LYS D 557 9.10 -2.67 29.59
C LYS D 557 8.42 -3.09 28.29
N VAL D 558 8.91 -2.61 27.16
CA VAL D 558 8.35 -3.02 25.88
C VAL D 558 8.70 -4.48 25.54
N LEU D 559 9.90 -4.87 25.95
CA LEU D 559 10.47 -6.20 25.73
C LEU D 559 9.88 -7.44 26.44
N GLN D 560 9.41 -7.36 27.69
CA GLN D 560 8.82 -8.56 28.29
C GLN D 560 7.58 -8.77 27.46
N ILE D 561 7.02 -7.62 27.09
CA ILE D 561 5.82 -7.46 26.29
C ILE D 561 5.98 -7.87 24.83
N LEU D 562 7.21 -7.87 24.33
CA LEU D 562 7.43 -8.18 22.92
C LEU D 562 7.07 -9.59 22.40
N CYS D 563 7.53 -10.65 23.06
CA CYS D 563 7.31 -11.99 22.50
C CYS D 563 5.98 -12.73 22.62
N GLU D 564 5.51 -13.05 23.82
CA GLU D 564 4.31 -13.90 23.94
C GLU D 564 3.12 -13.40 23.15
N ASN D 565 3.12 -12.11 22.83
CA ASN D 565 2.05 -11.55 22.02
C ASN D 565 2.52 -11.36 20.60
N VAL D 566 3.39 -12.26 20.15
CA VAL D 566 3.84 -12.17 18.78
C VAL D 566 2.63 -12.71 18.02
N VAL D 567 1.63 -11.84 17.90
CA VAL D 567 0.38 -12.20 17.23
C VAL D 567 0.76 -12.65 15.84
N SER D 568 1.94 -12.22 15.41
CA SER D 568 2.57 -12.74 14.22
C SER D 568 4.05 -12.46 14.41
N SER D 569 4.91 -13.44 14.16
CA SER D 569 6.35 -13.21 14.28
C SER D 569 7.08 -13.89 13.16
N TYR D 570 7.54 -13.12 12.19
CA TYR D 570 8.23 -13.73 11.07
C TYR D 570 9.56 -13.12 10.66
N PHE D 571 10.45 -14.02 10.26
CA PHE D 571 11.81 -13.72 9.88
C PHE D 571 11.81 -13.70 8.37
N SER D 572 12.26 -12.58 7.79
CA SER D 572 12.11 -12.39 6.35
C SER D 572 12.48 -13.58 5.50
N THR D 573 11.51 -14.00 4.69
CA THR D 573 11.72 -15.08 3.73
C THR D 573 12.47 -14.54 2.55
N ALA D 574 12.85 -13.28 2.67
CA ALA D 574 13.66 -12.65 1.67
C ALA D 574 15.04 -12.93 2.20
N PHE D 575 16.07 -12.42 1.53
CA PHE D 575 17.44 -12.65 1.95
C PHE D 575 17.77 -14.13 1.83
N LEU E 10 54.20 -18.15 57.72
CA LEU E 10 52.97 -18.06 56.96
C LEU E 10 51.82 -18.60 57.82
N PRO E 11 50.61 -18.02 57.69
CA PRO E 11 49.49 -18.53 58.46
C PRO E 11 49.02 -19.87 57.90
N ILE E 12 48.87 -20.90 58.72
CA ILE E 12 48.48 -22.22 58.17
C ILE E 12 47.03 -22.66 58.40
N LEU E 13 46.37 -23.12 57.33
CA LEU E 13 44.99 -23.59 57.48
C LEU E 13 44.88 -25.09 57.29
N LEU E 14 44.17 -25.73 58.22
CA LEU E 14 43.95 -27.17 58.16
C LEU E 14 42.48 -27.29 57.80
N ASP E 15 42.22 -27.55 56.52
CA ASP E 15 40.86 -27.58 55.98
C ASP E 15 40.36 -28.89 55.40
N TYR E 16 39.17 -28.79 54.79
CA TYR E 16 38.52 -29.87 54.06
C TYR E 16 37.93 -29.24 52.80
N TRP E 17 38.36 -29.68 51.62
CA TRP E 17 37.95 -29.05 50.36
C TRP E 17 36.43 -28.94 50.07
N PRO E 18 35.63 -29.98 50.39
CA PRO E 18 34.21 -29.80 50.05
C PRO E 18 33.43 -29.08 51.14
N SER E 19 34.07 -28.86 52.28
CA SER E 19 33.40 -28.21 53.40
C SER E 19 33.19 -26.73 53.15
N MET E 20 31.93 -26.32 53.21
CA MET E 20 31.51 -24.95 52.99
C MET E 20 32.15 -23.99 53.99
N PHE E 21 32.34 -24.45 55.22
CA PHE E 21 32.94 -23.63 56.26
C PHE E 21 34.42 -23.31 55.99
N GLY E 22 35.15 -24.31 55.50
CA GLY E 22 36.54 -24.13 55.15
C GLY E 22 36.58 -23.15 54.00
N MET E 23 35.54 -23.23 53.17
CA MET E 23 35.36 -22.34 52.04
C MET E 23 35.22 -20.94 52.60
N ARG E 24 34.52 -20.82 53.73
CA ARG E 24 34.31 -19.52 54.36
C ARG E 24 35.68 -18.96 54.72
N ALA E 25 36.56 -19.82 55.22
CA ALA E 25 37.90 -19.35 55.58
C ALA E 25 38.68 -18.87 54.36
N ARG E 26 38.63 -19.65 53.30
CA ARG E 26 39.33 -19.29 52.08
C ARG E 26 38.81 -17.97 51.53
N VAL E 27 37.49 -17.80 51.56
CA VAL E 27 36.85 -16.60 51.06
C VAL E 27 37.28 -15.37 51.84
N ALA E 28 37.25 -15.46 53.17
CA ALA E 28 37.62 -14.31 53.98
C ALA E 28 39.09 -13.91 53.76
N LEU E 29 39.98 -14.91 53.74
CA LEU E 29 41.39 -14.61 53.54
C LEU E 29 41.69 -14.04 52.16
N ARG E 30 41.11 -14.61 51.11
CA ARG E 30 41.34 -14.09 49.76
C ARG E 30 40.77 -12.69 49.64
N GLU E 31 39.57 -12.49 50.18
CA GLU E 31 38.91 -11.20 50.09
C GLU E 31 39.86 -10.19 50.69
N LYS E 32 40.52 -10.61 51.77
CA LYS E 32 41.46 -9.73 52.45
C LYS E 32 42.72 -9.37 51.66
N GLY E 33 43.51 -10.38 51.34
CA GLY E 33 44.75 -10.16 50.62
C GLY E 33 45.85 -10.80 51.43
N VAL E 34 45.48 -11.85 52.17
CA VAL E 34 46.41 -12.56 53.03
C VAL E 34 46.93 -13.80 52.32
N GLU E 35 48.24 -13.84 52.14
CA GLU E 35 48.90 -14.97 51.48
C GLU E 35 49.02 -16.09 52.49
N PHE E 36 48.29 -17.16 52.20
CA PHE E 36 48.17 -18.32 53.07
C PHE E 36 48.46 -19.70 52.50
N GLU E 37 48.80 -20.62 53.39
CA GLU E 37 49.10 -21.99 53.00
C GLU E 37 47.93 -22.92 53.38
N TYR E 38 47.51 -23.69 52.38
CA TYR E 38 46.37 -24.58 52.53
C TYR E 38 46.82 -26.02 52.75
N ARG E 39 46.22 -26.68 53.73
CA ARG E 39 46.53 -28.08 54.02
C ARG E 39 45.23 -28.88 54.00
N GLU E 40 45.20 -29.93 53.20
CA GLU E 40 44.04 -30.78 53.14
C GLU E 40 44.10 -31.78 54.28
N GLU E 41 43.00 -31.91 55.01
CA GLU E 41 42.95 -32.81 56.16
C GLU E 41 42.24 -34.12 55.92
N ASP E 42 42.98 -35.19 56.18
CA ASP E 42 42.44 -36.53 56.07
C ASP E 42 41.86 -36.81 57.45
N PHE E 43 40.53 -36.77 57.57
CA PHE E 43 39.89 -37.02 58.85
C PHE E 43 40.15 -38.47 59.29
N SER E 44 40.59 -39.27 58.32
CA SER E 44 40.98 -40.65 58.56
C SER E 44 42.39 -40.70 59.17
N ASN E 45 43.25 -39.77 58.74
CA ASN E 45 44.62 -39.67 59.24
C ASN E 45 45.00 -38.23 59.59
N LYS E 46 44.38 -37.68 60.64
CA LYS E 46 44.61 -36.29 61.03
C LYS E 46 46.06 -36.03 61.43
N SER E 47 46.71 -35.09 60.75
CA SER E 47 48.11 -34.76 61.04
C SER E 47 48.23 -34.19 62.46
N PRO E 48 49.43 -34.28 63.06
CA PRO E 48 49.63 -33.88 64.45
C PRO E 48 49.19 -32.45 64.79
N LEU E 49 49.35 -31.53 63.83
CA LEU E 49 49.01 -30.14 64.07
C LEU E 49 47.55 -29.95 64.43
N LEU E 50 46.67 -30.75 63.84
CA LEU E 50 45.23 -30.65 64.11
C LEU E 50 44.80 -31.09 65.51
N LEU E 51 45.34 -32.21 65.99
CA LEU E 51 45.05 -32.67 67.34
C LEU E 51 45.71 -31.76 68.36
N GLN E 52 46.90 -31.27 68.03
CA GLN E 52 47.62 -30.35 68.88
C GLN E 52 46.89 -29.00 68.95
N SER E 53 46.30 -28.58 67.83
CA SER E 53 45.52 -27.34 67.74
C SER E 53 44.14 -27.45 68.39
N ASN E 54 43.36 -28.44 67.98
CA ASN E 54 42.01 -28.62 68.52
C ASN E 54 41.90 -29.99 69.19
N PRO E 55 42.10 -30.02 70.50
CA PRO E 55 42.07 -31.28 71.26
C PRO E 55 40.67 -31.79 71.56
N ILE E 56 39.64 -31.04 71.16
CA ILE E 56 38.28 -31.42 71.51
C ILE E 56 37.43 -31.90 70.32
N HIS E 57 36.88 -30.96 69.56
CA HIS E 57 36.09 -31.31 68.38
C HIS E 57 36.98 -31.92 67.32
N LYS E 58 38.19 -31.36 67.19
CA LYS E 58 39.15 -31.82 66.19
C LYS E 58 38.57 -31.65 64.78
N LYS E 59 37.81 -30.59 64.57
CA LYS E 59 37.19 -30.30 63.28
C LYS E 59 37.95 -29.27 62.44
N ILE E 60 37.48 -29.05 61.21
CA ILE E 60 38.11 -28.09 60.30
C ILE E 60 37.15 -26.90 60.14
N PRO E 61 37.66 -25.74 59.67
CA PRO E 61 39.05 -25.44 59.30
C PRO E 61 39.83 -24.88 60.48
N VAL E 62 41.16 -24.90 60.45
CA VAL E 62 41.95 -24.33 61.56
C VAL E 62 43.08 -23.43 61.10
N LEU E 63 43.06 -22.16 61.50
CA LEU E 63 44.10 -21.22 61.05
C LEU E 63 45.10 -20.78 62.14
N VAL E 64 46.38 -21.01 61.89
CA VAL E 64 47.42 -20.62 62.87
C VAL E 64 48.18 -19.37 62.45
N HIS E 65 48.17 -18.40 63.38
CA HIS E 65 48.87 -17.11 63.25
C HIS E 65 49.62 -16.82 64.54
N ASN E 66 50.84 -16.30 64.47
CA ASN E 66 51.58 -15.87 65.67
C ASN E 66 51.91 -16.92 66.72
N GLY E 67 51.72 -18.20 66.39
CA GLY E 67 51.90 -19.27 67.35
C GLY E 67 50.63 -19.49 68.16
N LYS E 68 49.55 -18.98 67.63
CA LYS E 68 48.22 -19.09 68.21
C LYS E 68 47.17 -19.41 67.14
N PRO E 69 46.43 -20.53 67.31
CA PRO E 69 45.43 -21.02 66.34
C PRO E 69 43.99 -20.59 66.60
N VAL E 70 43.24 -20.39 65.53
CA VAL E 70 41.84 -20.04 65.60
C VAL E 70 40.99 -21.15 64.93
N CYS E 71 40.03 -21.63 65.71
CA CYS E 71 39.17 -22.74 65.33
C CYS E 71 37.73 -22.39 64.92
N GLU E 72 37.06 -23.38 64.33
CA GLU E 72 35.69 -23.26 63.81
C GLU E 72 35.79 -22.38 62.58
N SER E 73 34.70 -22.20 61.85
CA SER E 73 34.84 -21.37 60.66
C SER E 73 34.41 -19.91 60.78
N LEU E 74 33.23 -19.69 61.34
CA LEU E 74 32.71 -18.33 61.49
C LEU E 74 33.63 -17.49 62.39
N ASN E 75 34.10 -18.11 63.46
CA ASN E 75 34.98 -17.44 64.41
C ASN E 75 36.27 -17.05 63.72
N VAL E 76 36.71 -17.91 62.82
CA VAL E 76 37.91 -17.66 62.03
C VAL E 76 37.65 -16.48 61.10
N VAL E 77 36.44 -16.38 60.54
CA VAL E 77 36.10 -15.28 59.63
C VAL E 77 36.27 -13.99 60.44
N GLN E 78 35.67 -13.98 61.62
CA GLN E 78 35.77 -12.83 62.52
C GLN E 78 37.21 -12.51 62.89
N TYR E 79 38.02 -13.56 63.06
CA TYR E 79 39.42 -13.40 63.39
C TYR E 79 40.14 -12.71 62.25
N VAL E 80 39.81 -13.12 61.03
CA VAL E 80 40.38 -12.57 59.82
C VAL E 80 40.03 -11.09 59.72
N ASP E 81 38.79 -10.75 60.01
CA ASP E 81 38.38 -9.34 59.95
C ASP E 81 39.11 -8.49 60.99
N GLU E 82 39.19 -8.99 62.22
CA GLU E 82 39.86 -8.29 63.31
C GLU E 82 41.38 -8.18 63.20
N ALA E 83 42.01 -9.14 62.52
CA ALA E 83 43.46 -9.15 62.38
C ALA E 83 43.97 -8.28 61.24
N TRP E 84 43.08 -7.78 60.40
CA TRP E 84 43.50 -6.92 59.29
C TRP E 84 42.49 -5.81 58.97
N PRO E 85 42.08 -5.02 59.98
CA PRO E 85 41.09 -4.00 59.63
C PRO E 85 41.75 -2.79 59.01
N GLU E 86 42.31 -2.95 57.81
CA GLU E 86 42.98 -1.84 57.16
C GLU E 86 42.52 -1.55 55.75
N LYS E 87 42.41 -2.59 54.95
CA LYS E 87 42.05 -2.46 53.57
C LYS E 87 40.65 -2.92 53.15
N ASN E 88 40.30 -4.16 53.47
CA ASN E 88 39.02 -4.70 53.03
C ASN E 88 38.14 -5.12 54.21
N PRO E 89 37.48 -4.14 54.84
CA PRO E 89 36.63 -4.46 56.00
C PRO E 89 35.31 -5.17 55.63
N PHE E 90 35.05 -6.28 56.32
CA PHE E 90 33.82 -7.05 56.16
C PHE E 90 32.58 -6.42 56.80
N PHE E 91 32.73 -5.97 58.04
CA PHE E 91 31.64 -5.39 58.83
C PHE E 91 31.35 -3.90 58.63
N PRO E 92 30.11 -3.48 58.97
CA PRO E 92 29.77 -2.06 59.00
C PRO E 92 30.31 -1.52 60.32
N SER E 93 30.64 -0.24 60.42
CA SER E 93 31.20 0.31 61.65
C SER E 93 30.27 0.26 62.87
N ASP E 94 28.97 0.20 62.61
CA ASP E 94 27.97 0.21 63.68
C ASP E 94 27.71 -1.12 64.40
N PRO E 95 27.47 -1.05 65.71
CA PRO E 95 27.18 -2.20 66.56
C PRO E 95 25.94 -2.93 66.07
N TYR E 96 24.94 -2.15 65.64
CA TYR E 96 23.70 -2.70 65.10
C TYR E 96 23.86 -3.37 63.73
N GLY E 97 24.69 -2.81 62.87
CA GLY E 97 24.92 -3.40 61.56
C GLY E 97 25.57 -4.76 61.71
N ARG E 98 26.60 -4.80 62.55
CA ARG E 98 27.30 -6.02 62.89
C ARG E 98 26.33 -6.95 63.61
N ALA E 99 25.37 -6.34 64.29
CA ALA E 99 24.35 -7.10 65.01
C ALA E 99 23.49 -7.90 64.06
N GLN E 100 22.95 -7.22 63.06
CA GLN E 100 22.13 -7.87 62.06
C GLN E 100 22.97 -8.88 61.32
N ALA E 101 24.24 -8.55 61.12
CA ALA E 101 25.14 -9.45 60.39
C ALA E 101 25.31 -10.77 61.11
N ARG E 102 25.61 -10.72 62.41
CA ARG E 102 25.75 -11.94 63.19
C ARG E 102 24.41 -12.65 63.22
N PHE E 103 23.33 -11.87 63.22
CA PHE E 103 21.98 -12.43 63.25
C PHE E 103 21.76 -13.35 62.06
N TRP E 104 22.12 -12.88 60.88
CA TRP E 104 22.03 -13.68 59.65
C TRP E 104 23.06 -14.80 59.58
N ALA E 105 24.25 -14.59 60.14
CA ALA E 105 25.24 -15.64 60.15
C ALA E 105 24.73 -16.79 61.04
N ASP E 106 24.10 -16.44 62.15
CA ASP E 106 23.49 -17.42 63.05
C ASP E 106 22.29 -18.06 62.35
N PHE E 107 21.62 -17.33 61.48
CA PHE E 107 20.50 -17.94 60.75
C PHE E 107 21.02 -18.98 59.76
N VAL E 108 22.07 -18.62 59.00
CA VAL E 108 22.63 -19.54 58.02
C VAL E 108 23.33 -20.74 58.65
N ASP E 109 24.16 -20.49 59.65
CA ASP E 109 24.96 -21.55 60.25
C ASP E 109 24.15 -22.71 60.85
N LYS E 110 22.94 -22.43 61.35
CA LYS E 110 22.15 -23.49 61.99
C LYS E 110 20.97 -24.00 61.19
N LYS E 111 19.82 -23.34 61.30
CA LYS E 111 18.58 -23.81 60.66
C LYS E 111 18.74 -24.00 59.15
N PHE E 112 19.42 -23.07 58.51
CA PHE E 112 19.66 -23.18 57.06
C PHE E 112 20.53 -24.39 56.76
N THR E 113 21.62 -24.51 57.52
CA THR E 113 22.54 -25.61 57.36
C THR E 113 21.80 -26.92 57.62
N ASP E 114 20.90 -26.89 58.61
CA ASP E 114 20.12 -28.08 58.95
C ASP E 114 19.24 -28.49 57.78
N ALA E 115 18.54 -27.52 57.19
CA ALA E 115 17.64 -27.82 56.08
C ALA E 115 18.38 -28.36 54.87
N GLN E 116 19.48 -27.70 54.49
CA GLN E 116 20.26 -28.18 53.34
C GLN E 116 20.87 -29.55 53.64
N PHE E 117 21.34 -29.74 54.87
CA PHE E 117 21.95 -31.01 55.28
C PHE E 117 20.90 -32.09 55.06
N LYS E 118 19.66 -31.75 55.39
CA LYS E 118 18.53 -32.64 55.17
C LYS E 118 18.29 -32.81 53.66
N VAL E 119 18.70 -31.82 52.87
CA VAL E 119 18.53 -31.92 51.41
C VAL E 119 19.51 -32.90 50.75
N TRP E 120 20.81 -32.69 50.96
CA TRP E 120 21.82 -33.55 50.33
C TRP E 120 22.14 -34.83 51.10
N GLY E 121 21.80 -34.84 52.39
CA GLY E 121 22.13 -35.99 53.22
C GLY E 121 21.02 -36.87 53.75
N LYS E 122 19.88 -36.97 53.06
CA LYS E 122 18.75 -37.76 53.57
C LYS E 122 17.78 -38.25 52.49
N LYS E 123 16.78 -39.02 52.92
CA LYS E 123 15.76 -39.58 52.04
C LYS E 123 14.36 -39.58 52.67
N GLY E 124 13.35 -39.67 51.81
CA GLY E 124 11.95 -39.70 52.22
C GLY E 124 11.30 -38.44 52.78
N GLU E 125 10.67 -38.55 53.94
CA GLU E 125 10.01 -37.41 54.59
C GLU E 125 11.02 -36.35 55.04
N GLU E 126 12.15 -36.79 55.56
CA GLU E 126 13.19 -35.88 56.03
C GLU E 126 13.63 -35.03 54.86
N GLN E 127 13.67 -35.66 53.69
CA GLN E 127 14.07 -34.96 52.50
C GLN E 127 13.08 -33.87 52.17
N GLU E 128 11.80 -34.21 52.04
CA GLU E 128 10.76 -33.25 51.69
C GLU E 128 10.59 -32.11 52.69
N ALA E 129 10.57 -32.45 53.98
CA ALA E 129 10.43 -31.44 55.03
C ALA E 129 11.63 -30.53 54.94
N GLY E 130 12.79 -31.13 54.73
CA GLY E 130 14.06 -30.42 54.60
C GLY E 130 13.98 -29.51 53.39
N LYS E 131 13.29 -29.99 52.36
CA LYS E 131 13.10 -29.26 51.12
C LYS E 131 12.27 -27.99 51.33
N LYS E 132 11.10 -28.16 51.94
CA LYS E 132 10.22 -27.02 52.19
C LYS E 132 10.89 -26.01 53.11
N GLU E 133 11.58 -26.52 54.12
CA GLU E 133 12.32 -25.67 55.05
C GLU E 133 13.44 -24.95 54.29
N PHE E 134 14.06 -25.63 53.33
CA PHE E 134 15.14 -25.05 52.55
C PHE E 134 14.65 -23.89 51.69
N ILE E 135 13.56 -24.12 50.97
CA ILE E 135 12.96 -23.12 50.11
C ILE E 135 12.43 -21.93 50.92
N GLU E 136 11.79 -22.22 52.04
CA GLU E 136 11.30 -21.17 52.93
C GLU E 136 12.45 -20.35 53.51
N ALA E 137 13.53 -21.02 53.93
CA ALA E 137 14.70 -20.34 54.46
C ALA E 137 15.33 -19.45 53.39
N VAL E 138 15.33 -19.97 52.16
CA VAL E 138 15.85 -19.23 51.02
C VAL E 138 14.96 -18.01 50.83
N LYS E 139 13.67 -18.22 51.05
CA LYS E 139 12.67 -17.17 50.93
C LYS E 139 12.95 -16.08 51.96
N ILE E 140 13.41 -16.50 53.14
CA ILE E 140 13.76 -15.60 54.23
C ILE E 140 15.03 -14.81 53.91
N LEU E 141 16.03 -15.45 53.31
CA LEU E 141 17.26 -14.75 52.94
C LEU E 141 16.92 -13.71 51.88
N GLU E 142 16.07 -14.13 50.97
CA GLU E 142 15.56 -13.31 49.90
C GLU E 142 14.79 -12.12 50.48
N SER E 143 13.99 -12.40 51.51
CA SER E 143 13.19 -11.41 52.20
C SER E 143 14.01 -10.38 52.96
N GLU E 144 14.96 -10.88 53.75
CA GLU E 144 15.82 -10.05 54.58
C GLU E 144 16.51 -9.10 53.67
N LEU E 145 16.92 -9.63 52.53
CA LEU E 145 17.64 -8.82 51.62
C LEU E 145 16.81 -7.64 51.21
N GLY E 146 15.48 -7.80 51.18
CA GLY E 146 14.62 -6.73 50.69
C GLY E 146 14.90 -6.84 49.20
N ASP E 147 16.21 -6.80 48.93
CA ASP E 147 16.92 -7.04 47.69
C ASP E 147 18.23 -6.27 47.60
N LYS E 148 19.10 -6.53 48.60
CA LYS E 148 20.44 -5.98 48.69
C LYS E 148 21.28 -6.84 47.77
N PRO E 149 22.38 -6.29 47.23
CA PRO E 149 23.21 -7.13 46.38
C PRO E 149 24.06 -8.01 47.23
N TYR E 150 24.00 -7.75 48.52
CA TYR E 150 24.89 -8.37 49.45
C TYR E 150 24.36 -8.33 50.89
N PHE E 151 25.12 -8.85 51.85
CA PHE E 151 24.66 -8.87 53.24
C PHE E 151 25.53 -8.01 54.18
N GLY E 152 26.83 -8.29 54.16
CA GLY E 152 27.82 -7.66 55.03
C GLY E 152 28.31 -6.22 54.94
N GLY E 153 28.55 -5.72 53.72
CA GLY E 153 29.07 -4.37 53.54
C GLY E 153 28.70 -3.79 52.19
N ASP E 154 29.09 -2.53 51.93
CA ASP E 154 28.77 -1.91 50.61
C ASP E 154 29.43 -2.69 49.53
N SER E 155 30.56 -3.31 49.84
CA SER E 155 31.32 -4.14 48.91
C SER E 155 31.12 -5.58 49.34
N PHE E 156 32.19 -6.38 49.36
CA PHE E 156 32.06 -7.73 49.88
C PHE E 156 32.10 -7.58 51.41
N GLY E 157 31.64 -8.61 52.11
CA GLY E 157 31.50 -8.57 53.55
C GLY E 157 31.18 -9.92 54.17
N TYR E 158 30.82 -9.86 55.45
CA TYR E 158 30.62 -11.01 56.33
C TYR E 158 29.56 -12.12 56.14
N VAL E 159 28.27 -11.79 56.23
CA VAL E 159 27.25 -12.84 56.13
C VAL E 159 27.28 -13.55 54.80
N ASP E 160 27.58 -12.80 53.75
CA ASP E 160 27.64 -13.40 52.45
C ASP E 160 28.77 -14.40 52.48
N ILE E 161 29.91 -14.03 53.05
CA ILE E 161 31.05 -14.94 53.10
C ILE E 161 30.58 -16.21 53.80
N SER E 162 29.67 -16.05 54.76
CA SER E 162 29.10 -17.21 55.42
C SER E 162 28.26 -18.04 54.45
N LEU E 163 27.56 -17.39 53.52
CA LEU E 163 26.65 -18.08 52.62
C LEU E 163 27.08 -18.43 51.16
N ILE E 164 28.09 -17.76 50.60
CA ILE E 164 28.53 -18.00 49.22
C ILE E 164 28.96 -19.43 49.07
N THR E 165 29.54 -19.94 50.14
CA THR E 165 30.12 -21.27 50.15
C THR E 165 29.07 -22.35 49.93
N PHE E 166 27.80 -21.99 50.05
CA PHE E 166 26.72 -22.93 49.85
C PHE E 166 26.26 -22.91 48.39
N SER E 167 26.80 -21.95 47.63
CA SER E 167 26.54 -21.81 46.19
C SER E 167 27.19 -22.90 45.35
N SER E 168 28.37 -23.34 45.78
CA SER E 168 29.07 -24.43 45.09
C SER E 168 28.30 -25.71 45.34
N TRP E 169 27.41 -25.67 46.33
CA TRP E 169 26.54 -26.78 46.71
C TRP E 169 25.12 -26.59 46.23
N PHE E 170 24.81 -25.39 45.73
CA PHE E 170 23.46 -25.08 45.29
C PHE E 170 23.03 -26.06 44.19
N GLN E 171 23.99 -26.49 43.40
CA GLN E 171 23.75 -27.47 42.34
C GLN E 171 23.35 -28.80 42.98
N ALA E 172 23.95 -29.11 44.12
CA ALA E 172 23.65 -30.35 44.87
C ALA E 172 22.21 -30.32 45.37
N TYR E 173 21.78 -29.17 45.84
CA TYR E 173 20.40 -28.98 46.30
C TYR E 173 19.41 -28.98 45.15
N GLU E 174 19.83 -28.45 44.01
CA GLU E 174 18.99 -28.46 42.82
C GLU E 174 18.83 -29.91 42.35
N LYS E 175 19.93 -30.66 42.34
CA LYS E 175 19.87 -32.05 41.89
C LYS E 175 19.19 -33.04 42.82
N PHE E 176 19.63 -33.12 44.08
CA PHE E 176 19.04 -34.02 45.04
C PHE E 176 17.64 -33.60 45.48
N GLY E 177 17.39 -32.30 45.45
CA GLY E 177 16.09 -31.81 45.87
C GLY E 177 15.05 -31.75 44.77
N ASN E 178 15.47 -31.81 43.51
CA ASN E 178 14.54 -31.71 42.40
C ASN E 178 13.81 -30.38 42.53
N PHE E 179 14.54 -29.41 43.05
CA PHE E 179 14.02 -28.08 43.28
C PHE E 179 14.86 -27.01 42.63
N SER E 180 14.24 -26.08 41.93
CA SER E 180 15.04 -25.02 41.33
C SER E 180 15.04 -23.83 42.27
N ILE E 181 16.17 -23.60 42.94
CA ILE E 181 16.32 -22.46 43.83
C ILE E 181 16.38 -21.18 42.99
N GLU E 182 16.61 -21.35 41.68
CA GLU E 182 16.65 -20.23 40.75
C GLU E 182 15.24 -19.88 40.26
N SER E 183 14.43 -20.89 40.01
CA SER E 183 13.06 -20.67 39.57
C SER E 183 12.23 -19.97 40.63
N GLU E 184 12.50 -20.27 41.90
CA GLU E 184 11.75 -19.68 43.00
C GLU E 184 12.45 -18.48 43.63
N SER E 185 13.77 -18.52 43.66
CA SER E 185 14.55 -17.43 44.20
C SER E 185 15.80 -17.21 43.38
N PRO E 186 15.65 -16.73 42.14
CA PRO E 186 16.82 -16.53 41.28
C PRO E 186 17.76 -15.55 41.92
N LYS E 187 17.18 -14.61 42.66
CA LYS E 187 17.92 -13.53 43.28
C LYS E 187 19.04 -14.08 44.16
N LEU E 188 18.77 -15.14 44.90
CA LEU E 188 19.81 -15.76 45.73
C LEU E 188 20.95 -16.43 44.95
N ILE E 189 20.58 -17.28 43.99
CA ILE E 189 21.58 -18.03 43.23
C ILE E 189 22.50 -17.15 42.42
N ALA E 190 21.96 -16.14 41.76
CA ALA E 190 22.80 -15.23 41.00
C ALA E 190 23.46 -14.19 41.90
N TRP E 191 22.96 -14.02 43.13
CA TRP E 191 23.66 -13.14 44.06
C TRP E 191 25.00 -13.88 44.20
N ALA E 192 24.88 -15.19 44.34
CA ALA E 192 26.05 -16.05 44.44
C ALA E 192 26.88 -15.98 43.15
N LYS E 193 26.19 -15.91 42.01
CA LYS E 193 26.86 -15.84 40.71
C LYS E 193 27.62 -14.53 40.52
N ARG E 194 27.15 -13.44 41.11
CA ARG E 194 27.88 -12.19 41.04
C ARG E 194 29.13 -12.46 41.80
N CYS E 195 28.95 -13.01 43.00
CA CYS E 195 30.10 -13.25 43.86
C CYS E 195 31.11 -14.13 43.15
N MET E 196 30.65 -14.98 42.23
CA MET E 196 31.54 -15.88 41.48
C MET E 196 32.62 -15.11 40.73
N GLU E 197 32.30 -13.90 40.32
CA GLU E 197 33.26 -13.05 39.61
C GLU E 197 34.45 -12.76 40.50
N LYS E 198 34.22 -12.63 41.80
CA LYS E 198 35.31 -12.40 42.72
C LYS E 198 36.16 -13.65 42.72
N GLU E 199 37.47 -13.51 42.90
CA GLU E 199 38.33 -14.68 42.94
C GLU E 199 38.42 -15.21 44.37
N SER E 200 37.47 -14.77 45.20
CA SER E 200 37.36 -15.23 46.58
C SER E 200 36.51 -16.49 46.62
N VAL E 201 35.80 -16.72 45.52
CA VAL E 201 35.01 -17.93 45.31
C VAL E 201 35.38 -18.57 43.99
N SER E 202 35.94 -17.76 43.08
CA SER E 202 36.37 -18.22 41.77
C SER E 202 37.69 -18.99 41.85
N LYS E 203 38.28 -19.06 43.03
CA LYS E 203 39.53 -19.78 43.22
C LYS E 203 39.53 -20.55 44.54
N SER E 204 38.47 -20.40 45.32
CA SER E 204 38.42 -21.07 46.60
C SER E 204 37.26 -22.06 46.72
N LEU E 205 36.20 -21.85 45.94
CA LEU E 205 35.06 -22.76 45.94
C LEU E 205 35.31 -23.82 44.89
N PRO E 206 35.22 -25.10 45.27
CA PRO E 206 35.51 -26.20 44.36
C PRO E 206 34.53 -26.27 43.20
N ASP E 207 34.85 -27.08 42.19
CA ASP E 207 33.99 -27.22 41.04
C ASP E 207 32.70 -27.80 41.60
N SER E 208 31.56 -27.24 41.19
CA SER E 208 30.27 -27.68 41.71
C SER E 208 30.09 -29.16 41.38
N GLU E 209 30.69 -29.58 40.28
CA GLU E 209 30.63 -30.96 39.85
C GLU E 209 31.29 -31.89 40.88
N LYS E 210 32.43 -31.46 41.41
CA LYS E 210 33.14 -32.26 42.41
C LYS E 210 32.30 -32.44 43.66
N ILE E 211 31.70 -31.35 44.12
CA ILE E 211 30.86 -31.37 45.32
C ILE E 211 29.61 -32.24 45.11
N VAL E 212 29.03 -32.15 43.93
CA VAL E 212 27.85 -32.94 43.60
C VAL E 212 28.23 -34.42 43.72
N ALA E 213 29.38 -34.74 43.13
CA ALA E 213 29.88 -36.09 43.14
C ALA E 213 30.16 -36.53 44.58
N TYR E 214 30.63 -35.59 45.39
CA TYR E 214 30.97 -35.82 46.79
C TYR E 214 29.78 -36.16 47.69
N ALA E 215 28.70 -35.40 47.58
CA ALA E 215 27.49 -35.67 48.37
C ALA E 215 26.89 -36.98 47.91
N ALA E 216 26.87 -37.17 46.59
CA ALA E 216 26.33 -38.41 46.04
C ALA E 216 27.15 -39.58 46.60
N GLU E 217 28.45 -39.38 46.64
CA GLU E 217 29.38 -40.37 47.17
C GLU E 217 29.07 -40.65 48.65
N TYR E 218 28.78 -39.58 49.40
CA TYR E 218 28.48 -39.72 50.81
C TYR E 218 27.23 -40.55 51.03
N ARG E 219 26.18 -40.27 50.26
CA ARG E 219 24.93 -41.03 50.40
C ARG E 219 25.20 -42.46 49.94
N LYS E 220 26.24 -42.64 49.12
CA LYS E 220 26.64 -43.97 48.72
C LYS E 220 27.25 -44.72 49.92
N ASN E 221 28.03 -44.00 50.73
CA ASN E 221 28.70 -44.60 51.90
C ASN E 221 27.80 -44.93 53.09
N ASN E 222 26.75 -44.15 53.33
CA ASN E 222 25.86 -44.47 54.42
C ASN E 222 24.43 -44.59 53.89
N LEU E 223 23.65 -45.46 54.52
CA LEU E 223 22.26 -45.69 54.12
C LEU E 223 21.28 -45.18 55.16
N LEU F 10 15.38 4.12 77.38
CA LEU F 10 15.44 2.97 78.26
C LEU F 10 15.42 1.66 77.47
N PRO F 11 16.46 0.83 77.64
CA PRO F 11 16.60 -0.45 76.94
C PRO F 11 15.51 -1.40 77.40
N ILE F 12 14.79 -2.03 76.48
CA ILE F 12 13.73 -2.95 76.92
C ILE F 12 14.09 -4.43 76.72
N LEU F 13 14.13 -5.16 77.81
CA LEU F 13 14.45 -6.59 77.75
C LEU F 13 13.24 -7.48 77.86
N LEU F 14 13.03 -8.31 76.85
CA LEU F 14 11.97 -9.28 76.88
C LEU F 14 12.65 -10.51 77.38
N ASP F 15 12.37 -10.88 78.62
CA ASP F 15 13.03 -11.99 79.26
C ASP F 15 12.11 -13.06 79.83
N TYR F 16 12.72 -14.13 80.32
CA TYR F 16 12.01 -15.26 80.90
C TYR F 16 12.74 -15.62 82.19
N TRP F 17 12.00 -15.80 83.28
CA TRP F 17 12.64 -16.05 84.58
C TRP F 17 13.55 -17.30 84.60
N PRO F 18 13.23 -18.37 83.84
CA PRO F 18 14.17 -19.49 83.87
C PRO F 18 15.01 -19.53 82.59
N SER F 19 15.21 -18.38 81.96
CA SER F 19 15.98 -18.36 80.73
C SER F 19 17.46 -18.14 81.01
N MET F 20 18.25 -19.21 80.84
CA MET F 20 19.70 -19.13 81.05
C MET F 20 20.25 -18.08 80.10
N PHE F 21 19.64 -18.04 78.91
CA PHE F 21 19.99 -17.08 77.88
C PHE F 21 19.56 -15.67 78.29
N GLY F 22 18.34 -15.58 78.83
CA GLY F 22 17.81 -14.30 79.29
C GLY F 22 18.73 -13.78 80.37
N MET F 23 19.25 -14.71 81.18
CA MET F 23 20.20 -14.39 82.22
C MET F 23 21.52 -13.94 81.62
N ARG F 24 21.89 -14.50 80.48
CA ARG F 24 23.13 -14.10 79.83
C ARG F 24 22.97 -12.61 79.53
N ALA F 25 21.80 -12.25 79.00
CA ALA F 25 21.52 -10.86 78.69
C ALA F 25 21.50 -9.95 79.92
N ARG F 26 20.74 -10.33 80.94
CA ARG F 26 20.63 -9.52 82.16
C ARG F 26 21.99 -9.33 82.81
N VAL F 27 22.75 -10.42 82.89
CA VAL F 27 24.08 -10.39 83.49
C VAL F 27 24.98 -9.46 82.69
N ALA F 28 24.89 -9.55 81.36
CA ALA F 28 25.76 -8.73 80.51
C ALA F 28 25.49 -7.23 80.72
N LEU F 29 24.22 -6.86 80.59
CA LEU F 29 23.83 -5.48 80.74
C LEU F 29 24.16 -4.94 82.13
N ARG F 30 23.78 -5.69 83.17
CA ARG F 30 24.08 -5.26 84.53
C ARG F 30 25.59 -5.21 84.78
N GLU F 31 26.33 -6.04 84.06
CA GLU F 31 27.78 -6.08 84.19
C GLU F 31 28.39 -4.79 83.69
N LYS F 32 27.88 -4.29 82.56
CA LYS F 32 28.44 -3.03 82.09
C LYS F 32 28.07 -1.84 82.98
N GLY F 33 26.79 -1.67 83.29
CA GLY F 33 26.37 -0.55 84.11
C GLY F 33 25.19 0.23 83.56
N VAL F 34 24.21 -0.49 83.03
CA VAL F 34 23.01 0.12 82.47
C VAL F 34 21.78 -0.24 83.30
N GLU F 35 20.92 0.75 83.54
CA GLU F 35 19.69 0.49 84.27
C GLU F 35 18.65 0.25 83.19
N PHE F 36 18.10 -0.95 83.22
CA PHE F 36 17.17 -1.41 82.19
C PHE F 36 15.91 -2.03 82.76
N GLU F 37 14.91 -2.14 81.88
CA GLU F 37 13.63 -2.71 82.27
C GLU F 37 13.50 -4.14 81.78
N TYR F 38 12.95 -4.98 82.64
CA TYR F 38 12.77 -6.38 82.35
C TYR F 38 11.27 -6.64 82.23
N ARG F 39 10.88 -7.37 81.20
CA ARG F 39 9.49 -7.71 81.02
C ARG F 39 9.41 -9.22 80.93
N GLU F 40 8.67 -9.83 81.86
CA GLU F 40 8.50 -11.27 81.88
C GLU F 40 7.54 -11.71 80.80
N GLU F 41 7.83 -12.87 80.23
CA GLU F 41 7.03 -13.37 79.13
C GLU F 41 6.18 -14.59 79.45
N ASP F 42 5.00 -14.64 78.85
CA ASP F 42 4.15 -15.81 78.96
C ASP F 42 4.27 -16.27 77.51
N PHE F 43 5.09 -17.29 77.27
CA PHE F 43 5.35 -17.76 75.91
C PHE F 43 4.11 -18.32 75.22
N SER F 44 3.07 -18.55 75.99
CA SER F 44 1.78 -18.96 75.45
C SER F 44 1.21 -17.78 74.67
N ASN F 45 1.52 -16.58 75.15
CA ASN F 45 1.06 -15.33 74.54
C ASN F 45 2.25 -14.41 74.27
N LYS F 46 3.03 -14.74 73.25
CA LYS F 46 4.19 -13.94 72.90
C LYS F 46 3.74 -12.52 72.54
N SER F 47 4.39 -11.54 73.17
CA SER F 47 4.04 -10.12 73.09
C SER F 47 4.07 -9.47 71.71
N PRO F 48 3.19 -8.48 71.51
CA PRO F 48 3.07 -7.76 70.24
C PRO F 48 4.41 -7.14 69.87
N LEU F 49 5.13 -6.68 70.90
CA LEU F 49 6.46 -6.12 70.70
C LEU F 49 7.47 -7.26 70.42
N LEU F 50 7.27 -8.43 71.06
CA LEU F 50 8.11 -9.61 70.85
C LEU F 50 7.93 -10.22 69.46
N LEU F 51 6.67 -10.37 69.08
CA LEU F 51 6.29 -10.95 67.80
C LEU F 51 6.67 -10.05 66.62
N GLN F 52 7.05 -8.81 66.91
CA GLN F 52 7.49 -7.90 65.85
C GLN F 52 9.01 -7.90 65.82
N SER F 53 9.61 -8.16 66.98
CA SER F 53 11.05 -8.27 67.08
C SER F 53 11.56 -9.55 66.42
N ASN F 54 10.91 -10.67 66.72
CA ASN F 54 11.28 -11.95 66.11
C ASN F 54 10.03 -12.78 65.79
N PRO F 55 9.36 -12.47 64.67
CA PRO F 55 8.10 -13.11 64.26
C PRO F 55 8.22 -14.58 63.87
N ILE F 56 9.44 -15.08 63.67
CA ILE F 56 9.63 -16.48 63.30
C ILE F 56 10.19 -17.33 64.44
N HIS F 57 11.28 -16.90 65.05
CA HIS F 57 11.83 -17.60 66.21
C HIS F 57 10.95 -17.41 67.44
N LYS F 58 10.52 -16.17 67.65
CA LYS F 58 9.66 -15.82 68.78
C LYS F 58 10.31 -16.16 70.12
N LYS F 59 11.64 -16.12 70.14
CA LYS F 59 12.43 -16.46 71.33
C LYS F 59 13.09 -15.27 71.99
N ILE F 60 13.35 -15.41 73.29
CA ILE F 60 14.01 -14.38 74.09
C ILE F 60 15.42 -14.90 74.46
N PRO F 61 16.29 -14.03 75.01
CA PRO F 61 16.09 -12.64 75.40
C PRO F 61 16.09 -11.66 74.22
N VAL F 62 15.31 -10.60 74.38
CA VAL F 62 15.22 -9.58 73.35
C VAL F 62 15.50 -8.19 73.91
N LEU F 63 16.56 -7.55 73.43
CA LEU F 63 16.86 -6.22 73.92
C LEU F 63 16.51 -5.18 72.86
N VAL F 64 15.70 -4.19 73.23
CA VAL F 64 15.31 -3.17 72.27
C VAL F 64 15.97 -1.85 72.62
N HIS F 65 16.70 -1.33 71.64
CA HIS F 65 17.44 -0.07 71.76
C HIS F 65 17.13 0.77 70.53
N ASN F 66 16.80 2.05 70.73
CA ASN F 66 16.50 2.94 69.62
C ASN F 66 15.31 2.44 68.81
N GLY F 67 14.45 1.66 69.45
CA GLY F 67 13.28 1.10 68.77
C GLY F 67 13.75 0.09 67.75
N LYS F 68 14.89 -0.54 68.05
CA LYS F 68 15.45 -1.58 67.22
C LYS F 68 15.72 -2.83 68.04
N PRO F 69 15.15 -3.96 67.61
CA PRO F 69 15.29 -5.24 68.29
C PRO F 69 16.62 -5.95 68.05
N VAL F 70 17.22 -6.44 69.14
CA VAL F 70 18.47 -7.18 69.06
C VAL F 70 18.19 -8.52 69.74
N CYS F 71 18.42 -9.60 69.01
CA CYS F 71 18.10 -10.94 69.51
C CYS F 71 19.28 -11.87 69.67
N GLU F 72 19.04 -12.97 70.38
CA GLU F 72 20.00 -14.05 70.60
C GLU F 72 20.93 -13.64 71.74
N SER F 73 21.14 -14.54 72.71
CA SER F 73 21.92 -14.21 73.90
C SER F 73 23.38 -13.81 73.70
N LEU F 74 24.18 -14.63 73.00
CA LEU F 74 25.58 -14.24 72.80
C LEU F 74 25.58 -12.96 71.99
N ASN F 75 24.62 -12.89 71.09
CA ASN F 75 24.51 -11.76 70.23
C ASN F 75 24.26 -10.54 71.09
N VAL F 76 23.28 -10.64 71.99
CA VAL F 76 22.91 -9.54 72.88
C VAL F 76 24.08 -9.10 73.79
N VAL F 77 24.86 -10.03 74.34
CA VAL F 77 25.99 -9.65 75.18
C VAL F 77 27.10 -8.94 74.38
N GLN F 78 27.40 -9.42 73.18
CA GLN F 78 28.40 -8.74 72.36
C GLN F 78 27.85 -7.35 72.02
N TYR F 79 26.53 -7.28 71.92
CA TYR F 79 25.81 -6.04 71.66
C TYR F 79 26.03 -5.12 72.85
N VAL F 80 26.08 -5.73 74.03
CA VAL F 80 26.31 -5.00 75.26
C VAL F 80 27.70 -4.38 75.19
N ASP F 81 28.67 -5.17 74.74
CA ASP F 81 30.04 -4.67 74.65
C ASP F 81 30.18 -3.51 73.68
N GLU F 82 29.65 -3.70 72.48
CA GLU F 82 29.70 -2.69 71.42
C GLU F 82 28.86 -1.42 71.65
N ALA F 83 27.75 -1.54 72.38
CA ALA F 83 26.89 -0.39 72.68
C ALA F 83 27.56 0.62 73.62
N TRP F 84 28.39 0.12 74.55
CA TRP F 84 29.07 0.98 75.50
C TRP F 84 30.55 0.64 75.54
N PRO F 85 31.30 1.07 74.52
CA PRO F 85 32.72 0.73 74.42
C PRO F 85 33.65 1.67 75.20
N GLU F 86 33.33 1.96 76.45
CA GLU F 86 34.19 2.85 77.23
C GLU F 86 34.56 2.35 78.63
N LYS F 87 33.73 1.51 79.23
CA LYS F 87 34.01 1.08 80.60
C LYS F 87 34.43 -0.39 80.80
N ASN F 88 33.47 -1.31 80.73
CA ASN F 88 33.77 -2.71 81.01
C ASN F 88 33.73 -3.65 79.80
N PRO F 89 34.87 -3.85 79.14
CA PRO F 89 34.96 -4.76 77.99
C PRO F 89 35.07 -6.21 78.46
N PHE F 90 34.43 -7.15 77.78
CA PHE F 90 34.55 -8.55 78.18
C PHE F 90 35.77 -9.24 77.52
N PHE F 91 36.22 -8.69 76.40
CA PHE F 91 37.37 -9.21 75.62
C PHE F 91 38.73 -8.61 75.96
N PRO F 92 39.80 -9.30 75.51
CA PRO F 92 41.16 -8.77 75.61
C PRO F 92 41.42 -7.91 74.38
N SER F 93 42.57 -7.26 74.30
CA SER F 93 42.89 -6.38 73.17
C SER F 93 43.13 -7.10 71.85
N ASP F 94 43.70 -8.31 71.91
CA ASP F 94 44.06 -9.07 70.72
C ASP F 94 42.88 -9.78 70.07
N PRO F 95 42.90 -9.86 68.72
CA PRO F 95 41.85 -10.56 67.98
C PRO F 95 41.82 -12.04 68.36
N TYR F 96 42.99 -12.59 68.64
CA TYR F 96 43.11 -14.00 69.00
C TYR F 96 42.38 -14.32 70.31
N GLY F 97 42.56 -13.47 71.32
CA GLY F 97 41.91 -13.69 72.61
C GLY F 97 40.41 -13.68 72.41
N ARG F 98 39.95 -12.74 71.58
CA ARG F 98 38.54 -12.61 71.27
C ARG F 98 38.08 -13.91 70.64
N ALA F 99 38.95 -14.46 69.81
CA ALA F 99 38.68 -15.70 69.11
C ALA F 99 38.53 -16.86 70.09
N GLN F 100 39.36 -16.88 71.12
CA GLN F 100 39.29 -17.92 72.13
C GLN F 100 37.98 -17.82 72.90
N ALA F 101 37.61 -16.59 73.23
CA ALA F 101 36.38 -16.33 73.98
C ALA F 101 35.15 -16.75 73.18
N ARG F 102 35.09 -16.35 71.92
CA ARG F 102 33.97 -16.73 71.07
C ARG F 102 33.95 -18.24 70.86
N PHE F 103 35.13 -18.83 70.68
CA PHE F 103 35.27 -20.27 70.45
C PHE F 103 34.68 -21.06 71.60
N TRP F 104 35.15 -20.76 72.80
CA TRP F 104 34.67 -21.42 74.00
C TRP F 104 33.18 -21.06 74.24
N ALA F 105 32.74 -19.87 73.84
CA ALA F 105 31.33 -19.53 74.01
C ALA F 105 30.50 -20.49 73.16
N ASP F 106 31.00 -20.74 71.95
CA ASP F 106 30.40 -21.68 71.02
C ASP F 106 30.40 -23.07 71.64
N PHE F 107 31.42 -23.35 72.46
CA PHE F 107 31.53 -24.64 73.14
C PHE F 107 30.32 -24.76 74.05
N VAL F 108 30.08 -23.68 74.80
CA VAL F 108 28.98 -23.64 75.75
C VAL F 108 27.65 -23.85 75.05
N ASP F 109 27.47 -23.22 73.89
CA ASP F 109 26.21 -23.34 73.16
C ASP F 109 25.86 -24.73 72.58
N LYS F 110 26.85 -25.58 72.35
CA LYS F 110 26.60 -26.86 71.68
C LYS F 110 26.34 -28.05 72.63
N LYS F 111 27.32 -28.93 72.77
CA LYS F 111 27.16 -30.16 73.55
C LYS F 111 26.84 -29.94 75.02
N PHE F 112 27.29 -28.84 75.58
CA PHE F 112 27.05 -28.51 76.99
C PHE F 112 25.59 -28.22 77.36
N THR F 113 24.96 -27.32 76.61
CA THR F 113 23.57 -26.98 76.81
C THR F 113 22.70 -28.17 76.49
N ASP F 114 23.07 -28.88 75.45
CA ASP F 114 22.37 -30.07 75.03
C ASP F 114 22.44 -31.12 76.12
N ALA F 115 23.63 -31.28 76.69
CA ALA F 115 23.89 -32.27 77.71
C ALA F 115 23.05 -32.00 78.93
N GLN F 116 23.02 -30.74 79.36
CA GLN F 116 22.19 -30.41 80.50
C GLN F 116 20.72 -30.59 80.19
N PHE F 117 20.34 -30.23 78.97
CA PHE F 117 18.97 -30.38 78.52
C PHE F 117 18.59 -31.84 78.67
N LYS F 118 19.55 -32.71 78.40
CA LYS F 118 19.34 -34.14 78.56
C LYS F 118 19.25 -34.53 80.04
N VAL F 119 20.15 -34.00 80.88
CA VAL F 119 20.16 -34.35 82.29
C VAL F 119 18.90 -33.97 83.06
N TRP F 120 18.37 -32.77 82.83
CA TRP F 120 17.15 -32.39 83.54
C TRP F 120 15.88 -32.53 82.71
N GLY F 121 16.00 -32.66 81.39
CA GLY F 121 14.85 -32.80 80.53
C GLY F 121 14.39 -34.19 80.13
N LYS F 122 15.28 -35.18 80.16
CA LYS F 122 14.95 -36.55 79.74
C LYS F 122 15.47 -37.58 80.75
N LYS F 123 15.05 -38.83 80.59
CA LYS F 123 15.43 -39.89 81.53
C LYS F 123 15.89 -41.21 80.90
N GLY F 124 16.41 -42.09 81.74
CA GLY F 124 16.85 -43.42 81.33
C GLY F 124 17.97 -43.51 80.32
N GLU F 125 17.66 -44.09 79.16
CA GLU F 125 18.62 -44.31 78.08
C GLU F 125 19.23 -42.99 77.62
N GLU F 126 18.38 -41.98 77.48
CA GLU F 126 18.82 -40.65 77.10
C GLU F 126 19.64 -40.03 78.21
N GLN F 127 19.20 -40.26 79.44
CA GLN F 127 19.82 -39.61 80.58
C GLN F 127 21.29 -39.91 80.73
N GLU F 128 21.68 -41.19 80.78
CA GLU F 128 23.07 -41.55 80.98
C GLU F 128 24.02 -41.01 79.91
N ALA F 129 23.55 -40.96 78.68
CA ALA F 129 24.34 -40.40 77.60
C ALA F 129 24.52 -38.92 77.90
N GLY F 130 23.43 -38.29 78.34
CA GLY F 130 23.52 -36.87 78.68
C GLY F 130 24.48 -36.64 79.83
N LYS F 131 24.47 -37.55 80.80
CA LYS F 131 25.32 -37.45 81.98
C LYS F 131 26.79 -37.55 81.63
N LYS F 132 27.14 -38.51 80.78
CA LYS F 132 28.53 -38.64 80.39
C LYS F 132 28.95 -37.41 79.55
N GLU F 133 28.03 -36.90 78.71
CA GLU F 133 28.38 -35.73 77.88
C GLU F 133 28.72 -34.52 78.72
N PHE F 134 27.85 -34.21 79.68
CA PHE F 134 28.12 -33.08 80.53
C PHE F 134 29.30 -33.30 81.49
N ILE F 135 29.54 -34.52 81.99
CA ILE F 135 30.74 -34.67 82.84
C ILE F 135 31.99 -34.39 81.99
N GLU F 136 31.97 -34.84 80.74
CA GLU F 136 33.09 -34.60 79.84
C GLU F 136 33.23 -33.11 79.57
N ALA F 137 32.09 -32.45 79.36
CA ALA F 137 32.05 -31.03 79.05
C ALA F 137 32.59 -30.23 80.23
N VAL F 138 32.09 -30.53 81.43
CA VAL F 138 32.53 -29.86 82.64
C VAL F 138 34.03 -30.17 82.86
N LYS F 139 34.51 -31.30 82.33
CA LYS F 139 35.94 -31.64 82.48
C LYS F 139 36.85 -30.80 81.59
N ILE F 140 36.53 -30.73 80.30
CA ILE F 140 37.31 -29.91 79.37
C ILE F 140 37.22 -28.50 79.89
N LEU F 141 36.07 -28.20 80.46
CA LEU F 141 35.78 -26.90 81.02
C LEU F 141 36.74 -26.58 82.14
N GLU F 142 36.89 -27.55 83.02
CA GLU F 142 37.78 -27.45 84.16
C GLU F 142 39.19 -27.23 83.66
N SER F 143 39.54 -27.95 82.59
CA SER F 143 40.87 -27.88 82.02
C SER F 143 41.23 -26.51 81.47
N GLU F 144 40.35 -25.97 80.62
CA GLU F 144 40.60 -24.68 80.01
C GLU F 144 40.51 -23.53 81.01
N LEU F 145 39.81 -23.76 82.11
CA LEU F 145 39.73 -22.73 83.14
C LEU F 145 41.14 -22.56 83.70
N GLY F 146 41.79 -23.69 83.95
CA GLY F 146 43.18 -23.76 84.40
C GLY F 146 43.61 -23.10 85.70
N ASP F 147 43.68 -21.77 85.69
CA ASP F 147 44.11 -21.04 86.87
C ASP F 147 43.42 -19.70 86.98
N LYS F 148 42.98 -19.21 85.83
CA LYS F 148 42.42 -17.88 85.72
C LYS F 148 41.21 -17.67 86.61
N PRO F 149 41.05 -16.44 87.13
CA PRO F 149 39.92 -16.11 87.99
C PRO F 149 38.64 -16.26 87.20
N TYR F 150 38.71 -15.97 85.90
CA TYR F 150 37.54 -16.05 85.02
C TYR F 150 37.75 -16.80 83.69
N PHE F 151 37.40 -16.19 82.57
CA PHE F 151 37.50 -16.89 81.28
C PHE F 151 37.95 -16.14 80.03
N GLY F 152 37.30 -15.02 79.74
CA GLY F 152 37.52 -14.28 78.52
C GLY F 152 38.51 -13.14 78.59
N GLY F 153 39.24 -13.03 79.69
CA GLY F 153 40.19 -11.96 79.87
C GLY F 153 40.82 -12.08 81.23
N ASP F 154 41.55 -11.06 81.64
CA ASP F 154 42.19 -11.05 82.95
C ASP F 154 41.19 -10.85 84.08
N SER F 155 39.99 -10.36 83.73
CA SER F 155 38.91 -10.15 84.70
C SER F 155 37.62 -10.83 84.22
N PHE F 156 36.45 -10.35 84.64
CA PHE F 156 35.18 -10.96 84.23
C PHE F 156 35.05 -10.84 82.71
N GLY F 157 34.78 -11.97 82.06
CA GLY F 157 34.73 -12.06 80.61
C GLY F 157 33.40 -12.27 79.91
N TYR F 158 33.49 -12.43 78.60
CA TYR F 158 32.34 -12.64 77.73
C TYR F 158 31.69 -13.99 77.94
N VAL F 159 32.52 -15.00 77.84
CA VAL F 159 32.04 -16.36 78.04
C VAL F 159 31.79 -16.55 79.54
N ASP F 160 32.36 -15.66 80.36
CA ASP F 160 32.15 -15.75 81.80
C ASP F 160 30.64 -15.55 81.94
N ILE F 161 30.13 -14.55 81.23
CA ILE F 161 28.70 -14.24 81.18
C ILE F 161 27.97 -15.42 80.54
N SER F 162 28.60 -16.00 79.53
CA SER F 162 27.98 -17.09 78.78
C SER F 162 27.63 -18.32 79.64
N LEU F 163 28.57 -18.79 80.46
CA LEU F 163 28.33 -20.00 81.24
C LEU F 163 27.99 -19.80 82.71
N ILE F 164 28.10 -18.57 83.22
CA ILE F 164 27.76 -18.39 84.63
C ILE F 164 26.28 -18.65 84.86
N THR F 165 25.48 -18.32 83.85
CA THR F 165 24.02 -18.43 83.90
C THR F 165 23.50 -19.86 84.09
N PHE F 166 24.29 -20.86 83.73
CA PHE F 166 23.86 -22.26 83.86
C PHE F 166 24.01 -22.78 85.26
N SER F 167 24.63 -21.97 86.11
CA SER F 167 24.93 -22.43 87.45
C SER F 167 23.81 -22.41 88.48
N SER F 168 22.65 -21.92 88.08
CA SER F 168 21.50 -21.92 88.98
C SER F 168 20.69 -23.18 88.66
N TRP F 169 20.88 -23.72 87.45
CA TRP F 169 20.23 -24.96 87.04
C TRP F 169 21.03 -26.15 87.50
N PHE F 170 22.18 -25.86 88.07
CA PHE F 170 23.10 -26.89 88.52
C PHE F 170 22.40 -27.82 89.51
N GLN F 171 21.57 -27.22 90.36
CA GLN F 171 20.77 -27.96 91.33
C GLN F 171 19.72 -28.88 90.68
N ALA F 172 19.06 -28.38 89.63
CA ALA F 172 18.05 -29.18 88.92
C ALA F 172 18.71 -30.39 88.26
N TYR F 173 19.85 -30.11 87.64
CA TYR F 173 20.66 -31.10 86.96
C TYR F 173 20.95 -32.12 88.00
N GLU F 174 21.17 -31.63 89.22
CA GLU F 174 21.47 -32.52 90.30
C GLU F 174 20.37 -33.44 90.81
N LYS F 175 19.24 -32.85 91.24
CA LYS F 175 18.21 -33.67 91.84
C LYS F 175 17.73 -34.73 90.88
N PHE F 176 17.46 -34.31 89.64
CA PHE F 176 17.05 -35.27 88.65
C PHE F 176 18.21 -36.22 88.35
N GLY F 177 19.39 -35.63 88.18
CA GLY F 177 20.60 -36.34 87.79
C GLY F 177 21.14 -37.45 88.67
N ASN F 178 21.09 -37.30 89.99
CA ASN F 178 21.48 -38.35 90.92
C ASN F 178 22.93 -38.88 90.77
N PHE F 179 23.77 -38.11 90.08
CA PHE F 179 25.20 -38.35 89.88
C PHE F 179 25.86 -37.37 90.86
N SER F 180 26.90 -36.63 90.42
CA SER F 180 27.51 -35.53 91.19
C SER F 180 28.59 -34.74 90.38
N ILE F 181 28.26 -33.64 89.69
CA ILE F 181 29.29 -32.88 88.90
C ILE F 181 30.46 -32.06 89.58
N GLU F 182 30.19 -31.27 90.63
CA GLU F 182 31.16 -30.32 91.23
C GLU F 182 32.47 -30.89 91.67
N SER F 183 32.44 -32.00 92.42
CA SER F 183 33.73 -32.51 92.72
C SER F 183 34.30 -33.13 91.45
N GLU F 184 33.49 -33.52 90.48
CA GLU F 184 34.12 -34.05 89.25
C GLU F 184 34.87 -32.96 88.48
N SER F 185 34.46 -31.71 88.67
CA SER F 185 35.13 -30.56 88.08
C SER F 185 34.88 -29.39 89.02
N PRO F 186 35.90 -29.04 89.83
CA PRO F 186 35.88 -28.06 90.92
C PRO F 186 35.84 -26.58 90.65
N LYS F 187 36.95 -26.12 90.11
CA LYS F 187 37.18 -24.73 89.83
C LYS F 187 36.10 -24.16 88.95
N LEU F 188 35.34 -25.02 88.28
CA LEU F 188 34.27 -24.51 87.45
C LEU F 188 33.14 -23.90 88.24
N ILE F 189 32.52 -24.72 89.07
CA ILE F 189 31.43 -24.24 89.90
C ILE F 189 31.97 -23.25 90.94
N ALA F 190 33.17 -23.52 91.43
CA ALA F 190 33.77 -22.59 92.39
C ALA F 190 33.97 -21.22 91.74
N TRP F 191 34.45 -21.25 90.50
CA TRP F 191 34.66 -20.02 89.76
C TRP F 191 33.28 -19.38 89.63
N ALA F 192 32.25 -20.22 89.51
CA ALA F 192 30.88 -19.72 89.35
C ALA F 192 30.47 -18.92 90.58
N LYS F 193 30.88 -19.38 91.75
CA LYS F 193 30.63 -18.65 93.00
C LYS F 193 31.44 -17.36 93.09
N ARG F 194 32.67 -17.38 92.57
CA ARG F 194 33.49 -16.18 92.56
C ARG F 194 32.70 -15.18 91.71
N CYS F 195 32.16 -15.65 90.59
CA CYS F 195 31.35 -14.83 89.70
C CYS F 195 30.05 -14.32 90.29
N MET F 196 29.42 -15.11 91.15
CA MET F 196 28.15 -14.71 91.75
C MET F 196 28.30 -13.43 92.56
N GLU F 197 29.51 -13.11 93.00
CA GLU F 197 29.70 -11.89 93.79
C GLU F 197 29.54 -10.66 92.90
N LYS F 198 29.51 -10.85 91.58
CA LYS F 198 29.28 -9.73 90.68
C LYS F 198 27.80 -9.36 90.79
N GLU F 199 27.52 -8.06 90.89
CA GLU F 199 26.14 -7.60 91.03
C GLU F 199 25.31 -7.91 89.79
N SER F 200 26.03 -8.16 88.70
CA SER F 200 25.42 -8.49 87.42
C SER F 200 24.65 -9.80 87.42
N VAL F 201 25.16 -10.80 88.15
CA VAL F 201 24.53 -12.11 88.19
C VAL F 201 23.79 -12.37 89.51
N SER F 202 24.19 -11.66 90.56
CA SER F 202 23.60 -11.82 91.88
C SER F 202 22.20 -11.20 92.01
N LYS F 203 21.78 -10.49 90.97
CA LYS F 203 20.44 -9.88 90.97
C LYS F 203 19.68 -10.24 89.70
N SER F 204 20.38 -10.85 88.75
CA SER F 204 19.77 -11.24 87.48
C SER F 204 19.22 -12.66 87.49
N LEU F 205 19.79 -13.51 88.34
CA LEU F 205 19.39 -14.91 88.41
C LEU F 205 18.49 -15.24 89.59
N PRO F 206 17.31 -15.81 89.27
CA PRO F 206 16.29 -16.23 90.24
C PRO F 206 16.81 -17.39 91.09
N ASP F 207 16.10 -17.67 92.17
CA ASP F 207 16.51 -18.71 93.10
C ASP F 207 16.51 -20.09 92.42
N SER F 208 17.51 -20.89 92.78
CA SER F 208 17.72 -22.23 92.24
C SER F 208 16.62 -23.23 92.62
N GLU F 209 16.01 -23.06 93.78
CA GLU F 209 14.94 -23.97 94.21
C GLU F 209 13.73 -23.83 93.28
N LYS F 210 13.44 -22.60 92.86
CA LYS F 210 12.34 -22.35 91.94
C LYS F 210 12.65 -22.99 90.59
N ILE F 211 13.88 -22.87 90.14
CA ILE F 211 14.31 -23.46 88.87
C ILE F 211 14.19 -24.97 88.98
N VAL F 212 14.51 -25.49 90.15
CA VAL F 212 14.37 -26.91 90.43
C VAL F 212 12.90 -27.28 90.28
N ALA F 213 12.04 -26.39 90.79
CA ALA F 213 10.61 -26.60 90.77
C ALA F 213 10.09 -26.64 89.33
N TYR F 214 10.62 -25.73 88.51
CA TYR F 214 10.26 -25.63 87.11
C TYR F 214 10.71 -26.88 86.36
N ALA F 215 11.92 -27.34 86.64
CA ALA F 215 12.46 -28.54 86.02
C ALA F 215 11.60 -29.73 86.44
N ALA F 216 11.16 -29.69 87.70
CA ALA F 216 10.33 -30.75 88.26
C ALA F 216 9.01 -30.77 87.52
N GLU F 217 8.48 -29.58 87.21
CA GLU F 217 7.22 -29.46 86.47
C GLU F 217 7.35 -29.97 85.05
N TYR F 218 8.44 -29.61 84.39
CA TYR F 218 8.65 -30.03 83.01
C TYR F 218 8.71 -31.54 83.00
N ARG F 219 9.39 -32.09 84.00
CA ARG F 219 9.49 -33.55 84.12
C ARG F 219 8.14 -34.21 84.39
N LYS F 220 7.40 -33.67 85.36
CA LYS F 220 6.13 -34.26 85.76
C LYS F 220 5.14 -34.25 84.59
N ASN F 221 5.26 -33.25 83.72
CA ASN F 221 4.37 -33.13 82.57
C ASN F 221 4.71 -34.07 81.43
N ASN F 222 5.97 -34.50 81.37
CA ASN F 222 6.44 -35.33 80.27
C ASN F 222 7.12 -36.64 80.68
N LEU F 223 6.35 -37.53 81.29
CA LEU F 223 6.89 -38.84 81.70
C LEU F 223 6.28 -39.95 80.85
O01 JAA G . -29.46 15.25 -56.53
O02 JAA G . -25.13 20.62 -56.02
O03 JAA G . -26.46 19.97 -54.46
C04 JAA G . -27.65 18.28 -56.08
C05 JAA G . -27.68 16.65 -56.38
C06 JAA G . -28.69 18.73 -56.59
C07 JAA G . -29.70 17.68 -56.00
C08 JAA G . -28.95 16.31 -56.34
C09 JAA G . -26.72 16.46 -55.27
C10 JAA G . -26.55 19.02 -56.66
C11 JAA G . -27.10 15.34 -54.39
C12 JAA G . -26.04 19.91 -55.62
C13 JAA G . -26.42 15.49 -53.31
C14 JAA G . -27.19 16.41 -52.49
C15 JAA G . -26.90 16.31 -51.11
N LEU H . -24.82 16.78 -58.62
CA LEU H . -24.58 15.34 -58.70
C LEU H . -24.19 14.95 -60.10
O LEU H . -24.89 15.27 -61.06
CB LEU H . -25.82 14.56 -58.29
CG LEU H . -25.61 13.31 -57.45
CD1 LEU H . -24.60 13.59 -56.36
CD2 LEU H . -26.92 12.87 -56.85
OXT LEU H . -23.17 14.29 -60.31
MG MG I . -27.47 15.24 -62.19
N1 GSH J . 5.39 -8.54 -30.01
CA1 GSH J . 6.50 -9.10 -30.78
C1 GSH J . 6.84 -8.20 -31.98
O11 GSH J . 5.90 -7.49 -32.41
O12 GSH J . 8.00 -8.24 -32.44
CB1 GSH J . 6.18 -10.53 -31.20
CG1 GSH J . 7.42 -11.26 -31.63
CD1 GSH J . 7.32 -12.72 -31.90
OE1 GSH J . 6.57 -13.50 -31.30
N2 GSH J . 8.16 -13.12 -32.94
CA2 GSH J . 8.23 -14.44 -33.38
C2 GSH J . 9.03 -15.19 -32.35
O2 GSH J . 9.94 -14.63 -31.78
CB2 GSH J . 9.05 -14.40 -34.64
SG2 GSH J . 7.90 -13.86 -35.88
N3 GSH J . 8.70 -16.53 -32.12
CA3 GSH J . 9.44 -17.26 -31.15
C3 GSH J . 9.36 -18.74 -31.45
O31 GSH J . 9.12 -19.11 -32.63
O32 GSH J . 9.55 -19.53 -30.51
N1 GSH K . -5.25 -3.83 -21.77
CA1 GSH K . -6.32 -2.99 -21.21
C1 GSH K . -5.78 -1.64 -20.71
O11 GSH K . -6.34 -0.60 -21.08
O12 GSH K . -4.80 -1.72 -19.94
CB1 GSH K . -7.00 -3.76 -20.09
CG1 GSH K . -8.24 -3.02 -19.64
CD1 GSH K . -9.27 -3.84 -18.98
OE1 GSH K . -9.13 -5.02 -18.62
N2 GSH K . -10.46 -3.13 -18.80
CA2 GSH K . -11.55 -3.75 -18.20
C2 GSH K . -12.72 -3.23 -18.99
O2 GSH K . -12.79 -2.04 -19.23
CB2 GSH K . -11.65 -3.21 -16.80
SG2 GSH K . -12.04 -4.66 -15.86
N3 GSH K . -13.69 -4.15 -19.42
CA3 GSH K . -14.80 -3.63 -20.16
C3 GSH K . -15.87 -4.68 -20.27
O31 GSH K . -17.04 -4.34 -20.04
O32 GSH K . -15.56 -5.86 -20.61
O01 JAA L . -5.45 -0.47 37.14
O02 JAA L . 0.16 3.21 37.18
O03 JAA L . -1.24 4.16 38.50
C04 JAA L . -2.77 1.72 37.98
C05 JAA L . -3.46 0.21 37.97
C06 JAA L . -3.06 2.19 36.87
C07 JAA L . -4.59 1.90 36.90
C08 JAA L . -4.60 0.35 37.35
C09 JAA L . -3.44 0.17 39.45
C10 JAA L . -1.32 1.79 38.10
C11 JAA L . -2.59 -0.94 39.93
C12 JAA L . -0.80 3.16 37.94
C13 JAA L . -2.82 -1.09 41.19
C14 JAA L . -2.53 0.16 41.93
C15 JAA L . -1.72 -0.09 43.05
N LEU M . 0.33 1.44 35.42
CA LEU M . 0.40 -0.01 35.19
C LEU M . 0.47 -0.32 33.71
O LEU M . -0.27 0.27 32.92
CB LEU M . -0.79 -0.72 35.81
CG LEU M . -0.51 -2.16 36.24
CD1 LEU M . 0.57 -2.19 37.29
CD2 LEU M . -1.78 -2.79 36.76
OXT LEU M . 1.26 -1.15 33.28
N1 GSH N . 31.93 -25.53 64.70
CA1 GSH N . 32.51 -26.28 63.58
C1 GSH N . 32.76 -25.37 62.37
O11 GSH N . 31.88 -24.49 62.16
O12 GSH N . 33.78 -25.56 61.70
CB1 GSH N . 31.64 -27.51 63.29
CG1 GSH N . 31.42 -27.64 61.81
CD1 GSH N . 31.37 -28.98 61.17
OE1 GSH N . 30.42 -29.79 61.24
N2 GSH N . 32.53 -29.23 60.46
CA2 GSH N . 32.78 -30.39 59.72
C2 GSH N . 33.71 -31.31 60.48
O2 GSH N . 34.85 -30.95 60.68
CB2 GSH N . 33.61 -29.88 58.56
SG2 GSH N . 32.69 -30.29 57.10
N3 GSH N . 33.24 -32.55 60.91
CA3 GSH N . 34.16 -33.39 61.62
C3 GSH N . 33.60 -34.78 61.77
O31 GSH N . 33.14 -35.37 60.75
O32 GSH N . 33.61 -35.31 62.90
N1 GSH O . 20.69 -19.38 71.51
CA1 GSH O . 19.37 -18.87 71.87
C1 GSH O . 19.50 -17.61 72.73
O11 GSH O . 18.80 -16.63 72.46
O12 GSH O . 20.34 -17.68 73.66
CB1 GSH O . 18.57 -19.98 72.56
CG1 GSH O . 17.22 -19.45 72.96
CD1 GSH O . 16.13 -20.40 73.32
OE1 GSH O . 15.99 -21.55 72.87
N2 GSH O . 15.27 -19.83 74.25
CA2 GSH O . 14.16 -20.50 74.76
C2 GSH O . 12.95 -19.75 74.27
O2 GSH O . 12.98 -18.53 74.28
CB2 GSH O . 14.22 -20.30 76.26
SG2 GSH O . 14.32 -21.94 76.93
N3 GSH O . 11.85 -20.49 73.84
CA3 GSH O . 10.70 -19.81 73.36
C3 GSH O . 9.50 -20.53 73.92
O31 GSH O . 8.49 -20.67 73.19
O32 GSH O . 9.54 -20.95 75.10
#